data_2AD9
#
_entry.id   2AD9
#
_cell.length_a   1.000
_cell.length_b   1.000
_cell.length_c   1.000
_cell.angle_alpha   90.00
_cell.angle_beta   90.00
_cell.angle_gamma   90.00
#
_symmetry.space_group_name_H-M   'P 1'
#
loop_
_entity.id
_entity.type
_entity.pdbx_description
1 polymer "5'-R(*CP*UP*CP*UP*CP*U)-3'"
2 polymer 'Polypyrimidine tract-binding protein 1'
#
loop_
_entity_poly.entity_id
_entity_poly.type
_entity_poly.pdbx_seq_one_letter_code
_entity_poly.pdbx_strand_id
1 'polyribonucleotide' CUCUCU B
2 'polypeptide(L)'
;MGSSHHHHHHSSGLVPRGSHMGDSRSAGVPSRVIHIRKLPIDVTEGEVISLGLPFGKVTNLLMLKGKNQAFIEMNTEEAA
NTMVNYYTSVTPVLRGQPIYIQFSNHKELKTDSSPNQAR
;
A
#
# COMPACT_ATOMS: atom_id res chain seq x y z
N GLY B 22 11.02 -19.85 2.21
CA GLY B 22 10.25 -20.14 0.99
C GLY B 22 10.12 -18.92 0.09
N ASP B 23 9.38 -19.06 -1.02
CA ASP B 23 9.19 -18.03 -2.06
C ASP B 23 7.93 -17.16 -1.90
N SER B 24 7.12 -17.42 -0.86
CA SER B 24 5.78 -16.87 -0.61
C SER B 24 5.66 -15.34 -0.44
N ARG B 25 6.79 -14.61 -0.41
CA ARG B 25 6.82 -13.12 -0.38
C ARG B 25 6.09 -12.51 -1.58
N SER B 26 6.37 -13.01 -2.79
CA SER B 26 5.75 -12.58 -4.04
C SER B 26 4.33 -13.16 -4.19
N ALA B 27 3.37 -12.33 -4.62
CA ALA B 27 2.03 -12.75 -4.97
C ALA B 27 1.95 -13.66 -6.22
N GLY B 28 0.78 -14.28 -6.41
CA GLY B 28 0.40 -15.05 -7.61
C GLY B 28 -1.12 -15.08 -7.84
N VAL B 29 -1.90 -15.17 -6.76
CA VAL B 29 -3.36 -14.91 -6.69
C VAL B 29 -3.71 -14.25 -5.34
N PRO B 30 -3.31 -12.98 -5.18
CA PRO B 30 -3.23 -12.26 -3.89
C PRO B 30 -4.53 -11.48 -3.57
N SER B 31 -4.53 -10.68 -2.49
CA SER B 31 -5.66 -9.82 -2.10
C SER B 31 -5.24 -8.42 -1.63
N ARG B 32 -6.23 -7.63 -1.23
CA ARG B 32 -6.37 -6.16 -1.15
C ARG B 32 -5.30 -5.33 -0.44
N VAL B 33 -4.31 -5.89 0.27
CA VAL B 33 -3.18 -5.11 0.79
C VAL B 33 -1.93 -5.23 -0.09
N ILE B 34 -1.36 -4.08 -0.45
CA ILE B 34 -0.07 -3.89 -1.12
C ILE B 34 0.94 -3.37 -0.09
N HIS B 35 2.24 -3.53 -0.33
CA HIS B 35 3.34 -3.09 0.53
C HIS B 35 4.35 -2.27 -0.29
N ILE B 36 4.92 -1.23 0.34
CA ILE B 36 5.83 -0.23 -0.24
C ILE B 36 7.14 -0.19 0.56
N ARG B 37 8.29 -0.06 -0.12
CA ARG B 37 9.64 0.16 0.48
C ARG B 37 10.23 1.53 0.12
N LYS B 38 11.38 1.86 0.70
CA LYS B 38 12.25 3.02 0.42
C LYS B 38 11.71 4.40 0.87
N LEU B 39 10.50 4.48 1.42
CA LEU B 39 9.64 5.66 1.65
C LEU B 39 10.38 6.97 2.02
N PRO B 40 9.89 8.15 1.59
CA PRO B 40 10.47 9.45 1.96
C PRO B 40 10.66 9.67 3.47
N ILE B 41 11.46 10.69 3.74
CA ILE B 41 12.04 11.07 5.05
C ILE B 41 11.00 11.29 6.15
N ASP B 42 9.82 11.76 5.75
CA ASP B 42 8.68 12.11 6.60
C ASP B 42 7.39 12.17 5.75
N VAL B 43 7.20 11.22 4.82
CA VAL B 43 5.95 11.12 4.05
C VAL B 43 4.74 10.95 4.98
N THR B 44 3.55 11.29 4.50
CA THR B 44 2.31 11.29 5.29
C THR B 44 1.21 10.42 4.69
N GLU B 45 0.32 9.97 5.56
CA GLU B 45 -0.87 9.20 5.18
C GLU B 45 -1.71 9.94 4.16
N GLY B 46 -1.91 11.25 4.33
CA GLY B 46 -2.66 12.10 3.39
C GLY B 46 -2.18 12.00 1.95
N GLU B 47 -0.87 11.87 1.73
CA GLU B 47 -0.25 11.62 0.42
C GLU B 47 -0.50 10.20 -0.07
N VAL B 48 -0.20 9.20 0.75
CA VAL B 48 -0.37 7.78 0.36
C VAL B 48 -1.84 7.45 0.00
N ILE B 49 -2.81 7.88 0.80
CA ILE B 49 -4.23 7.69 0.49
C ILE B 49 -4.69 8.56 -0.67
N SER B 50 -4.15 9.78 -0.85
CA SER B 50 -4.51 10.58 -2.03
C SER B 50 -3.98 9.96 -3.33
N LEU B 51 -2.98 9.08 -3.20
CA LEU B 51 -2.46 8.28 -4.30
C LEU B 51 -3.16 6.93 -4.48
N GLY B 52 -3.92 6.45 -3.50
CA GLY B 52 -4.77 5.26 -3.63
C GLY B 52 -6.26 5.54 -3.85
N LEU B 53 -6.72 6.78 -3.66
CA LEU B 53 -8.14 7.13 -3.76
C LEU B 53 -8.79 6.96 -5.15
N PRO B 54 -8.17 7.38 -6.28
CA PRO B 54 -8.69 7.18 -7.64
C PRO B 54 -9.00 5.76 -8.10
N PHE B 55 -8.68 4.75 -7.28
CA PHE B 55 -8.60 3.37 -7.74
C PHE B 55 -9.80 2.53 -7.32
N GLY B 56 -10.23 2.75 -6.07
CA GLY B 56 -11.45 2.19 -5.51
C GLY B 56 -11.93 3.10 -4.38
N LYS B 57 -11.35 2.92 -3.19
CA LYS B 57 -11.60 3.78 -2.03
C LYS B 57 -10.46 3.92 -0.99
N VAL B 58 -9.41 3.10 -1.13
CA VAL B 58 -8.57 2.53 -0.07
C VAL B 58 -9.27 2.34 1.31
N THR B 59 -9.54 1.09 1.71
CA THR B 59 -10.00 0.76 3.07
C THR B 59 -9.00 1.20 4.15
N ASN B 60 -7.68 1.11 3.91
CA ASN B 60 -6.68 1.60 4.85
C ASN B 60 -5.26 1.80 4.28
N LEU B 61 -4.35 2.29 5.13
CA LEU B 61 -2.90 2.11 5.05
C LEU B 61 -2.26 1.79 6.41
N LEU B 62 -0.97 1.47 6.39
CA LEU B 62 -0.11 1.32 7.58
C LEU B 62 1.29 1.86 7.25
N MET B 63 2.04 2.27 8.27
CA MET B 63 3.41 2.80 8.13
C MET B 63 4.39 2.10 9.05
N LEU B 64 5.26 1.25 8.48
CA LEU B 64 6.48 0.74 9.14
C LEU B 64 7.58 1.83 9.12
N LYS B 65 7.26 3.03 9.62
CA LYS B 65 7.99 4.26 9.30
C LYS B 65 9.45 4.25 9.80
N GLY B 66 9.73 3.51 10.87
CA GLY B 66 11.09 3.25 11.39
C GLY B 66 12.00 2.43 10.46
N LYS B 67 11.46 1.77 9.43
CA LYS B 67 12.20 1.11 8.33
C LYS B 67 12.00 1.81 6.96
N ASN B 68 11.27 2.92 6.93
CA ASN B 68 10.75 3.56 5.71
C ASN B 68 10.03 2.58 4.79
N GLN B 69 9.04 1.87 5.34
CA GLN B 69 8.14 0.99 4.59
C GLN B 69 6.66 1.25 4.96
N ALA B 70 5.70 0.70 4.21
CA ALA B 70 4.26 0.88 4.42
C ALA B 70 3.44 -0.29 3.86
N PHE B 71 2.16 -0.35 4.25
CA PHE B 71 1.10 -1.10 3.58
C PHE B 71 0.11 -0.10 2.97
N ILE B 72 -0.65 -0.50 1.95
CA ILE B 72 -1.81 0.22 1.42
C ILE B 72 -2.91 -0.79 1.07
N GLU B 73 -3.95 -0.83 1.90
CA GLU B 73 -5.11 -1.74 1.91
C GLU B 73 -6.31 -1.11 1.22
N MET B 74 -7.01 -1.89 0.40
CA MET B 74 -8.00 -1.32 -0.51
C MET B 74 -9.36 -2.02 -0.54
N ASN B 75 -10.40 -1.23 -0.84
CA ASN B 75 -11.80 -1.61 -0.65
C ASN B 75 -12.31 -2.67 -1.65
N THR B 76 -11.57 -2.91 -2.74
CA THR B 76 -11.95 -3.85 -3.81
C THR B 76 -10.71 -4.55 -4.36
N GLU B 77 -10.87 -5.82 -4.72
CA GLU B 77 -9.78 -6.64 -5.29
C GLU B 77 -9.33 -6.10 -6.65
N GLU B 78 -10.27 -5.61 -7.46
CA GLU B 78 -10.00 -5.02 -8.77
C GLU B 78 -9.35 -3.63 -8.68
N ALA B 79 -9.79 -2.79 -7.74
CA ALA B 79 -9.12 -1.54 -7.41
C ALA B 79 -7.66 -1.79 -7.06
N ALA B 80 -7.36 -2.71 -6.16
CA ALA B 80 -5.99 -2.99 -5.78
C ALA B 80 -5.16 -3.68 -6.88
N ASN B 81 -5.75 -4.59 -7.64
CA ASN B 81 -5.12 -5.13 -8.86
C ASN B 81 -4.74 -3.99 -9.81
N THR B 82 -5.67 -3.08 -10.11
CA THR B 82 -5.37 -1.90 -10.92
C THR B 82 -4.41 -0.95 -10.21
N MET B 83 -4.39 -0.88 -8.86
CA MET B 83 -3.56 0.04 -8.09
C MET B 83 -2.09 -0.41 -8.16
N VAL B 84 -1.83 -1.70 -7.98
CA VAL B 84 -0.49 -2.28 -8.10
C VAL B 84 0.01 -2.26 -9.53
N ASN B 85 -0.85 -2.55 -10.52
CA ASN B 85 -0.49 -2.54 -11.94
C ASN B 85 -0.21 -1.10 -12.40
N TYR B 86 -1.05 -0.14 -11.99
CA TYR B 86 -0.79 1.29 -12.06
C TYR B 86 0.59 1.66 -11.52
N TYR B 87 0.99 1.11 -10.37
CA TYR B 87 2.28 1.45 -9.75
C TYR B 87 3.44 0.70 -10.37
N THR B 88 3.12 -0.33 -11.15
CA THR B 88 4.05 -1.07 -11.99
C THR B 88 4.23 -0.37 -13.36
N SER B 89 3.34 0.58 -13.67
CA SER B 89 3.26 1.41 -14.88
C SER B 89 3.87 2.81 -14.69
N VAL B 90 3.38 3.52 -13.67
CA VAL B 90 3.48 4.97 -13.46
C VAL B 90 4.89 5.42 -13.07
N THR B 91 5.59 4.54 -12.35
CA THR B 91 6.32 4.74 -11.07
C THR B 91 6.39 6.20 -10.55
N PRO B 92 5.77 6.57 -9.42
CA PRO B 92 5.41 7.96 -9.08
C PRO B 92 6.61 8.83 -8.62
N VAL B 93 7.81 8.23 -8.56
CA VAL B 93 9.16 8.74 -8.26
C VAL B 93 9.33 9.36 -6.87
N LEU B 94 10.06 8.64 -6.01
CA LEU B 94 10.47 9.03 -4.67
C LEU B 94 11.61 10.05 -4.77
N ARG B 95 11.25 11.31 -5.02
CA ARG B 95 12.00 12.56 -5.33
C ARG B 95 13.15 12.52 -6.35
N GLY B 96 13.65 11.34 -6.73
CA GLY B 96 14.75 11.10 -7.67
C GLY B 96 15.12 9.63 -7.89
N GLN B 97 14.29 8.68 -7.42
CA GLN B 97 14.46 7.23 -7.58
C GLN B 97 13.07 6.58 -7.80
N PRO B 98 13.01 5.40 -8.43
CA PRO B 98 11.79 4.58 -8.46
C PRO B 98 11.20 4.28 -7.08
N ILE B 99 9.96 3.78 -7.07
CA ILE B 99 9.21 3.38 -5.87
C ILE B 99 8.89 1.89 -5.97
N TYR B 100 8.94 1.23 -4.82
CA TYR B 100 9.15 -0.20 -4.71
C TYR B 100 7.90 -0.87 -4.14
N ILE B 101 7.04 -1.44 -5.00
CA ILE B 101 5.75 -2.00 -4.61
C ILE B 101 5.61 -3.50 -4.96
N GLN B 102 4.87 -4.23 -4.12
CA GLN B 102 4.27 -5.55 -4.40
C GLN B 102 2.98 -5.72 -3.59
N PHE B 103 2.10 -6.65 -3.99
CA PHE B 103 1.06 -7.18 -3.07
C PHE B 103 1.66 -7.74 -1.76
N SER B 104 0.89 -7.71 -0.69
CA SER B 104 1.33 -8.05 0.67
C SER B 104 1.50 -9.56 0.91
N ASN B 105 2.29 -9.91 1.92
CA ASN B 105 2.40 -11.25 2.52
C ASN B 105 1.10 -11.68 3.25
N HIS B 106 0.16 -10.76 3.50
CA HIS B 106 -1.13 -10.97 4.19
C HIS B 106 -2.35 -10.68 3.29
N LYS B 107 -3.54 -10.79 3.90
CA LYS B 107 -4.83 -10.26 3.40
C LYS B 107 -5.51 -9.45 4.51
N GLU B 108 -6.25 -8.41 4.13
CA GLU B 108 -7.06 -7.53 4.99
C GLU B 108 -6.32 -6.91 6.20
N LEU B 109 -5.76 -5.72 6.02
CA LEU B 109 -5.10 -4.93 7.08
C LEU B 109 -6.10 -4.46 8.17
N LYS B 110 -5.65 -4.50 9.44
CA LYS B 110 -6.31 -3.89 10.62
C LYS B 110 -5.30 -3.09 11.46
N THR B 111 -5.76 -2.00 12.08
CA THR B 111 -4.91 -0.93 12.65
C THR B 111 -5.30 -0.51 14.08
N ASP B 112 -6.12 -1.32 14.77
CA ASP B 112 -6.63 -1.05 16.13
C ASP B 112 -5.51 -0.93 17.20
N SER B 113 -5.80 -0.22 18.30
CA SER B 113 -4.89 0.08 19.41
C SER B 113 -4.52 -1.14 20.28
N SER B 114 -3.49 -0.99 21.12
CA SER B 114 -2.98 -2.02 22.03
C SER B 114 -3.93 -2.33 23.22
N PRO B 115 -3.78 -3.50 23.89
CA PRO B 115 -4.52 -3.85 25.10
C PRO B 115 -4.36 -2.88 26.28
N ASN B 116 -3.25 -2.14 26.34
CA ASN B 116 -2.98 -1.15 27.39
C ASN B 116 -4.04 -0.04 27.44
N GLN B 117 -4.43 0.51 26.29
CA GLN B 117 -5.40 1.61 26.16
C GLN B 117 -6.75 1.30 26.84
N ALA B 118 -7.20 0.04 26.78
CA ALA B 118 -8.42 -0.46 27.42
C ALA B 118 -8.36 -0.53 28.96
N ARG B 119 -7.16 -0.40 29.55
CA ARG B 119 -6.84 -0.74 30.95
C ARG B 119 -6.16 0.39 31.74
N GLY B 22 3.83 -17.77 -14.07
CA GLY B 22 3.07 -16.61 -14.57
C GLY B 22 3.90 -15.34 -14.51
N ASP B 23 3.25 -14.18 -14.30
CA ASP B 23 3.89 -12.88 -14.14
C ASP B 23 4.60 -12.76 -12.78
N SER B 24 5.91 -13.06 -12.74
CA SER B 24 6.74 -13.22 -11.54
C SER B 24 6.79 -12.01 -10.59
N ARG B 25 6.41 -10.81 -11.04
CA ARG B 25 6.20 -9.61 -10.21
C ARG B 25 5.05 -9.77 -9.19
N SER B 26 4.06 -10.62 -9.46
CA SER B 26 2.86 -10.79 -8.62
C SER B 26 3.15 -11.43 -7.25
N ALA B 27 2.23 -11.22 -6.30
CA ALA B 27 2.16 -11.98 -5.04
C ALA B 27 1.60 -13.42 -5.25
N GLY B 28 1.56 -14.24 -4.20
CA GLY B 28 1.27 -15.68 -4.28
C GLY B 28 -0.22 -15.98 -4.27
N VAL B 29 -0.90 -15.62 -3.17
CA VAL B 29 -2.37 -15.62 -3.05
C VAL B 29 -2.86 -14.32 -2.39
N PRO B 30 -2.85 -13.21 -3.15
CA PRO B 30 -3.07 -11.85 -2.65
C PRO B 30 -4.51 -11.35 -2.89
N SER B 31 -4.93 -10.28 -2.19
CA SER B 31 -6.30 -9.72 -2.27
C SER B 31 -6.33 -8.19 -2.24
N ARG B 32 -6.37 -7.56 -1.04
CA ARG B 32 -6.68 -6.13 -0.85
C ARG B 32 -5.55 -5.29 -0.25
N VAL B 33 -4.52 -5.85 0.39
CA VAL B 33 -3.32 -5.09 0.79
C VAL B 33 -2.15 -5.23 -0.18
N ILE B 34 -1.50 -4.10 -0.46
CA ILE B 34 -0.24 -3.92 -1.18
C ILE B 34 0.81 -3.40 -0.20
N HIS B 35 2.09 -3.59 -0.47
CA HIS B 35 3.22 -3.12 0.32
C HIS B 35 4.17 -2.29 -0.56
N ILE B 36 4.56 -1.13 -0.04
CA ILE B 36 5.38 -0.09 -0.69
C ILE B 36 6.74 -0.03 0.04
N ARG B 37 7.87 -0.04 -0.67
CA ARG B 37 9.19 0.23 -0.05
C ARG B 37 9.48 1.74 -0.04
N LYS B 38 10.65 2.11 0.53
CA LYS B 38 11.44 3.34 0.30
C LYS B 38 10.63 4.58 -0.01
N LEU B 39 9.71 4.85 0.87
CA LEU B 39 8.98 6.11 0.96
C LEU B 39 9.95 7.22 1.41
N PRO B 40 9.70 8.49 1.03
CA PRO B 40 10.46 9.65 1.47
C PRO B 40 10.64 9.79 2.99
N ILE B 41 11.64 10.59 3.34
CA ILE B 41 12.14 10.91 4.69
C ILE B 41 11.13 11.65 5.58
N ASP B 42 10.20 12.35 4.93
CA ASP B 42 9.23 13.29 5.53
C ASP B 42 7.84 13.16 4.88
N VAL B 43 7.55 12.03 4.23
CA VAL B 43 6.22 11.72 3.66
C VAL B 43 5.10 11.73 4.71
N THR B 44 3.85 11.74 4.25
CA THR B 44 2.66 11.58 5.10
C THR B 44 1.68 10.56 4.53
N GLU B 45 0.85 10.01 5.41
CA GLU B 45 -0.23 9.10 5.05
C GLU B 45 -1.18 9.76 4.03
N GLY B 46 -1.39 11.08 4.16
CA GLY B 46 -2.19 11.91 3.24
C GLY B 46 -1.66 11.90 1.80
N GLU B 47 -0.35 11.77 1.62
CA GLU B 47 0.30 11.62 0.30
C GLU B 47 0.11 10.21 -0.25
N VAL B 48 0.30 9.19 0.59
CA VAL B 48 0.11 7.79 0.17
C VAL B 48 -1.35 7.48 -0.22
N ILE B 49 -2.34 7.91 0.56
CA ILE B 49 -3.76 7.77 0.21
C ILE B 49 -4.18 8.69 -0.93
N SER B 50 -3.58 9.86 -1.09
CA SER B 50 -3.83 10.70 -2.28
C SER B 50 -3.38 9.97 -3.55
N LEU B 51 -2.38 9.11 -3.42
CA LEU B 51 -1.92 8.23 -4.48
C LEU B 51 -2.73 6.94 -4.65
N GLY B 52 -3.53 6.55 -3.65
CA GLY B 52 -4.48 5.43 -3.78
C GLY B 52 -5.91 5.82 -4.17
N LEU B 53 -6.31 7.08 -3.98
CA LEU B 53 -7.72 7.47 -4.12
C LEU B 53 -8.33 7.43 -5.53
N PRO B 54 -7.61 7.72 -6.64
CA PRO B 54 -8.11 7.48 -8.01
C PRO B 54 -8.50 6.05 -8.37
N PHE B 55 -8.27 5.08 -7.48
CA PHE B 55 -8.27 3.66 -7.86
C PHE B 55 -9.47 2.87 -7.34
N GLY B 56 -9.93 3.17 -6.11
CA GLY B 56 -11.21 2.70 -5.58
C GLY B 56 -11.63 3.57 -4.40
N LYS B 57 -11.37 3.09 -3.18
CA LYS B 57 -11.73 3.76 -1.92
C LYS B 57 -10.64 3.76 -0.84
N VAL B 58 -9.57 2.98 -1.01
CA VAL B 58 -8.44 2.70 -0.10
C VAL B 58 -8.83 2.80 1.40
N THR B 59 -9.28 1.67 1.95
CA THR B 59 -9.84 1.51 3.30
C THR B 59 -8.84 1.90 4.38
N ASN B 60 -7.57 1.51 4.21
CA ASN B 60 -6.52 1.81 5.17
C ASN B 60 -5.11 1.90 4.56
N LEU B 61 -4.15 2.39 5.35
CA LEU B 61 -2.72 2.20 5.17
C LEU B 61 -1.98 2.08 6.51
N LEU B 62 -0.70 1.72 6.44
CA LEU B 62 0.19 1.49 7.59
C LEU B 62 1.60 1.97 7.24
N MET B 63 2.42 2.28 8.23
CA MET B 63 3.78 2.81 8.04
C MET B 63 4.83 2.06 8.86
N LEU B 64 5.64 1.24 8.18
CA LEU B 64 6.86 0.63 8.74
C LEU B 64 7.98 1.68 8.78
N LYS B 65 7.83 2.68 9.65
CA LYS B 65 8.62 3.92 9.64
C LYS B 65 10.14 3.67 9.75
N GLY B 66 10.55 2.69 10.56
CA GLY B 66 11.96 2.33 10.78
C GLY B 66 12.70 1.77 9.56
N LYS B 67 11.99 1.26 8.54
CA LYS B 67 12.54 0.80 7.24
C LYS B 67 12.17 1.72 6.07
N ASN B 68 11.43 2.82 6.33
CA ASN B 68 10.80 3.70 5.33
C ASN B 68 9.83 2.95 4.39
N GLN B 69 8.96 2.10 4.93
CA GLN B 69 8.01 1.31 4.13
C GLN B 69 6.55 1.50 4.59
N ALA B 70 5.59 0.94 3.85
CA ALA B 70 4.16 1.03 4.16
C ALA B 70 3.38 -0.17 3.62
N PHE B 71 2.18 -0.38 4.16
CA PHE B 71 1.09 -1.10 3.50
C PHE B 71 0.14 -0.06 2.91
N ILE B 72 -0.61 -0.41 1.86
CA ILE B 72 -1.76 0.33 1.36
C ILE B 72 -2.89 -0.67 1.08
N GLU B 73 -3.91 -0.69 1.94
CA GLU B 73 -5.00 -1.66 1.96
C GLU B 73 -6.28 -1.04 1.43
N MET B 74 -6.82 -1.65 0.38
CA MET B 74 -7.88 -1.02 -0.40
C MET B 74 -9.17 -1.82 -0.56
N ASN B 75 -10.27 -1.09 -0.66
CA ASN B 75 -11.60 -1.60 -0.37
C ASN B 75 -12.09 -2.75 -1.26
N THR B 76 -11.47 -2.93 -2.43
CA THR B 76 -11.87 -3.98 -3.39
C THR B 76 -10.64 -4.63 -4.02
N GLU B 77 -10.76 -5.91 -4.33
CA GLU B 77 -9.67 -6.67 -4.95
C GLU B 77 -9.33 -6.10 -6.32
N GLU B 78 -10.31 -5.58 -7.08
CA GLU B 78 -10.08 -5.00 -8.40
C GLU B 78 -9.48 -3.59 -8.37
N ALA B 79 -9.89 -2.73 -7.43
CA ALA B 79 -9.22 -1.45 -7.21
C ALA B 79 -7.76 -1.66 -6.87
N ALA B 80 -7.43 -2.54 -5.93
CA ALA B 80 -6.05 -2.80 -5.60
C ALA B 80 -5.29 -3.54 -6.71
N ASN B 81 -5.92 -4.50 -7.42
CA ASN B 81 -5.33 -5.11 -8.61
C ASN B 81 -5.01 -4.05 -9.67
N THR B 82 -5.92 -3.13 -9.97
CA THR B 82 -5.61 -2.02 -10.88
C THR B 82 -4.52 -1.10 -10.28
N MET B 83 -4.50 -0.91 -8.96
CA MET B 83 -3.54 -0.05 -8.26
C MET B 83 -2.12 -0.61 -8.41
N VAL B 84 -1.94 -1.89 -8.09
CA VAL B 84 -0.67 -2.62 -8.22
C VAL B 84 -0.24 -2.79 -9.67
N ASN B 85 -1.17 -3.00 -10.61
CA ASN B 85 -0.87 -3.17 -12.04
C ASN B 85 -0.44 -1.83 -12.68
N TYR B 86 -1.12 -0.74 -12.32
CA TYR B 86 -0.63 0.62 -12.53
C TYR B 86 0.79 0.81 -11.97
N TYR B 87 1.12 0.27 -10.79
CA TYR B 87 2.46 0.36 -10.21
C TYR B 87 3.38 -0.78 -10.67
N THR B 88 2.92 -1.49 -11.70
CA THR B 88 3.68 -2.47 -12.45
C THR B 88 3.93 -1.96 -13.90
N SER B 89 3.23 -0.89 -14.28
CA SER B 89 3.64 0.08 -15.32
C SER B 89 4.75 1.00 -14.82
N VAL B 90 4.64 1.43 -13.56
CA VAL B 90 5.17 2.71 -13.06
C VAL B 90 5.72 2.59 -11.63
N THR B 91 6.55 3.55 -11.25
CA THR B 91 6.95 3.83 -9.87
C THR B 91 6.64 5.31 -9.59
N PRO B 92 6.04 5.69 -8.43
CA PRO B 92 5.56 7.06 -8.22
C PRO B 92 6.67 8.08 -7.95
N VAL B 93 7.88 7.60 -7.59
CA VAL B 93 9.11 8.36 -7.27
C VAL B 93 8.81 9.63 -6.47
N LEU B 94 8.50 9.37 -5.21
CA LEU B 94 7.21 9.78 -4.65
C LEU B 94 7.33 11.17 -3.99
N ARG B 95 8.51 11.44 -3.42
CA ARG B 95 9.06 12.80 -3.27
C ARG B 95 10.57 12.84 -3.62
N GLY B 96 10.94 12.10 -4.66
CA GLY B 96 12.19 12.30 -5.41
C GLY B 96 13.15 11.11 -5.61
N GLN B 97 12.85 9.87 -5.17
CA GLN B 97 13.68 8.70 -5.47
C GLN B 97 12.88 7.39 -5.58
N PRO B 98 13.46 6.28 -6.07
CA PRO B 98 12.71 5.05 -6.34
C PRO B 98 12.02 4.44 -5.11
N ILE B 99 10.85 3.81 -5.34
CA ILE B 99 9.85 3.46 -4.31
C ILE B 99 9.58 1.96 -4.23
N TYR B 100 9.19 1.35 -5.35
CA TYR B 100 8.74 -0.05 -5.50
C TYR B 100 7.43 -0.41 -4.78
N ILE B 101 6.71 -1.38 -5.35
CA ILE B 101 5.51 -2.02 -4.82
C ILE B 101 5.53 -3.53 -5.10
N GLN B 102 4.90 -4.31 -4.23
CA GLN B 102 4.27 -5.59 -4.56
C GLN B 102 2.94 -5.68 -3.82
N PHE B 103 2.01 -6.54 -4.28
CA PHE B 103 0.93 -7.02 -3.41
C PHE B 103 1.49 -7.58 -2.09
N SER B 104 0.70 -7.49 -1.02
CA SER B 104 1.07 -8.09 0.27
C SER B 104 0.97 -9.62 0.23
N ASN B 105 1.74 -10.30 1.08
CA ASN B 105 1.53 -11.72 1.39
C ASN B 105 0.36 -11.95 2.37
N HIS B 106 -0.06 -10.91 3.10
CA HIS B 106 -1.36 -10.81 3.76
C HIS B 106 -2.45 -10.40 2.75
N LYS B 107 -3.72 -10.34 3.18
CA LYS B 107 -4.89 -10.09 2.30
C LYS B 107 -5.68 -8.83 2.65
N GLU B 108 -5.39 -8.19 3.78
CA GLU B 108 -6.10 -7.06 4.42
C GLU B 108 -5.32 -6.60 5.68
N LEU B 109 -5.76 -5.52 6.34
CA LEU B 109 -4.99 -4.76 7.33
C LEU B 109 -5.82 -4.35 8.56
N LYS B 110 -5.38 -4.75 9.76
CA LYS B 110 -5.90 -4.33 11.08
C LYS B 110 -4.84 -3.50 11.83
N THR B 111 -4.93 -2.17 11.74
CA THR B 111 -4.10 -1.20 12.47
C THR B 111 -4.46 -1.04 13.95
N ASP B 112 -5.59 -1.60 14.39
CA ASP B 112 -6.05 -1.64 15.79
C ASP B 112 -5.18 -2.57 16.67
N SER B 113 -4.10 -2.02 17.24
CA SER B 113 -3.17 -2.68 18.16
C SER B 113 -2.56 -1.69 19.17
N SER B 114 -3.32 -1.38 20.22
CA SER B 114 -2.93 -0.46 21.31
C SER B 114 -1.70 -0.97 22.11
N PRO B 115 -0.88 -0.09 22.72
CA PRO B 115 0.32 -0.49 23.45
C PRO B 115 0.03 -1.25 24.76
N ASN B 116 -1.15 -1.07 25.36
CA ASN B 116 -1.60 -1.81 26.55
C ASN B 116 -1.82 -3.32 26.29
N GLN B 117 -2.23 -3.69 25.06
CA GLN B 117 -2.44 -5.08 24.62
C GLN B 117 -1.58 -5.37 23.38
N ALA B 118 -0.31 -5.69 23.66
CA ALA B 118 0.76 -5.92 22.69
C ALA B 118 0.51 -7.07 21.69
N ARG B 119 -0.30 -8.07 22.06
CA ARG B 119 -0.61 -9.27 21.27
C ARG B 119 -2.10 -9.64 21.37
N GLY B 22 1.53 -19.06 -11.79
CA GLY B 22 0.95 -17.73 -12.07
C GLY B 22 1.29 -16.72 -10.98
N ASP B 23 1.04 -15.44 -11.24
CA ASP B 23 1.43 -14.29 -10.40
C ASP B 23 0.87 -14.28 -8.96
N SER B 24 -0.18 -15.06 -8.67
CA SER B 24 -0.66 -15.28 -7.29
C SER B 24 0.40 -15.90 -6.37
N ARG B 25 1.33 -16.72 -6.91
CA ARG B 25 2.46 -17.29 -6.16
C ARG B 25 3.49 -16.24 -5.73
N SER B 26 3.62 -15.15 -6.49
CA SER B 26 4.50 -14.00 -6.20
C SER B 26 3.98 -13.08 -5.06
N ALA B 27 2.77 -13.33 -4.55
CA ALA B 27 2.12 -12.58 -3.47
C ALA B 27 1.52 -13.46 -2.35
N GLY B 28 1.44 -14.78 -2.55
CA GLY B 28 0.93 -15.74 -1.55
C GLY B 28 -0.60 -15.90 -1.57
N VAL B 29 -1.20 -15.97 -2.77
CA VAL B 29 -2.65 -15.96 -3.04
C VAL B 29 -3.33 -14.79 -2.30
N PRO B 30 -3.11 -13.56 -2.81
CA PRO B 30 -3.08 -12.34 -2.01
C PRO B 30 -4.44 -11.64 -1.88
N SER B 31 -4.47 -10.52 -1.16
CA SER B 31 -5.65 -9.66 -0.92
C SER B 31 -5.31 -8.18 -1.19
N ARG B 32 -6.27 -7.28 -0.97
CA ARG B 32 -6.21 -5.84 -1.30
C ARG B 32 -5.13 -5.02 -0.58
N VAL B 33 -4.35 -5.58 0.37
CA VAL B 33 -3.14 -4.90 0.86
C VAL B 33 -1.94 -5.08 -0.06
N ILE B 34 -1.33 -3.97 -0.41
CA ILE B 34 -0.09 -3.79 -1.18
C ILE B 34 0.96 -3.20 -0.23
N HIS B 35 2.25 -3.42 -0.49
CA HIS B 35 3.37 -2.91 0.29
C HIS B 35 4.34 -2.12 -0.59
N ILE B 36 4.89 -1.02 -0.04
CA ILE B 36 5.71 -0.01 -0.70
C ILE B 36 7.11 0.04 -0.03
N ARG B 37 8.21 0.16 -0.79
CA ARG B 37 9.57 0.42 -0.25
C ARG B 37 9.91 1.92 -0.31
N LYS B 38 11.08 2.30 0.21
CA LYS B 38 11.83 3.53 -0.10
C LYS B 38 11.01 4.83 -0.18
N LEU B 39 10.10 4.95 0.78
CA LEU B 39 9.50 6.23 1.17
C LEU B 39 10.59 7.26 1.57
N PRO B 40 10.29 8.58 1.60
CA PRO B 40 11.28 9.64 1.83
C PRO B 40 12.00 9.54 3.18
N ILE B 41 11.23 9.77 4.24
CA ILE B 41 11.58 9.94 5.66
C ILE B 41 10.29 9.80 6.50
N ASP B 42 9.20 10.37 5.97
CA ASP B 42 7.88 10.38 6.64
C ASP B 42 6.66 10.43 5.69
N VAL B 43 6.80 11.03 4.50
CA VAL B 43 5.71 11.44 3.58
C VAL B 43 4.50 12.03 4.33
N THR B 44 3.29 11.91 3.79
CA THR B 44 2.04 11.96 4.56
C THR B 44 1.05 10.94 4.02
N GLU B 45 0.32 10.30 4.91
CA GLU B 45 -0.73 9.36 4.55
C GLU B 45 -1.80 9.98 3.63
N GLY B 46 -2.06 11.28 3.81
CA GLY B 46 -2.89 12.11 2.92
C GLY B 46 -2.44 12.04 1.45
N GLU B 47 -1.14 12.07 1.19
CA GLU B 47 -0.57 11.86 -0.15
C GLU B 47 -0.76 10.41 -0.61
N VAL B 48 -0.41 9.44 0.24
CA VAL B 48 -0.48 8.01 -0.11
C VAL B 48 -1.90 7.57 -0.51
N ILE B 49 -2.94 7.86 0.29
CA ILE B 49 -4.31 7.49 -0.10
C ILE B 49 -4.91 8.40 -1.17
N SER B 50 -4.51 9.68 -1.27
CA SER B 50 -4.89 10.53 -2.42
C SER B 50 -4.33 9.96 -3.72
N LEU B 51 -3.22 9.22 -3.63
CA LEU B 51 -2.68 8.45 -4.73
C LEU B 51 -3.32 7.06 -4.91
N GLY B 52 -4.00 6.53 -3.89
CA GLY B 52 -4.81 5.31 -4.02
C GLY B 52 -6.26 5.58 -4.47
N LEU B 53 -6.76 6.81 -4.33
CA LEU B 53 -8.15 7.13 -4.63
C LEU B 53 -8.61 7.21 -6.10
N PRO B 54 -7.76 7.31 -7.14
CA PRO B 54 -8.17 7.15 -8.53
C PRO B 54 -8.80 5.81 -8.90
N PHE B 55 -8.83 4.83 -7.98
CA PHE B 55 -9.13 3.45 -8.31
C PHE B 55 -10.35 2.85 -7.61
N GLY B 56 -10.57 3.22 -6.35
CA GLY B 56 -11.67 2.72 -5.54
C GLY B 56 -11.94 3.60 -4.32
N LYS B 57 -11.46 3.16 -3.15
CA LYS B 57 -11.74 3.85 -1.87
C LYS B 57 -10.65 3.77 -0.80
N VAL B 58 -9.62 2.94 -1.00
CA VAL B 58 -8.49 2.62 -0.10
C VAL B 58 -8.86 2.66 1.40
N THR B 59 -9.33 1.52 1.91
CA THR B 59 -9.84 1.29 3.27
C THR B 59 -8.83 1.69 4.34
N ASN B 60 -7.55 1.38 4.13
CA ASN B 60 -6.49 1.72 5.08
C ASN B 60 -5.09 1.90 4.45
N LEU B 61 -4.16 2.43 5.23
CA LEU B 61 -2.72 2.28 5.04
C LEU B 61 -1.97 2.13 6.39
N LEU B 62 -0.66 1.86 6.31
CA LEU B 62 0.24 1.67 7.46
C LEU B 62 1.65 2.12 7.07
N MET B 63 2.46 2.51 8.05
CA MET B 63 3.85 2.96 7.83
C MET B 63 4.84 2.24 8.74
N LEU B 64 5.66 1.39 8.15
CA LEU B 64 6.83 0.76 8.80
C LEU B 64 7.96 1.79 8.94
N LYS B 65 7.81 2.69 9.92
CA LYS B 65 8.73 3.81 10.22
C LYS B 65 10.17 3.41 10.54
N GLY B 66 10.43 2.13 10.80
CA GLY B 66 11.77 1.54 10.93
C GLY B 66 12.66 1.68 9.70
N LYS B 67 12.09 1.53 8.49
CA LYS B 67 12.84 1.28 7.24
C LYS B 67 12.35 2.08 6.02
N ASN B 68 11.46 3.06 6.21
CA ASN B 68 10.70 3.75 5.15
C ASN B 68 9.95 2.75 4.23
N GLN B 69 9.21 1.83 4.83
CA GLN B 69 8.28 0.95 4.13
C GLN B 69 6.83 1.27 4.55
N ALA B 70 5.83 0.76 3.84
CA ALA B 70 4.40 1.02 4.12
C ALA B 70 3.52 -0.11 3.58
N PHE B 71 2.28 -0.19 4.06
CA PHE B 71 1.17 -0.92 3.44
C PHE B 71 0.18 0.09 2.86
N ILE B 72 -0.61 -0.32 1.86
CA ILE B 72 -1.77 0.40 1.34
C ILE B 72 -2.87 -0.62 1.00
N GLU B 73 -3.92 -0.66 1.83
CA GLU B 73 -5.02 -1.63 1.90
C GLU B 73 -6.29 -1.03 1.28
N MET B 74 -6.92 -1.74 0.34
CA MET B 74 -8.02 -1.14 -0.42
C MET B 74 -9.37 -1.88 -0.42
N ASN B 75 -10.42 -1.10 -0.73
CA ASN B 75 -11.82 -1.46 -0.55
C ASN B 75 -12.33 -2.54 -1.52
N THR B 76 -11.66 -2.72 -2.67
CA THR B 76 -12.08 -3.70 -3.69
C THR B 76 -10.87 -4.42 -4.28
N GLU B 77 -11.06 -5.69 -4.64
CA GLU B 77 -10.02 -6.53 -5.26
C GLU B 77 -9.58 -5.98 -6.61
N GLU B 78 -10.51 -5.44 -7.40
CA GLU B 78 -10.19 -4.85 -8.71
C GLU B 78 -9.55 -3.47 -8.60
N ALA B 79 -9.98 -2.63 -7.65
CA ALA B 79 -9.32 -1.37 -7.37
C ALA B 79 -7.86 -1.61 -6.95
N ALA B 80 -7.60 -2.53 -6.02
CA ALA B 80 -6.24 -2.83 -5.62
C ALA B 80 -5.41 -3.55 -6.69
N ASN B 81 -6.00 -4.48 -7.45
CA ASN B 81 -5.35 -5.07 -8.62
C ASN B 81 -4.97 -3.99 -9.64
N THR B 82 -5.87 -3.06 -9.97
CA THR B 82 -5.49 -1.91 -10.79
C THR B 82 -4.50 -0.99 -10.06
N MET B 83 -4.52 -0.90 -8.73
CA MET B 83 -3.65 -0.01 -7.95
C MET B 83 -2.20 -0.47 -8.03
N VAL B 84 -1.97 -1.76 -7.77
CA VAL B 84 -0.67 -2.41 -7.90
C VAL B 84 -0.17 -2.40 -9.35
N ASN B 85 -1.06 -2.63 -10.34
CA ASN B 85 -0.69 -2.65 -11.75
C ASN B 85 -0.36 -1.24 -12.25
N TYR B 86 -1.16 -0.22 -11.88
CA TYR B 86 -0.86 1.21 -12.01
C TYR B 86 0.54 1.54 -11.47
N TYR B 87 0.96 0.96 -10.36
CA TYR B 87 2.25 1.25 -9.75
C TYR B 87 3.38 0.44 -10.34
N THR B 88 3.03 -0.70 -10.95
CA THR B 88 3.94 -1.53 -11.72
C THR B 88 4.21 -0.89 -13.09
N SER B 89 3.31 0.01 -13.50
CA SER B 89 3.37 0.92 -14.64
C SER B 89 4.23 2.14 -14.33
N VAL B 90 3.81 2.90 -13.31
CA VAL B 90 4.18 4.31 -13.12
C VAL B 90 5.59 4.48 -12.54
N THR B 91 5.85 3.72 -11.46
CA THR B 91 6.57 4.08 -10.23
C THR B 91 6.37 5.55 -9.78
N PRO B 92 5.95 5.85 -8.52
CA PRO B 92 5.58 7.21 -8.15
C PRO B 92 6.75 8.16 -7.91
N VAL B 93 7.98 7.64 -7.86
CA VAL B 93 9.30 8.31 -7.72
C VAL B 93 9.23 9.63 -6.95
N LEU B 94 9.40 9.45 -5.65
CA LEU B 94 8.60 10.16 -4.64
C LEU B 94 9.48 11.25 -4.03
N ARG B 95 10.50 10.84 -3.28
CA ARG B 95 11.60 11.72 -2.82
C ARG B 95 12.43 12.19 -4.01
N GLY B 96 12.76 11.24 -4.90
CA GLY B 96 13.52 11.46 -6.12
C GLY B 96 14.18 10.21 -6.72
N GLN B 97 13.82 9.00 -6.28
CA GLN B 97 14.37 7.74 -6.75
C GLN B 97 13.33 6.61 -6.73
N PRO B 98 13.60 5.43 -7.34
CA PRO B 98 12.63 4.34 -7.44
C PRO B 98 12.06 3.90 -6.08
N ILE B 99 10.78 3.56 -6.08
CA ILE B 99 9.97 3.33 -4.86
C ILE B 99 9.67 1.85 -4.61
N TYR B 100 9.31 1.12 -5.67
CA TYR B 100 8.85 -0.27 -5.69
C TYR B 100 7.56 -0.54 -4.90
N ILE B 101 6.73 -1.41 -5.48
CA ILE B 101 5.52 -1.97 -4.89
C ILE B 101 5.40 -3.49 -5.19
N GLN B 102 4.67 -4.21 -4.35
CA GLN B 102 4.06 -5.53 -4.63
C GLN B 102 2.81 -5.70 -3.77
N PHE B 103 1.91 -6.63 -4.10
CA PHE B 103 0.93 -7.14 -3.14
C PHE B 103 1.62 -7.61 -1.85
N SER B 104 0.96 -7.39 -0.71
CA SER B 104 1.46 -7.75 0.62
C SER B 104 1.54 -9.28 0.81
N ASN B 105 2.45 -9.71 1.69
CA ASN B 105 2.52 -11.09 2.19
C ASN B 105 1.27 -11.48 3.03
N HIS B 106 0.60 -10.49 3.63
CA HIS B 106 -0.59 -10.66 4.46
C HIS B 106 -1.87 -10.52 3.64
N LYS B 107 -3.01 -10.86 4.26
CA LYS B 107 -4.35 -10.72 3.70
C LYS B 107 -5.21 -9.94 4.69
N GLU B 108 -5.58 -8.71 4.30
CA GLU B 108 -6.25 -7.65 5.08
C GLU B 108 -5.32 -6.94 6.09
N LEU B 109 -5.55 -5.65 6.30
CA LEU B 109 -4.83 -4.77 7.22
C LEU B 109 -5.73 -4.31 8.38
N LYS B 110 -5.42 -4.79 9.58
CA LYS B 110 -6.13 -4.57 10.85
C LYS B 110 -5.22 -3.81 11.84
N THR B 111 -5.19 -2.48 11.71
CA THR B 111 -4.43 -1.55 12.57
C THR B 111 -4.97 -1.42 14.00
N ASP B 112 -6.19 -1.90 14.28
CA ASP B 112 -6.82 -1.95 15.61
C ASP B 112 -6.17 -2.96 16.58
N SER B 113 -5.28 -3.82 16.09
CA SER B 113 -4.55 -4.85 16.86
C SER B 113 -5.45 -5.83 17.64
N SER B 114 -6.56 -6.24 17.03
CA SER B 114 -7.47 -7.28 17.55
C SER B 114 -6.77 -8.65 17.70
N PRO B 115 -7.15 -9.48 18.70
CA PRO B 115 -6.46 -10.74 19.00
C PRO B 115 -6.83 -11.90 18.05
N ASN B 116 -8.03 -11.85 17.44
CA ASN B 116 -8.56 -12.88 16.54
C ASN B 116 -9.58 -12.29 15.55
N GLN B 117 -10.62 -11.62 16.07
CA GLN B 117 -11.75 -11.06 15.32
C GLN B 117 -12.26 -9.75 15.95
N ALA B 118 -13.22 -9.09 15.27
CA ALA B 118 -13.76 -7.77 15.62
C ALA B 118 -14.45 -7.71 17.00
N ARG B 119 -14.96 -8.84 17.52
CA ARG B 119 -15.52 -9.00 18.88
C ARG B 119 -14.53 -9.78 19.76
N GLY B 22 2.69 -15.89 -17.78
CA GLY B 22 3.18 -14.60 -18.31
C GLY B 22 4.13 -13.94 -17.32
N ASP B 23 4.04 -12.62 -17.14
CA ASP B 23 4.75 -11.86 -16.09
C ASP B 23 4.06 -12.02 -14.71
N SER B 24 3.79 -13.27 -14.33
CA SER B 24 2.88 -13.73 -13.26
C SER B 24 3.42 -13.56 -11.82
N ARG B 25 4.56 -12.88 -11.64
CA ARG B 25 5.27 -12.58 -10.37
C ARG B 25 4.47 -11.79 -9.32
N SER B 26 3.28 -11.28 -9.65
CA SER B 26 2.42 -10.46 -8.81
C SER B 26 0.98 -11.00 -8.85
N ALA B 27 0.53 -11.82 -7.89
CA ALA B 27 1.22 -12.35 -6.71
C ALA B 27 0.80 -13.81 -6.38
N GLY B 28 1.37 -14.41 -5.33
CA GLY B 28 1.29 -15.85 -5.05
C GLY B 28 0.03 -16.23 -4.28
N VAL B 29 -0.13 -15.69 -3.08
CA VAL B 29 -1.39 -15.73 -2.29
C VAL B 29 -1.68 -14.34 -1.69
N PRO B 30 -2.13 -13.39 -2.53
CA PRO B 30 -2.25 -11.97 -2.21
C PRO B 30 -3.66 -11.54 -1.79
N SER B 31 -3.83 -10.25 -1.45
CA SER B 31 -5.09 -9.61 -1.01
C SER B 31 -5.09 -8.11 -1.39
N ARG B 32 -6.11 -7.34 -0.98
CA ARG B 32 -6.19 -5.89 -1.29
C ARG B 32 -5.17 -5.04 -0.54
N VAL B 33 -4.40 -5.57 0.41
CA VAL B 33 -3.20 -4.88 0.90
C VAL B 33 -2.00 -5.07 -0.05
N ILE B 34 -1.41 -3.95 -0.45
CA ILE B 34 -0.16 -3.80 -1.17
C ILE B 34 0.90 -3.25 -0.21
N HIS B 35 2.18 -3.50 -0.45
CA HIS B 35 3.31 -2.99 0.32
C HIS B 35 4.28 -2.21 -0.58
N ILE B 36 4.89 -1.16 -0.01
CA ILE B 36 5.73 -0.14 -0.67
C ILE B 36 7.10 -0.05 0.02
N ARG B 37 8.20 0.18 -0.72
CA ARG B 37 9.55 0.51 -0.19
C ARG B 37 9.89 1.98 -0.46
N LYS B 38 11.00 2.49 0.12
CA LYS B 38 11.77 3.66 -0.37
C LYS B 38 10.97 4.96 -0.55
N LEU B 39 9.97 5.11 0.30
CA LEU B 39 9.26 6.37 0.53
C LEU B 39 10.20 7.43 1.12
N PRO B 40 9.75 8.69 1.23
CA PRO B 40 10.28 9.67 2.17
C PRO B 40 10.33 9.18 3.63
N ILE B 41 10.92 10.02 4.47
CA ILE B 41 11.31 9.74 5.87
C ILE B 41 10.10 9.48 6.78
N ASP B 42 9.00 10.20 6.51
CA ASP B 42 7.68 10.00 7.13
C ASP B 42 6.52 10.24 6.14
N VAL B 43 6.81 10.79 4.95
CA VAL B 43 5.88 11.25 3.90
C VAL B 43 4.66 12.01 4.49
N THR B 44 3.49 11.99 3.84
CA THR B 44 2.21 12.17 4.54
C THR B 44 1.25 11.05 4.15
N GLU B 45 0.42 10.62 5.10
CA GLU B 45 -0.63 9.66 4.80
C GLU B 45 -1.59 10.22 3.73
N GLY B 46 -1.90 11.52 3.81
CA GLY B 46 -2.70 12.26 2.83
C GLY B 46 -2.16 12.13 1.41
N GLU B 47 -0.84 12.18 1.23
CA GLU B 47 -0.17 11.92 -0.05
C GLU B 47 -0.40 10.48 -0.51
N VAL B 48 -0.08 9.49 0.33
CA VAL B 48 -0.21 8.07 0.00
C VAL B 48 -1.65 7.67 -0.38
N ILE B 49 -2.64 8.06 0.43
CA ILE B 49 -4.06 7.75 0.17
C ILE B 49 -4.64 8.57 -0.97
N SER B 50 -4.22 9.82 -1.18
CA SER B 50 -4.60 10.60 -2.37
C SER B 50 -4.07 9.94 -3.64
N LEU B 51 -2.93 9.27 -3.52
CA LEU B 51 -2.36 8.48 -4.59
C LEU B 51 -3.06 7.13 -4.82
N GLY B 52 -3.79 6.61 -3.83
CA GLY B 52 -4.63 5.41 -3.99
C GLY B 52 -6.11 5.68 -4.28
N LEU B 53 -6.62 6.88 -4.03
CA LEU B 53 -8.05 7.19 -4.07
C LEU B 53 -8.77 6.98 -5.42
N PRO B 54 -8.30 7.54 -6.56
CA PRO B 54 -8.95 7.38 -7.87
C PRO B 54 -8.71 6.00 -8.52
N PHE B 55 -8.79 4.95 -7.70
CA PHE B 55 -8.65 3.55 -8.07
C PHE B 55 -9.81 2.71 -7.54
N GLY B 56 -10.24 2.97 -6.29
CA GLY B 56 -11.53 2.52 -5.77
C GLY B 56 -12.00 3.36 -4.58
N LYS B 57 -11.81 2.79 -3.40
CA LYS B 57 -11.87 3.36 -2.07
C LYS B 57 -10.77 2.65 -1.30
N VAL B 58 -10.00 3.32 -0.46
CA VAL B 58 -8.80 2.72 0.14
C VAL B 58 -8.89 2.77 1.66
N THR B 59 -9.29 1.63 2.21
CA THR B 59 -9.83 1.41 3.55
C THR B 59 -8.83 1.71 4.65
N ASN B 60 -7.55 1.36 4.42
CA ASN B 60 -6.48 1.65 5.37
C ASN B 60 -5.12 1.84 4.69
N LEU B 61 -4.17 2.46 5.39
CA LEU B 61 -2.74 2.31 5.17
C LEU B 61 -1.99 2.08 6.49
N LEU B 62 -0.68 1.83 6.39
CA LEU B 62 0.24 1.62 7.52
C LEU B 62 1.63 2.09 7.13
N MET B 63 2.45 2.46 8.13
CA MET B 63 3.81 2.97 7.92
C MET B 63 4.82 2.23 8.81
N LEU B 64 5.68 1.44 8.19
CA LEU B 64 6.78 0.75 8.88
C LEU B 64 7.90 1.74 9.23
N LYS B 65 7.77 2.39 10.39
CA LYS B 65 8.76 3.29 10.99
C LYS B 65 10.04 2.53 11.35
N GLY B 66 10.96 2.46 10.38
CA GLY B 66 12.12 1.55 10.38
C GLY B 66 12.98 1.72 9.13
N LYS B 67 12.39 1.44 7.96
CA LYS B 67 13.08 1.30 6.66
C LYS B 67 12.39 2.04 5.49
N ASN B 68 11.55 3.04 5.80
CA ASN B 68 10.71 3.78 4.84
C ASN B 68 9.77 2.87 4.02
N GLN B 69 9.15 1.89 4.67
CA GLN B 69 8.16 1.01 4.04
C GLN B 69 6.73 1.35 4.50
N ALA B 70 5.72 0.84 3.79
CA ALA B 70 4.30 1.05 4.09
C ALA B 70 3.43 -0.10 3.56
N PHE B 71 2.19 -0.18 4.02
CA PHE B 71 1.09 -0.96 3.43
C PHE B 71 0.03 0.01 2.88
N ILE B 72 -0.79 -0.40 1.91
CA ILE B 72 -2.01 0.28 1.48
C ILE B 72 -3.09 -0.76 1.15
N GLU B 73 -4.12 -0.85 2.00
CA GLU B 73 -5.25 -1.79 2.01
C GLU B 73 -6.52 -1.14 1.42
N MET B 74 -7.07 -1.74 0.37
CA MET B 74 -8.20 -1.12 -0.35
C MET B 74 -9.49 -1.96 -0.43
N ASN B 75 -10.60 -1.27 -0.71
CA ASN B 75 -11.95 -1.76 -0.49
C ASN B 75 -12.42 -2.81 -1.53
N THR B 76 -11.69 -2.93 -2.66
CA THR B 76 -11.98 -3.92 -3.73
C THR B 76 -10.69 -4.54 -4.26
N GLU B 77 -10.78 -5.81 -4.62
CA GLU B 77 -9.70 -6.59 -5.22
C GLU B 77 -9.30 -6.03 -6.60
N GLU B 78 -10.26 -5.53 -7.38
CA GLU B 78 -10.00 -4.95 -8.70
C GLU B 78 -9.39 -3.56 -8.64
N ALA B 79 -9.84 -2.71 -7.72
CA ALA B 79 -9.20 -1.44 -7.43
C ALA B 79 -7.74 -1.65 -7.06
N ALA B 80 -7.43 -2.54 -6.13
CA ALA B 80 -6.04 -2.76 -5.75
C ALA B 80 -5.22 -3.47 -6.82
N ASN B 81 -5.78 -4.44 -7.55
CA ASN B 81 -5.16 -5.02 -8.73
C ASN B 81 -4.82 -3.93 -9.78
N THR B 82 -5.74 -3.03 -10.08
CA THR B 82 -5.45 -1.89 -10.96
C THR B 82 -4.43 -0.96 -10.32
N MET B 83 -4.43 -0.78 -8.99
CA MET B 83 -3.50 0.09 -8.27
C MET B 83 -2.07 -0.44 -8.41
N VAL B 84 -1.86 -1.71 -8.10
CA VAL B 84 -0.57 -2.41 -8.18
C VAL B 84 -0.04 -2.49 -9.62
N ASN B 85 -0.93 -2.70 -10.60
CA ASN B 85 -0.56 -2.73 -12.03
C ASN B 85 -0.22 -1.33 -12.56
N TYR B 86 -1.02 -0.31 -12.21
CA TYR B 86 -0.66 1.10 -12.39
C TYR B 86 0.73 1.43 -11.83
N TYR B 87 1.15 0.81 -10.72
CA TYR B 87 2.42 1.10 -10.09
C TYR B 87 3.56 0.26 -10.64
N THR B 88 3.24 -0.86 -11.31
CA THR B 88 4.23 -1.63 -12.05
C THR B 88 4.48 -1.00 -13.44
N SER B 89 3.60 -0.08 -13.83
CA SER B 89 3.66 0.85 -14.96
C SER B 89 4.49 2.09 -14.64
N VAL B 90 4.04 2.85 -13.62
CA VAL B 90 4.32 4.29 -13.47
C VAL B 90 5.73 4.59 -12.93
N THR B 91 6.12 3.83 -11.91
CA THR B 91 6.87 4.20 -10.69
C THR B 91 6.71 5.66 -10.21
N PRO B 92 6.19 5.92 -9.00
CA PRO B 92 5.76 7.27 -8.60
C PRO B 92 6.88 8.26 -8.25
N VAL B 93 8.09 7.75 -8.04
CA VAL B 93 9.36 8.43 -7.69
C VAL B 93 9.18 9.70 -6.88
N LEU B 94 9.20 9.49 -5.58
CA LEU B 94 8.24 10.07 -4.66
C LEU B 94 9.04 11.05 -3.78
N ARG B 95 9.32 12.20 -4.41
CA ARG B 95 10.45 13.14 -4.21
C ARG B 95 11.86 12.51 -4.08
N GLY B 96 12.04 11.25 -4.46
CA GLY B 96 13.29 10.49 -4.30
C GLY B 96 13.84 9.83 -5.57
N GLN B 97 13.85 8.49 -5.60
CA GLN B 97 14.42 7.62 -6.61
C GLN B 97 13.57 6.32 -6.66
N PRO B 98 13.78 5.37 -7.60
CA PRO B 98 12.82 4.32 -7.91
C PRO B 98 12.17 3.60 -6.71
N ILE B 99 10.90 3.94 -6.47
CA ILE B 99 10.02 3.29 -5.49
C ILE B 99 9.72 1.87 -5.99
N TYR B 100 9.25 1.01 -5.08
CA TYR B 100 8.81 -0.33 -5.43
C TYR B 100 7.49 -0.67 -4.75
N ILE B 101 6.70 -1.47 -5.44
CA ILE B 101 5.44 -2.03 -4.94
C ILE B 101 5.36 -3.53 -5.25
N GLN B 102 4.72 -4.29 -4.35
CA GLN B 102 4.16 -5.63 -4.57
C GLN B 102 2.90 -5.79 -3.69
N PHE B 103 2.00 -6.71 -4.01
CA PHE B 103 0.99 -7.17 -3.05
C PHE B 103 1.64 -7.66 -1.74
N SER B 104 0.93 -7.45 -0.63
CA SER B 104 1.39 -7.83 0.71
C SER B 104 1.42 -9.35 0.92
N ASN B 105 2.25 -9.81 1.86
CA ASN B 105 2.25 -11.18 2.39
C ASN B 105 0.97 -11.52 3.19
N HIS B 106 0.26 -10.49 3.68
CA HIS B 106 -0.90 -10.60 4.57
C HIS B 106 -2.22 -10.33 3.83
N LYS B 107 -3.34 -10.45 4.56
CA LYS B 107 -4.71 -10.34 4.08
C LYS B 107 -5.54 -9.51 5.07
N GLU B 108 -6.07 -8.36 4.62
CA GLU B 108 -6.95 -7.48 5.41
C GLU B 108 -6.24 -6.77 6.57
N LEU B 109 -5.59 -5.64 6.27
CA LEU B 109 -4.90 -4.77 7.23
C LEU B 109 -5.82 -4.27 8.35
N LYS B 110 -5.41 -4.46 9.61
CA LYS B 110 -6.05 -3.95 10.84
C LYS B 110 -5.04 -3.22 11.71
N THR B 111 -5.16 -1.89 11.79
CA THR B 111 -4.30 -1.00 12.62
C THR B 111 -4.97 -0.53 13.92
N ASP B 112 -6.24 -0.88 14.13
CA ASP B 112 -7.15 -0.35 15.17
C ASP B 112 -6.66 -0.57 16.62
N SER B 113 -6.08 -1.74 16.91
CA SER B 113 -5.60 -2.14 18.23
C SER B 113 -4.24 -1.50 18.56
N SER B 114 -4.25 -0.38 19.29
CA SER B 114 -3.05 0.42 19.63
C SER B 114 -2.03 -0.38 20.48
N PRO B 115 -0.71 -0.27 20.21
CA PRO B 115 0.34 -1.01 20.93
C PRO B 115 0.36 -0.86 22.47
N ASN B 116 -0.18 0.23 23.01
CA ASN B 116 -0.21 0.52 24.46
C ASN B 116 -1.17 -0.38 25.28
N GLN B 117 -1.91 -1.30 24.66
CA GLN B 117 -2.80 -2.26 25.35
C GLN B 117 -2.01 -3.28 26.20
N ALA B 118 -1.69 -2.90 27.45
CA ALA B 118 -0.90 -3.66 28.41
C ALA B 118 -1.45 -5.06 28.74
N ARG B 119 -2.78 -5.20 28.75
CA ARG B 119 -3.54 -6.43 29.09
C ARG B 119 -3.47 -7.54 28.03
N GLY B 22 6.92 -3.60 -14.72
CA GLY B 22 7.06 -5.01 -14.29
C GLY B 22 5.79 -5.80 -14.58
N ASP B 23 5.31 -6.58 -13.61
CA ASP B 23 4.19 -7.53 -13.75
C ASP B 23 3.26 -7.53 -12.53
N SER B 24 3.77 -7.86 -11.34
CA SER B 24 3.05 -7.89 -10.04
C SER B 24 1.81 -8.80 -9.96
N ARG B 25 1.61 -9.72 -10.94
CA ARG B 25 0.44 -10.60 -11.08
C ARG B 25 0.33 -11.67 -9.99
N SER B 26 1.46 -12.09 -9.42
CA SER B 26 1.58 -13.19 -8.45
C SER B 26 2.46 -12.79 -7.26
N ALA B 27 1.96 -13.03 -6.04
CA ALA B 27 2.64 -12.70 -4.77
C ALA B 27 2.68 -13.87 -3.75
N GLY B 28 1.91 -14.94 -3.97
CA GLY B 28 1.80 -16.11 -3.10
C GLY B 28 0.33 -16.48 -2.95
N VAL B 29 -0.40 -15.74 -2.12
CA VAL B 29 -1.88 -15.71 -2.05
C VAL B 29 -2.32 -14.28 -1.66
N PRO B 30 -2.22 -13.34 -2.60
CA PRO B 30 -2.24 -11.91 -2.29
C PRO B 30 -3.64 -11.28 -2.31
N SER B 31 -3.78 -10.13 -1.64
CA SER B 31 -5.05 -9.53 -1.22
C SER B 31 -5.05 -7.99 -1.32
N ARG B 32 -6.13 -7.35 -0.84
CA ARG B 32 -6.42 -5.90 -0.87
C ARG B 32 -5.34 -4.93 -0.33
N VAL B 33 -4.35 -5.39 0.43
CA VAL B 33 -3.20 -4.56 0.83
C VAL B 33 -1.97 -4.76 -0.07
N ILE B 34 -1.32 -3.64 -0.42
CA ILE B 34 -0.08 -3.51 -1.19
C ILE B 34 0.98 -2.83 -0.32
N HIS B 35 2.17 -3.40 -0.24
CA HIS B 35 3.31 -2.85 0.48
C HIS B 35 4.24 -2.07 -0.46
N ILE B 36 4.75 -0.96 0.04
CA ILE B 36 5.63 -0.02 -0.65
C ILE B 36 6.98 -0.01 0.08
N ARG B 37 8.09 -0.04 -0.66
CA ARG B 37 9.47 0.25 -0.23
C ARG B 37 10.06 1.43 -1.02
N LYS B 38 11.24 1.90 -0.59
CA LYS B 38 11.99 3.00 -1.20
C LYS B 38 11.23 4.34 -1.20
N LEU B 39 10.28 4.48 -0.27
CA LEU B 39 9.63 5.74 0.11
C LEU B 39 10.60 6.68 0.87
N PRO B 40 10.17 7.92 1.19
CA PRO B 40 10.68 8.66 2.34
C PRO B 40 10.69 7.87 3.66
N ILE B 41 11.22 8.51 4.70
CA ILE B 41 11.51 7.92 6.02
C ILE B 41 10.25 7.47 6.76
N ASP B 42 9.20 8.29 6.69
CA ASP B 42 7.86 8.02 7.22
C ASP B 42 6.71 8.53 6.33
N VAL B 43 7.02 9.37 5.32
CA VAL B 43 6.10 10.05 4.39
C VAL B 43 4.86 10.65 5.09
N THR B 44 3.74 10.84 4.39
CA THR B 44 2.45 11.24 4.98
C THR B 44 1.27 10.53 4.30
N GLU B 45 0.23 10.29 5.10
CA GLU B 45 -0.98 9.59 4.65
C GLU B 45 -1.61 10.24 3.44
N GLY B 46 -1.76 11.57 3.45
CA GLY B 46 -2.33 12.36 2.36
C GLY B 46 -1.69 12.06 1.00
N GLU B 47 -0.36 11.94 0.95
CA GLU B 47 0.38 11.51 -0.24
C GLU B 47 0.04 10.06 -0.64
N VAL B 48 0.24 9.11 0.29
CA VAL B 48 0.03 7.68 0.03
C VAL B 48 -1.38 7.39 -0.49
N ILE B 49 -2.41 7.83 0.24
CA ILE B 49 -3.80 7.60 -0.12
C ILE B 49 -4.20 8.33 -1.39
N SER B 50 -3.76 9.58 -1.61
CA SER B 50 -4.14 10.32 -2.83
C SER B 50 -3.53 9.70 -4.08
N LEU B 51 -2.46 8.92 -3.89
CA LEU B 51 -1.86 8.13 -4.96
C LEU B 51 -2.48 6.76 -5.18
N GLY B 52 -3.16 6.18 -4.18
CA GLY B 52 -3.82 4.89 -4.34
C GLY B 52 -5.32 5.00 -4.60
N LEU B 53 -5.97 6.11 -4.24
CA LEU B 53 -7.43 6.24 -4.32
C LEU B 53 -8.11 6.09 -5.70
N PRO B 54 -7.54 6.53 -6.85
CA PRO B 54 -8.20 6.58 -8.18
C PRO B 54 -8.82 5.32 -8.79
N PHE B 55 -8.90 4.21 -8.06
CA PHE B 55 -9.31 2.93 -8.62
C PHE B 55 -10.49 2.25 -7.91
N GLY B 56 -10.78 2.60 -6.66
CA GLY B 56 -11.85 1.99 -5.87
C GLY B 56 -12.24 2.83 -4.66
N LYS B 57 -11.73 2.47 -3.48
CA LYS B 57 -11.73 3.28 -2.28
C LYS B 57 -10.56 2.87 -1.41
N VAL B 58 -10.05 3.70 -0.53
CA VAL B 58 -8.85 3.39 0.24
C VAL B 58 -9.10 3.68 1.71
N THR B 59 -9.27 2.59 2.46
CA THR B 59 -9.88 2.58 3.79
C THR B 59 -8.84 2.43 4.90
N ASN B 60 -7.68 1.83 4.62
CA ASN B 60 -6.56 1.84 5.58
C ASN B 60 -5.20 2.08 4.92
N LEU B 61 -4.25 2.65 5.66
CA LEU B 61 -2.83 2.58 5.38
C LEU B 61 -2.01 2.33 6.66
N LEU B 62 -0.72 2.05 6.49
CA LEU B 62 0.24 1.82 7.57
C LEU B 62 1.62 2.30 7.14
N MET B 63 2.46 2.69 8.10
CA MET B 63 3.74 3.38 7.84
C MET B 63 4.85 2.77 8.71
N LEU B 64 5.66 1.88 8.12
CA LEU B 64 6.80 1.25 8.80
C LEU B 64 7.97 2.24 8.94
N LYS B 65 7.97 2.99 10.06
CA LYS B 65 8.94 4.03 10.41
C LYS B 65 9.67 3.77 11.74
N GLY B 66 10.41 2.67 11.92
CA GLY B 66 10.75 1.60 10.98
C GLY B 66 11.96 1.92 10.10
N LYS B 67 11.71 1.96 8.78
CA LYS B 67 12.73 1.98 7.72
C LYS B 67 12.38 3.04 6.66
N ASN B 68 11.71 2.60 5.58
CA ASN B 68 11.31 3.33 4.37
C ASN B 68 10.10 2.62 3.71
N GLN B 69 9.22 1.99 4.50
CA GLN B 69 8.13 1.17 3.99
C GLN B 69 6.73 1.63 4.47
N ALA B 70 5.69 1.17 3.79
CA ALA B 70 4.28 1.41 4.09
C ALA B 70 3.40 0.28 3.54
N PHE B 71 2.15 0.21 3.98
CA PHE B 71 1.05 -0.55 3.34
C PHE B 71 0.05 0.48 2.81
N ILE B 72 -0.66 0.18 1.72
CA ILE B 72 -1.92 0.84 1.34
C ILE B 72 -2.97 -0.24 1.06
N GLU B 73 -4.06 -0.18 1.82
CA GLU B 73 -5.15 -1.14 1.82
C GLU B 73 -6.41 -0.52 1.23
N MET B 74 -6.71 -1.01 0.02
CA MET B 74 -7.82 -0.56 -0.81
C MET B 74 -9.01 -1.52 -0.74
N ASN B 75 -10.20 -0.97 -0.90
CA ASN B 75 -11.48 -1.56 -0.50
C ASN B 75 -11.96 -2.70 -1.41
N THR B 76 -11.36 -2.88 -2.59
CA THR B 76 -11.73 -3.93 -3.56
C THR B 76 -10.49 -4.64 -4.10
N GLU B 77 -10.62 -5.94 -4.33
CA GLU B 77 -9.54 -6.80 -4.83
C GLU B 77 -9.10 -6.37 -6.24
N GLU B 78 -10.05 -6.03 -7.11
CA GLU B 78 -9.77 -5.57 -8.47
C GLU B 78 -9.23 -4.14 -8.55
N ALA B 79 -9.71 -3.23 -7.70
CA ALA B 79 -9.14 -1.90 -7.58
C ALA B 79 -7.69 -1.99 -7.12
N ALA B 80 -7.39 -2.78 -6.10
CA ALA B 80 -6.01 -2.96 -5.67
C ALA B 80 -5.15 -3.72 -6.70
N ASN B 81 -5.68 -4.74 -7.38
CA ASN B 81 -5.00 -5.36 -8.52
C ASN B 81 -4.67 -4.33 -9.61
N THR B 82 -5.63 -3.51 -10.04
CA THR B 82 -5.33 -2.43 -10.96
C THR B 82 -4.40 -1.39 -10.33
N MET B 83 -4.39 -1.22 -8.99
CA MET B 83 -3.53 -0.27 -8.28
C MET B 83 -2.06 -0.71 -8.35
N VAL B 84 -1.78 -1.99 -8.06
CA VAL B 84 -0.45 -2.59 -8.15
C VAL B 84 0.06 -2.61 -9.59
N ASN B 85 -0.81 -2.87 -10.56
CA ASN B 85 -0.52 -2.80 -11.99
C ASN B 85 -0.26 -1.34 -12.44
N TYR B 86 -1.12 -0.40 -12.04
CA TYR B 86 -0.93 1.04 -12.17
C TYR B 86 0.43 1.51 -11.65
N TYR B 87 0.99 0.90 -10.61
CA TYR B 87 2.25 1.28 -10.03
C TYR B 87 3.44 0.56 -10.63
N THR B 88 3.21 -0.56 -11.31
CA THR B 88 4.23 -1.20 -12.13
C THR B 88 4.33 -0.53 -13.52
N SER B 89 3.34 0.34 -13.81
CA SER B 89 3.23 1.31 -14.89
C SER B 89 3.92 2.64 -14.54
N VAL B 90 3.40 3.32 -13.52
CA VAL B 90 3.55 4.77 -13.32
C VAL B 90 4.92 5.13 -12.73
N THR B 91 5.29 4.37 -11.70
CA THR B 91 6.08 4.72 -10.51
C THR B 91 5.80 6.12 -9.92
N PRO B 92 5.41 6.27 -8.62
CA PRO B 92 4.91 7.55 -8.11
C PRO B 92 5.96 8.63 -7.87
N VAL B 93 7.24 8.24 -7.72
CA VAL B 93 8.46 9.04 -7.55
C VAL B 93 8.31 10.24 -6.59
N LEU B 94 8.79 10.01 -5.38
CA LEU B 94 8.07 10.42 -4.17
C LEU B 94 9.06 11.06 -3.18
N ARG B 95 10.08 10.31 -2.74
CA ARG B 95 11.36 10.84 -2.20
C ARG B 95 12.27 11.52 -3.26
N GLY B 96 11.89 11.51 -4.53
CA GLY B 96 12.64 12.09 -5.66
C GLY B 96 13.47 11.11 -6.49
N GLN B 97 13.19 9.81 -6.38
CA GLN B 97 13.71 8.71 -7.19
C GLN B 97 12.72 7.54 -7.20
N PRO B 98 12.89 6.50 -8.03
CA PRO B 98 11.98 5.36 -8.11
C PRO B 98 11.54 4.76 -6.77
N ILE B 99 10.26 4.35 -6.71
CA ILE B 99 9.57 3.78 -5.55
C ILE B 99 9.16 2.35 -5.91
N TYR B 100 9.20 1.42 -4.96
CA TYR B 100 9.11 -0.03 -5.23
C TYR B 100 7.85 -0.62 -4.59
N ILE B 101 7.00 -1.30 -5.36
CA ILE B 101 5.75 -1.89 -4.87
C ILE B 101 5.64 -3.40 -5.11
N GLN B 102 4.91 -4.08 -4.22
CA GLN B 102 4.37 -5.45 -4.36
C GLN B 102 3.07 -5.55 -3.55
N PHE B 103 2.21 -6.53 -3.85
CA PHE B 103 1.19 -6.97 -2.89
C PHE B 103 1.78 -7.32 -1.52
N SER B 104 0.99 -7.11 -0.46
CA SER B 104 1.38 -7.44 0.91
C SER B 104 1.39 -8.96 1.15
N ASN B 105 2.19 -9.40 2.13
CA ASN B 105 2.18 -10.75 2.70
C ASN B 105 0.88 -11.08 3.47
N HIS B 106 0.04 -10.09 3.75
CA HIS B 106 -1.12 -10.19 4.64
C HIS B 106 -2.47 -9.99 3.91
N LYS B 107 -3.58 -10.23 4.60
CA LYS B 107 -4.97 -10.18 4.09
C LYS B 107 -5.83 -9.22 4.91
N GLU B 108 -6.07 -8.03 4.35
CA GLU B 108 -6.70 -6.86 5.00
C GLU B 108 -5.90 -6.32 6.19
N LEU B 109 -5.43 -5.09 6.04
CA LEU B 109 -4.84 -4.25 7.08
C LEU B 109 -5.87 -3.91 8.18
N LYS B 110 -5.79 -4.61 9.30
CA LYS B 110 -6.53 -4.33 10.54
C LYS B 110 -5.67 -3.44 11.45
N THR B 111 -6.03 -2.16 11.55
CA THR B 111 -5.28 -1.13 12.29
C THR B 111 -6.20 -0.09 12.95
N ASP B 112 -5.69 0.62 13.95
CA ASP B 112 -6.30 1.83 14.54
C ASP B 112 -6.10 3.08 13.66
N SER B 113 -5.17 3.03 12.69
CA SER B 113 -4.79 4.13 11.80
C SER B 113 -5.84 4.41 10.70
N SER B 114 -6.90 5.13 11.04
CA SER B 114 -7.93 5.65 10.11
C SER B 114 -8.45 7.04 10.53
N PRO B 115 -9.09 7.82 9.62
CA PRO B 115 -9.62 9.14 9.91
C PRO B 115 -10.71 9.20 11.00
N ASN B 116 -10.93 10.40 11.55
CA ASN B 116 -11.94 10.72 12.58
C ASN B 116 -12.79 11.97 12.26
N GLN B 117 -12.23 12.95 11.53
CA GLN B 117 -12.83 14.27 11.28
C GLN B 117 -14.21 14.26 10.58
N ALA B 118 -14.53 13.17 9.87
CA ALA B 118 -15.84 12.98 9.21
C ALA B 118 -17.00 12.67 10.18
N ARG B 119 -16.70 12.20 11.41
CA ARG B 119 -17.68 11.61 12.34
C ARG B 119 -17.59 12.12 13.80
N GLY B 22 3.85 -23.76 -8.40
CA GLY B 22 3.28 -25.01 -7.83
C GLY B 22 1.77 -24.91 -7.72
N ASP B 23 1.20 -25.35 -6.60
CA ASP B 23 -0.25 -25.24 -6.32
C ASP B 23 -0.69 -23.77 -6.10
N SER B 24 0.14 -22.98 -5.41
CA SER B 24 0.02 -21.53 -5.22
C SER B 24 0.48 -20.71 -6.45
N ARG B 25 0.40 -19.38 -6.36
CA ARG B 25 0.90 -18.40 -7.35
C ARG B 25 1.76 -17.34 -6.66
N SER B 26 2.35 -16.44 -7.45
CA SER B 26 3.07 -15.25 -6.96
C SER B 26 2.19 -14.39 -6.03
N ALA B 27 2.84 -13.59 -5.15
CA ALA B 27 2.24 -12.87 -4.03
C ALA B 27 1.42 -13.73 -3.03
N GLY B 28 1.42 -15.07 -3.16
CA GLY B 28 0.70 -15.99 -2.28
C GLY B 28 -0.81 -16.05 -2.57
N VAL B 29 -1.22 -15.85 -3.83
CA VAL B 29 -2.60 -15.70 -4.33
C VAL B 29 -3.28 -14.49 -3.64
N PRO B 30 -2.99 -13.27 -4.11
CA PRO B 30 -2.95 -12.07 -3.27
C PRO B 30 -4.26 -11.27 -3.26
N SER B 31 -4.35 -10.29 -2.35
CA SER B 31 -5.58 -9.60 -1.95
C SER B 31 -5.35 -8.12 -1.55
N ARG B 32 -6.36 -7.50 -0.91
CA ARG B 32 -6.59 -6.04 -0.75
C ARG B 32 -5.49 -5.16 -0.14
N VAL B 33 -4.47 -5.69 0.55
CA VAL B 33 -3.28 -4.89 0.96
C VAL B 33 -2.10 -5.07 0.00
N ILE B 34 -1.54 -3.95 -0.47
CA ILE B 34 -0.23 -3.85 -1.13
C ILE B 34 0.80 -3.35 -0.12
N HIS B 35 2.08 -3.66 -0.31
CA HIS B 35 3.20 -3.15 0.49
C HIS B 35 4.18 -2.35 -0.40
N ILE B 36 4.83 -1.36 0.20
CA ILE B 36 5.69 -0.36 -0.44
C ILE B 36 7.05 -0.30 0.28
N ARG B 37 8.15 -0.15 -0.47
CA ARG B 37 9.51 0.19 -0.01
C ARG B 37 10.02 1.42 -0.76
N LYS B 38 11.11 2.04 -0.28
CA LYS B 38 11.78 3.21 -0.90
C LYS B 38 10.93 4.50 -0.86
N LEU B 39 10.01 4.56 0.08
CA LEU B 39 9.26 5.75 0.53
C LEU B 39 10.23 6.89 0.94
N PRO B 40 9.74 8.13 1.10
CA PRO B 40 10.37 9.14 1.96
C PRO B 40 10.49 8.71 3.42
N ILE B 41 11.14 9.58 4.19
CA ILE B 41 11.50 9.40 5.61
C ILE B 41 10.30 9.54 6.56
N ASP B 42 9.34 10.39 6.18
CA ASP B 42 8.24 10.87 7.02
C ASP B 42 7.03 11.30 6.16
N VAL B 43 6.83 10.63 5.01
CA VAL B 43 5.72 10.92 4.08
C VAL B 43 4.35 10.95 4.80
N THR B 44 3.43 11.78 4.32
CA THR B 44 2.09 11.90 4.92
C THR B 44 1.09 10.91 4.31
N GLU B 45 0.24 10.35 5.17
CA GLU B 45 -0.84 9.47 4.77
C GLU B 45 -1.78 10.17 3.78
N GLY B 46 -2.03 11.47 3.93
CA GLY B 46 -2.85 12.27 3.02
C GLY B 46 -2.34 12.23 1.56
N GLU B 47 -1.02 12.19 1.37
CA GLU B 47 -0.36 11.99 0.07
C GLU B 47 -0.54 10.56 -0.44
N VAL B 48 -0.22 9.56 0.39
CA VAL B 48 -0.28 8.14 -0.03
C VAL B 48 -1.70 7.70 -0.39
N ILE B 49 -2.73 8.11 0.37
CA ILE B 49 -4.13 7.83 0.02
C ILE B 49 -4.61 8.69 -1.15
N SER B 50 -4.15 9.94 -1.29
CA SER B 50 -4.52 10.73 -2.49
C SER B 50 -3.90 10.16 -3.76
N LEU B 51 -2.82 9.40 -3.59
CA LEU B 51 -2.22 8.61 -4.64
C LEU B 51 -3.00 7.33 -4.96
N GLY B 52 -3.69 6.71 -3.99
CA GLY B 52 -4.49 5.50 -4.23
C GLY B 52 -5.98 5.73 -4.53
N LEU B 53 -6.49 6.94 -4.32
CA LEU B 53 -7.93 7.22 -4.43
C LEU B 53 -8.58 7.07 -5.82
N PRO B 54 -7.94 7.40 -6.95
CA PRO B 54 -8.47 7.14 -8.31
C PRO B 54 -8.81 5.69 -8.67
N PHE B 55 -8.51 4.73 -7.80
CA PHE B 55 -8.47 3.33 -8.19
C PHE B 55 -9.63 2.50 -7.66
N GLY B 56 -10.14 2.82 -6.47
CA GLY B 56 -11.35 2.24 -5.90
C GLY B 56 -11.85 3.06 -4.73
N LYS B 57 -11.51 2.60 -3.51
CA LYS B 57 -11.51 3.36 -2.27
C LYS B 57 -10.39 2.77 -1.43
N VAL B 58 -9.66 3.55 -0.62
CA VAL B 58 -8.45 3.03 0.05
C VAL B 58 -8.56 3.34 1.54
N THR B 59 -9.17 2.39 2.24
CA THR B 59 -9.75 2.52 3.58
C THR B 59 -8.71 2.51 4.70
N ASN B 60 -7.50 2.02 4.41
CA ASN B 60 -6.39 2.10 5.35
C ASN B 60 -5.01 2.22 4.69
N LEU B 61 -4.02 2.68 5.46
CA LEU B 61 -2.60 2.41 5.28
C LEU B 61 -1.89 2.18 6.61
N LEU B 62 -0.63 1.77 6.53
CA LEU B 62 0.29 1.57 7.66
C LEU B 62 1.68 2.01 7.25
N MET B 63 2.50 2.44 8.21
CA MET B 63 3.84 3.01 7.96
C MET B 63 4.90 2.39 8.87
N LEU B 64 5.70 1.48 8.30
CA LEU B 64 6.81 0.80 8.98
C LEU B 64 7.99 1.78 9.19
N LYS B 65 8.11 2.33 10.41
CA LYS B 65 9.10 3.35 10.80
C LYS B 65 10.57 2.93 10.60
N GLY B 66 10.85 1.63 10.55
CA GLY B 66 12.19 1.05 10.47
C GLY B 66 12.99 1.37 9.19
N LYS B 67 12.34 1.27 8.03
CA LYS B 67 12.99 0.95 6.74
C LYS B 67 12.51 1.79 5.54
N ASN B 68 11.72 2.84 5.76
CA ASN B 68 10.94 3.55 4.71
C ASN B 68 10.05 2.56 3.95
N GLN B 69 9.13 1.93 4.69
CA GLN B 69 8.16 1.00 4.13
C GLN B 69 6.73 1.30 4.61
N ALA B 70 5.72 0.74 3.93
CA ALA B 70 4.30 0.92 4.22
C ALA B 70 3.44 -0.24 3.71
N PHE B 71 2.20 -0.30 4.16
CA PHE B 71 1.08 -1.03 3.57
C PHE B 71 0.11 -0.01 2.98
N ILE B 72 -0.65 -0.35 1.94
CA ILE B 72 -1.80 0.41 1.44
C ILE B 72 -2.97 -0.55 1.19
N GLU B 73 -3.95 -0.51 2.08
CA GLU B 73 -5.14 -1.38 2.14
C GLU B 73 -6.33 -0.72 1.48
N MET B 74 -6.92 -1.40 0.49
CA MET B 74 -8.04 -0.86 -0.27
C MET B 74 -9.29 -1.73 -0.30
N ASN B 75 -10.41 -1.08 -0.56
CA ASN B 75 -11.78 -1.58 -0.37
C ASN B 75 -12.17 -2.69 -1.36
N THR B 76 -11.44 -2.82 -2.49
CA THR B 76 -11.70 -3.82 -3.53
C THR B 76 -10.41 -4.46 -4.03
N GLU B 77 -10.49 -5.77 -4.27
CA GLU B 77 -9.40 -6.59 -4.81
C GLU B 77 -8.97 -6.12 -6.19
N GLU B 78 -9.93 -5.76 -7.05
CA GLU B 78 -9.67 -5.30 -8.42
C GLU B 78 -9.10 -3.88 -8.50
N ALA B 79 -9.54 -2.98 -7.62
CA ALA B 79 -8.89 -1.67 -7.44
C ALA B 79 -7.42 -1.88 -7.10
N ALA B 80 -7.09 -2.63 -6.06
CA ALA B 80 -5.69 -2.80 -5.70
C ALA B 80 -4.88 -3.58 -6.74
N ASN B 81 -5.48 -4.58 -7.40
CA ASN B 81 -4.87 -5.23 -8.56
C ASN B 81 -4.53 -4.21 -9.67
N THR B 82 -5.49 -3.38 -10.07
CA THR B 82 -5.22 -2.31 -11.03
C THR B 82 -4.22 -1.30 -10.47
N MET B 83 -4.18 -1.06 -9.13
CA MET B 83 -3.29 -0.11 -8.48
C MET B 83 -1.83 -0.58 -8.48
N VAL B 84 -1.59 -1.85 -8.14
CA VAL B 84 -0.27 -2.46 -8.10
C VAL B 84 0.32 -2.60 -9.50
N ASN B 85 -0.51 -2.93 -10.50
CA ASN B 85 -0.13 -3.04 -11.91
C ASN B 85 0.12 -1.64 -12.52
N TYR B 86 -0.72 -0.66 -12.20
CA TYR B 86 -0.46 0.76 -12.43
C TYR B 86 0.94 1.15 -11.92
N TYR B 87 1.28 0.85 -10.68
CA TYR B 87 2.56 1.12 -10.06
C TYR B 87 3.66 0.13 -10.48
N THR B 88 3.37 -0.65 -11.52
CA THR B 88 4.36 -1.46 -12.22
C THR B 88 4.56 -1.04 -13.68
N SER B 89 3.66 -0.18 -14.18
CA SER B 89 3.84 0.67 -15.35
C SER B 89 4.57 1.97 -15.01
N VAL B 90 4.17 2.55 -13.88
CA VAL B 90 4.10 3.99 -13.65
C VAL B 90 5.09 4.43 -12.55
N THR B 91 4.87 3.94 -11.33
CA THR B 91 5.60 4.25 -10.07
C THR B 91 5.33 5.71 -9.59
N PRO B 92 5.11 5.96 -8.28
CA PRO B 92 4.75 7.30 -7.79
C PRO B 92 5.94 8.28 -7.58
N VAL B 93 7.18 7.78 -7.66
CA VAL B 93 8.50 8.46 -7.64
C VAL B 93 8.51 9.80 -6.89
N LEU B 94 8.82 9.71 -5.59
CA LEU B 94 7.90 10.29 -4.60
C LEU B 94 8.61 11.38 -3.78
N ARG B 95 9.71 11.04 -3.08
CA ARG B 95 10.78 12.02 -2.75
C ARG B 95 11.76 12.30 -3.91
N GLY B 96 11.57 11.64 -5.04
CA GLY B 96 12.44 11.73 -6.23
C GLY B 96 13.34 10.52 -6.48
N GLN B 97 12.89 9.31 -6.12
CA GLN B 97 13.59 8.05 -6.36
C GLN B 97 12.60 6.96 -6.79
N PRO B 98 12.98 5.95 -7.60
CA PRO B 98 12.13 4.82 -7.95
C PRO B 98 11.59 4.08 -6.71
N ILE B 99 10.29 4.22 -6.45
CA ILE B 99 9.58 3.59 -5.33
C ILE B 99 9.30 2.12 -5.68
N TYR B 100 9.33 1.22 -4.70
CA TYR B 100 9.23 -0.23 -4.91
C TYR B 100 7.89 -0.74 -4.36
N ILE B 101 7.11 -1.49 -5.14
CA ILE B 101 5.79 -2.00 -4.74
C ILE B 101 5.66 -3.50 -5.05
N GLN B 102 4.92 -4.23 -4.20
CA GLN B 102 4.32 -5.54 -4.48
C GLN B 102 3.11 -5.74 -3.56
N PHE B 103 2.20 -6.65 -3.90
CA PHE B 103 1.17 -7.12 -2.98
C PHE B 103 1.73 -7.57 -1.62
N SER B 104 0.95 -7.38 -0.56
CA SER B 104 1.32 -7.77 0.80
C SER B 104 1.38 -9.30 0.97
N ASN B 105 2.12 -9.76 1.98
CA ASN B 105 2.05 -11.14 2.49
C ASN B 105 0.70 -11.45 3.19
N HIS B 106 -0.09 -10.41 3.48
CA HIS B 106 -1.39 -10.44 4.15
C HIS B 106 -2.53 -10.05 3.16
N LYS B 107 -3.79 -10.06 3.62
CA LYS B 107 -4.99 -9.89 2.77
C LYS B 107 -5.95 -8.76 3.18
N GLU B 108 -5.62 -8.06 4.25
CA GLU B 108 -6.36 -7.03 4.97
C GLU B 108 -5.38 -6.27 5.89
N LEU B 109 -5.79 -5.12 6.44
CA LEU B 109 -5.04 -4.31 7.39
C LEU B 109 -5.94 -3.85 8.55
N LYS B 110 -5.75 -4.49 9.71
CA LYS B 110 -6.42 -4.18 10.98
C LYS B 110 -5.56 -3.24 11.82
N THR B 111 -5.89 -1.95 11.78
CA THR B 111 -5.28 -0.87 12.58
C THR B 111 -5.84 -0.75 14.00
N ASP B 112 -6.79 -1.63 14.38
CA ASP B 112 -7.47 -1.71 15.68
C ASP B 112 -6.55 -2.03 16.89
N SER B 113 -5.25 -2.29 16.64
CA SER B 113 -4.19 -2.50 17.65
C SER B 113 -4.38 -3.70 18.57
N SER B 114 -5.02 -4.75 18.04
CA SER B 114 -5.02 -6.13 18.57
C SER B 114 -5.14 -7.13 17.40
N PRO B 115 -4.57 -8.36 17.52
CA PRO B 115 -4.60 -9.36 16.43
C PRO B 115 -5.97 -10.03 16.25
N ASN B 116 -6.79 -10.02 17.30
CA ASN B 116 -8.19 -10.45 17.35
C ASN B 116 -8.96 -9.54 18.34
N GLN B 117 -10.31 -9.58 18.36
CA GLN B 117 -11.12 -8.78 19.28
C GLN B 117 -10.98 -9.24 20.74
N ALA B 118 -10.06 -8.60 21.47
CA ALA B 118 -9.85 -8.76 22.90
C ALA B 118 -11.02 -8.17 23.74
N ARG B 119 -10.99 -8.41 25.05
CA ARG B 119 -11.89 -7.79 26.05
C ARG B 119 -11.57 -6.29 26.21
N GLY B 22 -0.42 -15.01 -14.78
CA GLY B 22 -1.57 -14.78 -13.87
C GLY B 22 -1.33 -13.57 -12.99
N ASP B 23 -2.14 -12.52 -13.13
CA ASP B 23 -1.96 -11.18 -12.53
C ASP B 23 -1.73 -11.20 -11.00
N SER B 24 -2.58 -11.93 -10.27
CA SER B 24 -2.52 -12.05 -8.80
C SER B 24 -1.27 -12.78 -8.29
N ARG B 25 -0.59 -13.57 -9.13
CA ARG B 25 0.63 -14.33 -8.79
C ARG B 25 1.88 -13.45 -8.61
N SER B 26 1.75 -12.13 -8.82
CA SER B 26 2.72 -11.09 -8.45
C SER B 26 3.01 -11.01 -6.93
N ALA B 27 2.18 -11.64 -6.09
CA ALA B 27 2.44 -11.98 -4.70
C ALA B 27 2.00 -13.42 -4.36
N GLY B 28 2.25 -13.92 -3.14
CA GLY B 28 2.19 -15.35 -2.81
C GLY B 28 0.78 -15.83 -2.48
N VAL B 29 0.15 -15.17 -1.50
CA VAL B 29 -1.29 -15.29 -1.20
C VAL B 29 -1.89 -13.91 -0.83
N PRO B 30 -2.00 -13.01 -1.81
CA PRO B 30 -2.25 -11.58 -1.62
C PRO B 30 -3.74 -11.21 -1.75
N SER B 31 -4.20 -10.19 -1.00
CA SER B 31 -5.56 -9.66 -1.06
C SER B 31 -5.70 -8.26 -0.46
N ARG B 32 -6.09 -7.28 -1.28
CA ARG B 32 -6.55 -5.91 -0.94
C ARG B 32 -5.57 -4.97 -0.21
N VAL B 33 -4.46 -5.48 0.31
CA VAL B 33 -3.29 -4.68 0.74
C VAL B 33 -2.11 -4.84 -0.22
N ILE B 34 -1.44 -3.72 -0.48
CA ILE B 34 -0.16 -3.55 -1.18
C ILE B 34 0.87 -3.04 -0.16
N HIS B 35 2.15 -3.33 -0.36
CA HIS B 35 3.25 -2.86 0.47
C HIS B 35 4.25 -2.04 -0.38
N ILE B 36 4.91 -1.08 0.27
CA ILE B 36 5.85 -0.11 -0.33
C ILE B 36 7.16 -0.11 0.47
N ARG B 37 8.32 0.01 -0.20
CA ARG B 37 9.68 0.22 0.36
C ARG B 37 10.28 1.55 -0.13
N LYS B 38 11.44 1.92 0.42
CA LYS B 38 12.25 3.10 0.02
C LYS B 38 11.53 4.44 0.24
N LEU B 39 10.62 4.47 1.24
CA LEU B 39 9.93 5.68 1.69
C LEU B 39 10.92 6.69 2.30
N PRO B 40 10.53 7.96 2.48
CA PRO B 40 11.10 8.91 3.42
C PRO B 40 11.04 8.45 4.89
N ILE B 41 11.47 9.33 5.77
CA ILE B 41 11.55 9.17 7.24
C ILE B 41 10.22 9.45 7.93
N ASP B 42 9.43 10.35 7.34
CA ASP B 42 8.23 10.95 7.94
C ASP B 42 7.25 11.43 6.85
N VAL B 43 7.17 10.69 5.73
CA VAL B 43 6.19 10.93 4.65
C VAL B 43 4.76 11.03 5.20
N THR B 44 3.89 11.80 4.53
CA THR B 44 2.52 12.00 5.00
C THR B 44 1.55 10.96 4.44
N GLU B 45 0.70 10.46 5.33
CA GLU B 45 -0.39 9.57 4.99
C GLU B 45 -1.28 10.17 3.89
N GLY B 46 -1.53 11.49 3.92
CA GLY B 46 -2.28 12.23 2.91
C GLY B 46 -1.71 12.05 1.49
N GLU B 47 -0.39 12.03 1.35
CA GLU B 47 0.31 11.71 0.09
C GLU B 47 0.06 10.25 -0.32
N VAL B 48 0.32 9.31 0.59
CA VAL B 48 0.18 7.87 0.31
C VAL B 48 -1.26 7.49 -0.08
N ILE B 49 -2.28 7.90 0.68
CA ILE B 49 -3.69 7.61 0.36
C ILE B 49 -4.21 8.36 -0.86
N SER B 50 -3.69 9.57 -1.16
CA SER B 50 -4.06 10.26 -2.40
C SER B 50 -3.42 9.61 -3.62
N LEU B 51 -2.39 8.78 -3.42
CA LEU B 51 -1.88 7.86 -4.43
C LEU B 51 -2.63 6.52 -4.47
N GLY B 52 -3.38 6.19 -3.41
CA GLY B 52 -4.34 5.09 -3.39
C GLY B 52 -5.62 5.41 -4.18
N LEU B 53 -6.10 6.66 -4.04
CA LEU B 53 -7.50 6.98 -4.25
C LEU B 53 -8.07 6.95 -5.69
N PRO B 54 -7.33 7.30 -6.76
CA PRO B 54 -7.81 7.19 -8.15
C PRO B 54 -8.21 5.80 -8.66
N PHE B 55 -8.20 4.79 -7.80
CA PHE B 55 -8.30 3.39 -8.20
C PHE B 55 -9.50 2.65 -7.62
N GLY B 56 -9.82 2.88 -6.34
CA GLY B 56 -10.98 2.30 -5.69
C GLY B 56 -11.56 3.23 -4.61
N LYS B 57 -11.44 2.75 -3.39
CA LYS B 57 -11.86 3.33 -2.12
C LYS B 57 -10.86 2.80 -1.10
N VAL B 58 -10.08 3.66 -0.44
CA VAL B 58 -8.80 3.23 0.18
C VAL B 58 -8.79 3.66 1.64
N THR B 59 -9.44 2.81 2.43
CA THR B 59 -9.92 3.06 3.78
C THR B 59 -8.80 3.08 4.80
N ASN B 60 -7.68 2.37 4.54
CA ASN B 60 -6.53 2.37 5.41
C ASN B 60 -5.18 2.38 4.68
N LEU B 61 -4.14 2.68 5.45
CA LEU B 61 -2.74 2.39 5.21
C LEU B 61 -2.02 2.13 6.54
N LEU B 62 -0.75 1.76 6.49
CA LEU B 62 0.11 1.52 7.65
C LEU B 62 1.55 1.94 7.33
N MET B 63 2.34 2.26 8.37
CA MET B 63 3.73 2.70 8.23
C MET B 63 4.67 1.87 9.11
N LEU B 64 5.46 1.00 8.47
CA LEU B 64 6.62 0.35 9.09
C LEU B 64 7.79 1.36 9.16
N LYS B 65 7.58 2.43 9.95
CA LYS B 65 8.31 3.70 9.88
C LYS B 65 9.84 3.53 9.95
N GLY B 66 10.32 2.70 10.87
CA GLY B 66 11.75 2.42 11.09
C GLY B 66 12.45 1.61 10.00
N LYS B 67 11.70 1.00 9.06
CA LYS B 67 12.24 0.19 7.93
C LYS B 67 12.17 0.93 6.58
N ASN B 68 11.62 2.15 6.53
CA ASN B 68 11.25 2.87 5.31
C ASN B 68 10.18 2.13 4.49
N GLN B 69 9.22 1.49 5.16
CA GLN B 69 8.24 0.61 4.54
C GLN B 69 6.78 0.99 4.94
N ALA B 70 5.78 0.52 4.21
CA ALA B 70 4.35 0.81 4.43
C ALA B 70 3.44 -0.30 3.87
N PHE B 71 2.16 -0.28 4.25
CA PHE B 71 1.03 -0.95 3.59
C PHE B 71 0.09 0.12 3.03
N ILE B 72 -0.72 -0.17 2.01
CA ILE B 72 -1.91 0.61 1.63
C ILE B 72 -3.07 -0.34 1.29
N GLU B 73 -4.23 -0.07 1.88
CA GLU B 73 -5.36 -1.00 2.06
C GLU B 73 -6.67 -0.44 1.53
N MET B 74 -7.20 -1.19 0.57
CA MET B 74 -8.26 -0.72 -0.31
C MET B 74 -9.38 -1.73 -0.50
N ASN B 75 -10.55 -1.19 -0.82
CA ASN B 75 -11.85 -1.81 -0.62
C ASN B 75 -12.18 -2.98 -1.57
N THR B 76 -11.49 -3.07 -2.71
CA THR B 76 -11.74 -4.08 -3.76
C THR B 76 -10.43 -4.67 -4.28
N GLU B 77 -10.44 -5.99 -4.48
CA GLU B 77 -9.33 -6.72 -5.09
C GLU B 77 -9.02 -6.18 -6.49
N GLU B 78 -10.03 -5.71 -7.23
CA GLU B 78 -9.87 -5.15 -8.57
C GLU B 78 -9.22 -3.76 -8.61
N ALA B 79 -9.59 -2.84 -7.71
CA ALA B 79 -8.86 -1.58 -7.56
C ALA B 79 -7.40 -1.88 -7.28
N ALA B 80 -7.10 -2.72 -6.29
CA ALA B 80 -5.71 -2.94 -5.95
C ALA B 80 -4.92 -3.74 -6.97
N ASN B 81 -5.53 -4.71 -7.66
CA ASN B 81 -4.93 -5.37 -8.81
C ASN B 81 -4.60 -4.34 -9.90
N THR B 82 -5.54 -3.49 -10.28
CA THR B 82 -5.27 -2.41 -11.23
C THR B 82 -4.22 -1.44 -10.68
N MET B 83 -4.18 -1.21 -9.36
CA MET B 83 -3.27 -0.25 -8.74
C MET B 83 -1.83 -0.76 -8.72
N VAL B 84 -1.61 -1.99 -8.27
CA VAL B 84 -0.30 -2.63 -8.19
C VAL B 84 0.29 -2.81 -9.59
N ASN B 85 -0.53 -3.15 -10.58
CA ASN B 85 -0.13 -3.31 -11.98
C ASN B 85 0.18 -1.95 -12.65
N TYR B 86 -0.67 -0.94 -12.39
CA TYR B 86 -0.39 0.47 -12.66
C TYR B 86 1.02 0.83 -12.14
N TYR B 87 1.32 0.62 -10.86
CA TYR B 87 2.59 0.90 -10.22
C TYR B 87 3.67 -0.12 -10.51
N THR B 88 3.39 -0.99 -11.49
CA THR B 88 4.33 -1.94 -12.05
C THR B 88 4.67 -1.58 -13.51
N SER B 89 3.87 -0.70 -14.12
CA SER B 89 4.16 0.05 -15.35
C SER B 89 4.85 1.39 -15.06
N VAL B 90 4.31 2.08 -14.06
CA VAL B 90 4.19 3.53 -14.01
C VAL B 90 5.08 4.16 -12.94
N THR B 91 5.00 3.62 -11.72
CA THR B 91 5.65 4.09 -10.46
C THR B 91 5.04 5.42 -9.94
N PRO B 92 4.86 5.64 -8.62
CA PRO B 92 4.23 6.84 -8.07
C PRO B 92 5.17 8.05 -7.95
N VAL B 93 6.49 7.82 -8.08
CA VAL B 93 7.65 8.75 -8.12
C VAL B 93 7.71 9.77 -6.97
N LEU B 94 8.57 9.48 -5.98
CA LEU B 94 8.76 10.32 -4.80
C LEU B 94 9.90 11.31 -5.05
N ARG B 95 9.52 12.54 -5.35
CA ARG B 95 10.41 13.70 -5.61
C ARG B 95 11.57 13.33 -6.55
N GLY B 96 11.22 12.95 -7.78
CA GLY B 96 12.16 12.68 -8.86
C GLY B 96 12.85 11.31 -8.85
N GLN B 97 12.45 10.39 -7.95
CA GLN B 97 13.08 9.09 -7.71
C GLN B 97 12.01 7.98 -7.70
N PRO B 98 12.29 6.78 -8.24
CA PRO B 98 11.35 5.66 -8.25
C PRO B 98 10.92 5.18 -6.85
N ILE B 99 9.86 4.37 -6.81
CA ILE B 99 9.30 3.75 -5.59
C ILE B 99 8.95 2.28 -5.87
N TYR B 100 8.95 1.50 -4.79
CA TYR B 100 9.16 0.06 -4.84
C TYR B 100 7.93 -0.64 -4.25
N ILE B 101 6.96 -0.98 -5.09
CA ILE B 101 5.70 -1.65 -4.71
C ILE B 101 5.77 -3.17 -4.89
N GLN B 102 4.98 -3.89 -4.09
CA GLN B 102 4.42 -5.21 -4.39
C GLN B 102 3.05 -5.33 -3.72
N PHE B 103 2.22 -6.26 -4.14
CA PHE B 103 1.12 -6.76 -3.30
C PHE B 103 1.65 -7.26 -1.93
N SER B 104 0.77 -7.21 -0.92
CA SER B 104 1.07 -7.69 0.43
C SER B 104 1.32 -9.21 0.50
N ASN B 105 1.80 -9.69 1.65
CA ASN B 105 1.81 -11.10 2.03
C ASN B 105 0.51 -11.54 2.75
N HIS B 106 -0.51 -10.67 2.81
CA HIS B 106 -1.64 -10.75 3.74
C HIS B 106 -3.01 -10.55 3.06
N LYS B 107 -4.09 -10.52 3.86
CA LYS B 107 -5.50 -10.39 3.45
C LYS B 107 -6.28 -9.48 4.41
N GLU B 108 -6.49 -8.22 3.99
CA GLU B 108 -7.11 -7.12 4.76
C GLU B 108 -6.31 -6.67 6.00
N LEU B 109 -5.71 -5.48 5.90
CA LEU B 109 -5.08 -4.73 7.00
C LEU B 109 -6.10 -4.32 8.08
N LYS B 110 -5.82 -4.70 9.33
CA LYS B 110 -6.47 -4.22 10.57
C LYS B 110 -5.58 -3.20 11.29
N THR B 111 -5.89 -1.92 11.18
CA THR B 111 -5.25 -0.79 11.89
C THR B 111 -5.71 -0.69 13.36
N ASP B 112 -5.47 -1.75 14.13
CA ASP B 112 -6.04 -1.97 15.48
C ASP B 112 -5.67 -0.88 16.52
N SER B 113 -4.40 -0.47 16.58
CA SER B 113 -3.86 0.47 17.58
C SER B 113 -3.99 1.95 17.16
N SER B 114 -5.13 2.59 17.45
CA SER B 114 -5.35 4.03 17.25
C SER B 114 -4.45 4.89 18.15
N PRO B 115 -3.82 5.98 17.64
CA PRO B 115 -2.99 6.91 18.45
C PRO B 115 -3.68 7.45 19.71
N ASN B 116 -2.94 7.52 20.82
CA ASN B 116 -3.39 8.10 22.09
C ASN B 116 -3.50 9.64 22.00
N GLN B 117 -4.64 10.14 21.51
CA GLN B 117 -4.81 11.52 21.03
C GLN B 117 -5.93 12.29 21.74
N ALA B 118 -7.20 12.09 21.34
CA ALA B 118 -8.33 12.96 21.70
C ALA B 118 -8.82 12.78 23.15
N ARG B 119 -9.46 11.64 23.45
CA ARG B 119 -10.14 11.34 24.73
C ARG B 119 -9.61 10.06 25.43
N GLY B 22 -2.51 -17.23 -16.58
CA GLY B 22 -1.76 -16.27 -15.73
C GLY B 22 -1.51 -16.84 -14.35
N ASP B 23 -0.35 -16.52 -13.75
CA ASP B 23 0.06 -16.99 -12.41
C ASP B 23 -0.84 -16.43 -11.28
N SER B 24 -0.87 -17.16 -10.16
CA SER B 24 -1.47 -16.77 -8.87
C SER B 24 -0.59 -17.08 -7.65
N ARG B 25 0.56 -17.76 -7.82
CA ARG B 25 1.44 -18.21 -6.73
C ARG B 25 2.29 -17.10 -6.10
N SER B 26 2.62 -16.05 -6.86
CA SER B 26 3.31 -14.85 -6.35
C SER B 26 2.52 -14.15 -5.23
N ALA B 27 3.18 -13.29 -4.44
CA ALA B 27 2.66 -12.57 -3.26
C ALA B 27 1.99 -13.45 -2.16
N GLY B 28 2.04 -14.78 -2.27
CA GLY B 28 1.36 -15.71 -1.37
C GLY B 28 -0.15 -15.83 -1.67
N VAL B 29 -0.54 -15.84 -2.95
CA VAL B 29 -1.94 -15.83 -3.47
C VAL B 29 -2.77 -14.72 -2.81
N PRO B 30 -2.59 -13.48 -3.27
CA PRO B 30 -2.65 -12.29 -2.41
C PRO B 30 -4.02 -11.58 -2.45
N SER B 31 -4.16 -10.48 -1.71
CA SER B 31 -5.43 -9.74 -1.56
C SER B 31 -5.26 -8.20 -1.43
N ARG B 32 -6.25 -7.54 -0.83
CA ARG B 32 -6.55 -6.09 -0.79
C ARG B 32 -5.50 -5.15 -0.16
N VAL B 33 -4.41 -5.64 0.45
CA VAL B 33 -3.24 -4.81 0.83
C VAL B 33 -2.09 -4.95 -0.17
N ILE B 34 -1.56 -3.82 -0.61
CA ILE B 34 -0.29 -3.65 -1.32
C ILE B 34 0.77 -3.09 -0.35
N HIS B 35 2.03 -3.36 -0.62
CA HIS B 35 3.18 -2.85 0.12
C HIS B 35 4.11 -2.03 -0.79
N ILE B 36 4.71 -0.98 -0.24
CA ILE B 36 5.52 0.04 -0.93
C ILE B 36 6.92 0.10 -0.28
N ARG B 37 8.00 0.12 -1.09
CA ARG B 37 9.40 0.31 -0.66
C ARG B 37 9.75 1.81 -0.63
N LYS B 38 10.88 2.16 -0.02
CA LYS B 38 11.69 3.38 -0.28
C LYS B 38 10.92 4.72 -0.28
N LEU B 39 9.93 4.78 0.59
CA LEU B 39 9.26 6.00 1.05
C LEU B 39 10.28 7.05 1.56
N PRO B 40 9.87 8.32 1.69
CA PRO B 40 10.50 9.31 2.58
C PRO B 40 10.56 8.89 4.07
N ILE B 41 11.14 9.79 4.85
CA ILE B 41 11.41 9.65 6.29
C ILE B 41 10.18 9.85 7.16
N ASP B 42 9.25 10.69 6.69
CA ASP B 42 8.09 11.20 7.41
C ASP B 42 6.99 11.67 6.44
N VAL B 43 6.81 10.95 5.32
CA VAL B 43 5.76 11.20 4.33
C VAL B 43 4.38 11.32 4.99
N THR B 44 3.46 12.09 4.39
CA THR B 44 2.08 12.17 4.90
C THR B 44 1.23 11.04 4.33
N GLU B 45 0.57 10.33 5.25
CA GLU B 45 -0.39 9.29 4.90
C GLU B 45 -1.58 9.85 4.08
N GLY B 46 -1.85 11.17 4.19
CA GLY B 46 -2.75 11.92 3.31
C GLY B 46 -2.31 11.95 1.84
N GLU B 47 -1.00 12.01 1.58
CA GLU B 47 -0.42 11.88 0.24
C GLU B 47 -0.61 10.44 -0.26
N VAL B 48 -0.32 9.45 0.58
CA VAL B 48 -0.39 8.03 0.19
C VAL B 48 -1.82 7.56 -0.16
N ILE B 49 -2.88 7.87 0.61
CA ILE B 49 -4.25 7.54 0.17
C ILE B 49 -4.80 8.44 -0.92
N SER B 50 -4.33 9.69 -1.04
CA SER B 50 -4.62 10.51 -2.24
C SER B 50 -4.02 9.87 -3.49
N LEU B 51 -2.94 9.12 -3.31
CA LEU B 51 -2.36 8.27 -4.34
C LEU B 51 -3.05 6.90 -4.51
N GLY B 52 -3.86 6.48 -3.54
CA GLY B 52 -4.70 5.28 -3.66
C GLY B 52 -6.11 5.53 -4.19
N LEU B 53 -6.65 6.74 -4.02
CA LEU B 53 -8.07 7.00 -4.21
C LEU B 53 -8.61 7.07 -5.64
N PRO B 54 -7.83 7.42 -6.68
CA PRO B 54 -8.23 7.24 -8.09
C PRO B 54 -8.53 5.81 -8.53
N PHE B 55 -8.39 4.83 -7.64
CA PHE B 55 -8.41 3.42 -8.01
C PHE B 55 -9.61 2.66 -7.43
N GLY B 56 -9.95 2.88 -6.16
CA GLY B 56 -11.15 2.32 -5.55
C GLY B 56 -11.73 3.22 -4.47
N LYS B 57 -11.65 2.71 -3.25
CA LYS B 57 -12.02 3.26 -1.96
C LYS B 57 -10.98 2.69 -1.00
N VAL B 58 -10.23 3.51 -0.28
CA VAL B 58 -8.95 3.06 0.31
C VAL B 58 -8.91 3.42 1.78
N THR B 59 -9.49 2.51 2.56
CA THR B 59 -9.94 2.69 3.93
C THR B 59 -8.76 2.78 4.91
N ASN B 60 -7.68 2.02 4.67
CA ASN B 60 -6.51 2.05 5.54
C ASN B 60 -5.18 2.11 4.78
N LEU B 61 -4.15 2.54 5.50
CA LEU B 61 -2.74 2.36 5.17
C LEU B 61 -1.90 2.28 6.46
N LEU B 62 -0.62 1.96 6.31
CA LEU B 62 0.31 1.74 7.42
C LEU B 62 1.71 2.19 7.02
N MET B 63 2.55 2.53 8.01
CA MET B 63 3.89 3.10 7.79
C MET B 63 4.93 2.42 8.67
N LEU B 64 5.73 1.52 8.08
CA LEU B 64 6.92 0.96 8.71
C LEU B 64 8.06 2.00 8.68
N LYS B 65 7.89 3.06 9.47
CA LYS B 65 8.82 4.20 9.58
C LYS B 65 10.23 3.79 10.06
N GLY B 66 10.33 2.63 10.72
CA GLY B 66 11.60 1.97 11.06
C GLY B 66 12.52 1.67 9.87
N LYS B 67 11.96 1.40 8.68
CA LYS B 67 12.67 0.90 7.49
C LYS B 67 12.39 1.65 6.16
N ASN B 68 11.45 2.60 6.16
CA ASN B 68 10.92 3.33 4.99
C ASN B 68 10.01 2.48 4.07
N GLN B 69 9.17 1.62 4.67
CA GLN B 69 8.13 0.87 3.95
C GLN B 69 6.72 1.35 4.37
N ALA B 70 5.70 0.94 3.61
CA ALA B 70 4.28 1.15 3.93
C ALA B 70 3.43 -0.01 3.40
N PHE B 71 2.20 -0.10 3.90
CA PHE B 71 1.08 -0.83 3.28
C PHE B 71 0.08 0.20 2.74
N ILE B 72 -0.76 -0.17 1.77
CA ILE B 72 -1.99 0.54 1.42
C ILE B 72 -3.11 -0.47 1.16
N GLU B 73 -4.22 -0.32 1.89
CA GLU B 73 -5.32 -1.28 2.05
C GLU B 73 -6.64 -0.69 1.59
N MET B 74 -7.23 -1.42 0.66
CA MET B 74 -8.31 -0.90 -0.17
C MET B 74 -9.48 -1.86 -0.30
N ASN B 75 -10.63 -1.27 -0.61
CA ASN B 75 -11.95 -1.88 -0.42
C ASN B 75 -12.27 -3.04 -1.39
N THR B 76 -11.59 -3.10 -2.55
CA THR B 76 -11.84 -4.09 -3.60
C THR B 76 -10.54 -4.66 -4.16
N GLU B 77 -10.58 -5.98 -4.42
CA GLU B 77 -9.48 -6.69 -5.07
C GLU B 77 -9.17 -6.11 -6.46
N GLU B 78 -10.19 -5.62 -7.18
CA GLU B 78 -10.02 -5.05 -8.52
C GLU B 78 -9.37 -3.66 -8.53
N ALA B 79 -9.74 -2.76 -7.61
CA ALA B 79 -9.01 -1.51 -7.42
C ALA B 79 -7.55 -1.82 -7.17
N ALA B 80 -7.25 -2.69 -6.21
CA ALA B 80 -5.86 -2.95 -5.89
C ALA B 80 -5.09 -3.70 -6.98
N ASN B 81 -5.71 -4.65 -7.67
CA ASN B 81 -5.13 -5.27 -8.85
C ASN B 81 -4.82 -4.22 -9.93
N THR B 82 -5.75 -3.31 -10.24
CA THR B 82 -5.46 -2.19 -11.14
C THR B 82 -4.40 -1.26 -10.55
N MET B 83 -4.34 -1.09 -9.22
CA MET B 83 -3.43 -0.16 -8.55
C MET B 83 -1.99 -0.67 -8.60
N VAL B 84 -1.78 -1.94 -8.25
CA VAL B 84 -0.48 -2.60 -8.29
C VAL B 84 0.05 -2.69 -9.73
N ASN B 85 -0.82 -2.98 -10.71
CA ASN B 85 -0.46 -3.04 -12.11
C ASN B 85 -0.12 -1.64 -12.64
N TYR B 86 -0.92 -0.63 -12.31
CA TYR B 86 -0.63 0.79 -12.51
C TYR B 86 0.75 1.18 -11.96
N TYR B 87 1.20 0.63 -10.83
CA TYR B 87 2.47 0.99 -10.21
C TYR B 87 3.61 0.09 -10.63
N THR B 88 3.27 -1.01 -11.31
CA THR B 88 4.20 -1.85 -12.04
C THR B 88 4.49 -1.24 -13.43
N SER B 89 3.62 -0.32 -13.86
CA SER B 89 3.69 0.56 -15.02
C SER B 89 4.49 1.85 -14.73
N VAL B 90 3.99 2.63 -13.78
CA VAL B 90 4.18 4.09 -13.73
C VAL B 90 5.50 4.51 -13.08
N THR B 91 5.80 3.83 -11.96
CA THR B 91 6.54 4.26 -10.75
C THR B 91 6.28 5.72 -10.32
N PRO B 92 5.79 5.99 -9.08
CA PRO B 92 5.37 7.34 -8.72
C PRO B 92 6.53 8.34 -8.57
N VAL B 93 7.69 7.85 -8.11
CA VAL B 93 8.94 8.56 -7.82
C VAL B 93 8.72 9.77 -6.93
N LEU B 94 9.00 9.52 -5.66
CA LEU B 94 8.30 10.10 -4.52
C LEU B 94 9.31 10.94 -3.75
N ARG B 95 10.22 10.27 -3.04
CA ARG B 95 11.36 10.88 -2.35
C ARG B 95 12.34 11.52 -3.34
N GLY B 96 12.50 10.91 -4.51
CA GLY B 96 13.32 11.42 -5.62
C GLY B 96 14.00 10.35 -6.49
N GLN B 97 13.74 9.05 -6.27
CA GLN B 97 14.30 7.94 -7.03
C GLN B 97 13.36 6.73 -7.00
N PRO B 98 13.57 5.71 -7.85
CA PRO B 98 12.66 4.59 -8.03
C PRO B 98 12.10 3.95 -6.76
N ILE B 99 10.80 4.18 -6.57
CA ILE B 99 9.95 3.47 -5.61
C ILE B 99 9.69 2.06 -6.17
N TYR B 100 9.18 1.14 -5.36
CA TYR B 100 8.66 -0.14 -5.83
C TYR B 100 7.40 -0.52 -5.07
N ILE B 101 6.58 -1.36 -5.70
CA ILE B 101 5.36 -1.93 -5.14
C ILE B 101 5.29 -3.45 -5.38
N GLN B 102 4.58 -4.16 -4.51
CA GLN B 102 3.95 -5.46 -4.79
C GLN B 102 2.70 -5.59 -3.92
N PHE B 103 1.83 -6.58 -4.16
CA PHE B 103 0.90 -7.02 -3.13
C PHE B 103 1.64 -7.42 -1.84
N SER B 104 0.96 -7.23 -0.70
CA SER B 104 1.47 -7.61 0.62
C SER B 104 1.54 -9.14 0.81
N ASN B 105 2.45 -9.60 1.68
CA ASN B 105 2.50 -10.96 2.19
C ASN B 105 1.23 -11.33 3.00
N HIS B 106 0.59 -10.34 3.62
CA HIS B 106 -0.56 -10.45 4.51
C HIS B 106 -1.88 -10.24 3.76
N LYS B 107 -3.01 -10.41 4.47
CA LYS B 107 -4.38 -10.31 3.93
C LYS B 107 -5.27 -9.48 4.87
N GLU B 108 -5.82 -8.39 4.33
CA GLU B 108 -6.70 -7.40 4.99
C GLU B 108 -6.08 -6.71 6.22
N LEU B 109 -5.40 -5.58 5.99
CA LEU B 109 -4.79 -4.74 7.04
C LEU B 109 -5.83 -4.23 8.04
N LYS B 110 -5.54 -4.42 9.34
CA LYS B 110 -6.26 -3.85 10.48
C LYS B 110 -5.37 -2.87 11.25
N THR B 111 -5.72 -1.59 11.20
CA THR B 111 -5.12 -0.48 11.97
C THR B 111 -6.17 0.18 12.87
N ASP B 112 -5.72 0.96 13.85
CA ASP B 112 -6.60 1.79 14.69
C ASP B 112 -7.32 2.87 13.87
N SER B 113 -8.43 3.38 14.41
CA SER B 113 -9.29 4.43 13.80
C SER B 113 -9.69 4.14 12.34
N SER B 114 -10.02 2.89 12.02
CA SER B 114 -10.55 2.48 10.71
C SER B 114 -11.88 3.19 10.39
N PRO B 115 -12.13 3.63 9.13
CA PRO B 115 -13.33 4.38 8.75
C PRO B 115 -14.60 3.53 8.61
N ASN B 116 -14.52 2.21 8.83
CA ASN B 116 -15.62 1.24 8.73
C ASN B 116 -16.76 1.43 9.77
N GLN B 117 -16.65 2.41 10.67
CA GLN B 117 -17.62 2.82 11.71
C GLN B 117 -18.06 1.66 12.63
N ALA B 118 -17.19 1.33 13.58
CA ALA B 118 -17.48 0.50 14.75
C ALA B 118 -16.58 0.87 15.95
N ARG B 119 -16.90 0.35 17.14
CA ARG B 119 -16.17 0.55 18.40
C ARG B 119 -14.73 0.02 18.31
N GLY B 22 0.23 -17.52 -16.68
CA GLY B 22 0.31 -16.32 -15.80
C GLY B 22 -0.96 -16.15 -14.96
N ASP B 23 -1.12 -15.04 -14.24
CA ASP B 23 -0.21 -13.88 -14.13
C ASP B 23 -0.17 -13.30 -12.69
N SER B 24 -1.33 -13.03 -12.09
CA SER B 24 -1.47 -12.50 -10.72
C SER B 24 -0.92 -13.41 -9.63
N ARG B 25 -0.74 -14.71 -9.93
CA ARG B 25 -0.23 -15.76 -9.01
C ARG B 25 1.16 -15.47 -8.43
N SER B 26 2.00 -14.71 -9.12
CA SER B 26 3.38 -14.37 -8.70
C SER B 26 3.48 -13.64 -7.35
N ALA B 27 2.42 -12.92 -6.95
CA ALA B 27 2.27 -12.27 -5.64
C ALA B 27 1.87 -13.24 -4.50
N GLY B 28 1.67 -14.53 -4.80
CA GLY B 28 1.24 -15.56 -3.85
C GLY B 28 -0.29 -15.72 -3.76
N VAL B 29 -1.00 -15.62 -4.89
CA VAL B 29 -2.48 -15.53 -5.04
C VAL B 29 -3.08 -14.47 -4.07
N PRO B 30 -2.93 -13.17 -4.42
CA PRO B 30 -2.78 -12.09 -3.46
C PRO B 30 -4.10 -11.36 -3.11
N SER B 31 -4.02 -10.37 -2.21
CA SER B 31 -5.19 -9.74 -1.55
C SER B 31 -5.10 -8.19 -1.48
N ARG B 32 -6.16 -7.57 -0.93
CA ARG B 32 -6.49 -6.13 -0.87
C ARG B 32 -5.48 -5.14 -0.27
N VAL B 33 -4.38 -5.61 0.34
CA VAL B 33 -3.25 -4.75 0.76
C VAL B 33 -2.04 -4.91 -0.16
N ILE B 34 -1.44 -3.79 -0.55
CA ILE B 34 -0.13 -3.68 -1.21
C ILE B 34 0.88 -3.15 -0.20
N HIS B 35 2.15 -3.52 -0.33
CA HIS B 35 3.27 -3.00 0.45
C HIS B 35 4.23 -2.21 -0.45
N ILE B 36 4.79 -1.14 0.13
CA ILE B 36 5.66 -0.17 -0.53
C ILE B 36 7.03 -0.20 0.17
N ARG B 37 8.11 0.00 -0.59
CA ARG B 37 9.50 0.25 -0.13
C ARG B 37 10.06 1.47 -0.87
N LYS B 38 11.21 1.98 -0.40
CA LYS B 38 11.92 3.15 -0.99
C LYS B 38 11.07 4.43 -1.01
N LEU B 39 10.14 4.54 -0.06
CA LEU B 39 9.46 5.80 0.30
C LEU B 39 10.48 6.77 0.95
N PRO B 40 10.07 8.00 1.31
CA PRO B 40 10.63 8.72 2.46
C PRO B 40 10.64 7.92 3.79
N ILE B 41 10.98 8.62 4.86
CA ILE B 41 11.14 8.13 6.24
C ILE B 41 9.82 7.54 6.77
N ASP B 42 8.77 8.33 6.54
CA ASP B 42 7.45 8.31 7.17
C ASP B 42 6.36 8.92 6.25
N VAL B 43 6.78 9.52 5.12
CA VAL B 43 6.02 10.39 4.19
C VAL B 43 4.86 11.13 4.87
N THR B 44 3.63 11.05 4.35
CA THR B 44 2.41 11.41 5.08
C THR B 44 1.21 10.66 4.50
N GLU B 45 0.28 10.27 5.38
CA GLU B 45 -0.89 9.47 5.03
C GLU B 45 -1.76 10.14 3.97
N GLY B 46 -1.97 11.45 4.08
CA GLY B 46 -2.78 12.23 3.14
C GLY B 46 -2.30 12.09 1.69
N GLU B 47 -0.98 12.04 1.49
CA GLU B 47 -0.35 11.77 0.19
C GLU B 47 -0.56 10.33 -0.27
N VAL B 48 -0.22 9.36 0.58
CA VAL B 48 -0.31 7.93 0.22
C VAL B 48 -1.74 7.51 -0.15
N ILE B 49 -2.74 7.91 0.63
CA ILE B 49 -4.14 7.61 0.33
C ILE B 49 -4.67 8.44 -0.83
N SER B 50 -4.24 9.70 -1.00
CA SER B 50 -4.69 10.47 -2.19
C SER B 50 -4.08 9.92 -3.47
N LEU B 51 -2.97 9.19 -3.34
CA LEU B 51 -2.38 8.42 -4.43
C LEU B 51 -3.11 7.11 -4.70
N GLY B 52 -3.77 6.50 -3.70
CA GLY B 52 -4.55 5.27 -3.91
C GLY B 52 -6.02 5.51 -4.27
N LEU B 53 -6.57 6.68 -3.97
CA LEU B 53 -8.00 6.95 -4.06
C LEU B 53 -8.65 6.88 -5.46
N PRO B 54 -8.02 7.34 -6.55
CA PRO B 54 -8.51 7.15 -7.93
C PRO B 54 -8.75 5.71 -8.39
N PHE B 55 -8.42 4.73 -7.56
CA PHE B 55 -8.36 3.34 -7.97
C PHE B 55 -9.51 2.49 -7.43
N GLY B 56 -9.97 2.78 -6.21
CA GLY B 56 -11.16 2.17 -5.64
C GLY B 56 -11.80 3.06 -4.58
N LYS B 57 -11.64 2.60 -3.34
CA LYS B 57 -12.02 3.18 -2.06
C LYS B 57 -10.98 2.65 -1.09
N VAL B 58 -10.22 3.51 -0.39
CA VAL B 58 -8.94 3.09 0.23
C VAL B 58 -8.92 3.48 1.69
N THR B 59 -9.52 2.60 2.49
CA THR B 59 -9.98 2.80 3.86
C THR B 59 -8.84 2.71 4.88
N ASN B 60 -7.72 2.05 4.54
CA ASN B 60 -6.57 2.00 5.42
C ASN B 60 -5.21 2.09 4.73
N LEU B 61 -4.19 2.43 5.51
CA LEU B 61 -2.76 2.27 5.25
C LEU B 61 -1.99 2.05 6.56
N LEU B 62 -0.70 1.72 6.45
CA LEU B 62 0.24 1.62 7.57
C LEU B 62 1.60 2.13 7.13
N MET B 63 2.42 2.60 8.07
CA MET B 63 3.72 3.22 7.81
C MET B 63 4.80 2.55 8.68
N LEU B 64 5.66 1.72 8.07
CA LEU B 64 6.83 1.12 8.72
C LEU B 64 7.94 2.17 8.91
N LYS B 65 7.71 3.10 9.83
CA LYS B 65 8.59 4.25 10.13
C LYS B 65 10.04 3.83 10.32
N GLY B 66 10.93 4.33 9.48
CA GLY B 66 12.38 4.07 9.53
C GLY B 66 12.88 2.85 8.73
N LYS B 67 12.00 2.03 8.14
CA LYS B 67 12.38 1.04 7.11
C LYS B 67 12.21 1.56 5.67
N ASN B 68 11.70 2.78 5.48
CA ASN B 68 11.23 3.35 4.20
C ASN B 68 10.03 2.58 3.59
N GLN B 69 9.22 1.94 4.44
CA GLN B 69 8.21 0.99 3.99
C GLN B 69 6.80 1.35 4.49
N ALA B 70 5.75 0.76 3.91
CA ALA B 70 4.33 0.99 4.21
C ALA B 70 3.45 -0.13 3.65
N PHE B 71 2.18 -0.11 4.04
CA PHE B 71 1.07 -0.84 3.42
C PHE B 71 0.07 0.19 2.87
N ILE B 72 -0.75 -0.16 1.88
CA ILE B 72 -1.95 0.58 1.48
C ILE B 72 -3.08 -0.43 1.19
N GLU B 73 -4.22 -0.26 1.86
CA GLU B 73 -5.31 -1.23 2.00
C GLU B 73 -6.63 -0.65 1.51
N MET B 74 -7.19 -1.37 0.54
CA MET B 74 -8.27 -0.86 -0.28
C MET B 74 -9.42 -1.86 -0.42
N ASN B 75 -10.59 -1.29 -0.72
CA ASN B 75 -11.89 -1.91 -0.51
C ASN B 75 -12.20 -3.08 -1.46
N THR B 76 -11.50 -3.17 -2.59
CA THR B 76 -11.71 -4.17 -3.64
C THR B 76 -10.40 -4.72 -4.17
N GLU B 77 -10.44 -6.02 -4.47
CA GLU B 77 -9.33 -6.78 -5.06
C GLU B 77 -8.94 -6.19 -6.43
N GLU B 78 -9.94 -5.74 -7.20
CA GLU B 78 -9.73 -5.12 -8.52
C GLU B 78 -9.11 -3.74 -8.47
N ALA B 79 -9.50 -2.87 -7.52
CA ALA B 79 -8.79 -1.62 -7.30
C ALA B 79 -7.32 -1.90 -7.03
N ALA B 80 -6.98 -2.78 -6.09
CA ALA B 80 -5.58 -3.01 -5.82
C ALA B 80 -4.83 -3.72 -6.95
N ASN B 81 -5.46 -4.68 -7.64
CA ASN B 81 -4.90 -5.28 -8.84
C ASN B 81 -4.58 -4.21 -9.90
N THR B 82 -5.51 -3.30 -10.18
CA THR B 82 -5.25 -2.17 -11.07
C THR B 82 -4.19 -1.23 -10.47
N MET B 83 -4.16 -1.03 -9.14
CA MET B 83 -3.26 -0.10 -8.47
C MET B 83 -1.81 -0.57 -8.59
N VAL B 84 -1.57 -1.85 -8.28
CA VAL B 84 -0.25 -2.50 -8.37
C VAL B 84 0.25 -2.58 -9.81
N ASN B 85 -0.64 -2.90 -10.77
CA ASN B 85 -0.30 -2.96 -12.19
C ASN B 85 0.02 -1.56 -12.73
N TYR B 86 -0.79 -0.56 -12.40
CA TYR B 86 -0.53 0.86 -12.60
C TYR B 86 0.85 1.29 -12.04
N TYR B 87 1.30 0.77 -10.90
CA TYR B 87 2.57 1.15 -10.30
C TYR B 87 3.74 0.30 -10.79
N THR B 88 3.42 -0.83 -11.40
CA THR B 88 4.37 -1.67 -12.14
C THR B 88 4.63 -1.07 -13.53
N SER B 89 3.72 -0.18 -13.97
CA SER B 89 3.78 0.70 -15.13
C SER B 89 4.58 1.98 -14.82
N VAL B 90 4.11 2.75 -13.83
CA VAL B 90 4.33 4.20 -13.75
C VAL B 90 5.62 4.56 -12.98
N THR B 91 5.78 3.92 -11.82
CA THR B 91 6.44 4.37 -10.58
C THR B 91 6.12 5.83 -10.18
N PRO B 92 5.63 6.12 -8.95
CA PRO B 92 5.15 7.46 -8.62
C PRO B 92 6.26 8.51 -8.50
N VAL B 93 7.42 8.09 -8.00
CA VAL B 93 8.64 8.87 -7.75
C VAL B 93 8.39 10.10 -6.89
N LEU B 94 8.78 9.93 -5.64
CA LEU B 94 8.13 10.53 -4.49
C LEU B 94 9.17 11.34 -3.71
N ARG B 95 10.09 10.63 -3.03
CA ARG B 95 11.27 11.24 -2.38
C ARG B 95 12.17 11.93 -3.42
N GLY B 96 12.37 11.25 -4.55
CA GLY B 96 13.10 11.77 -5.71
C GLY B 96 13.67 10.72 -6.68
N GLN B 97 13.52 9.42 -6.41
CA GLN B 97 13.99 8.32 -7.25
C GLN B 97 13.07 7.10 -7.12
N PRO B 98 13.20 6.06 -7.97
CA PRO B 98 12.22 4.99 -8.12
C PRO B 98 11.76 4.31 -6.82
N ILE B 99 10.46 4.47 -6.53
CA ILE B 99 9.73 3.84 -5.42
C ILE B 99 9.44 2.36 -5.76
N TYR B 100 9.37 1.47 -4.78
CA TYR B 100 9.19 0.03 -5.01
C TYR B 100 7.83 -0.44 -4.46
N ILE B 101 7.09 -1.27 -5.20
CA ILE B 101 5.81 -1.87 -4.80
C ILE B 101 5.76 -3.38 -5.07
N GLN B 102 5.02 -4.13 -4.24
CA GLN B 102 4.36 -5.42 -4.56
C GLN B 102 3.13 -5.60 -3.65
N PHE B 103 2.24 -6.54 -3.97
CA PHE B 103 1.19 -6.99 -3.05
C PHE B 103 1.74 -7.43 -1.69
N SER B 104 0.92 -7.30 -0.64
CA SER B 104 1.28 -7.67 0.73
C SER B 104 1.27 -9.18 0.98
N ASN B 105 2.00 -9.63 2.00
CA ASN B 105 1.96 -10.98 2.57
C ASN B 105 0.62 -11.30 3.30
N HIS B 106 -0.22 -10.30 3.57
CA HIS B 106 -1.42 -10.40 4.41
C HIS B 106 -2.72 -10.08 3.66
N LYS B 107 -3.86 -10.12 4.38
CA LYS B 107 -5.22 -9.83 3.90
C LYS B 107 -5.98 -8.98 4.93
N GLU B 108 -6.50 -7.84 4.49
CA GLU B 108 -7.24 -6.83 5.28
C GLU B 108 -6.47 -6.26 6.47
N LEU B 109 -5.78 -5.14 6.22
CA LEU B 109 -4.99 -4.39 7.20
C LEU B 109 -5.85 -3.82 8.34
N LYS B 110 -5.67 -4.37 9.54
CA LYS B 110 -6.31 -3.93 10.80
C LYS B 110 -5.27 -3.24 11.71
N THR B 111 -5.29 -1.90 11.71
CA THR B 111 -4.43 -1.02 12.52
C THR B 111 -5.04 -0.64 13.89
N ASP B 112 -6.30 -0.99 14.15
CA ASP B 112 -7.09 -0.73 15.37
C ASP B 112 -7.39 0.76 15.70
N SER B 113 -6.82 1.71 14.96
CA SER B 113 -7.08 3.17 14.94
C SER B 113 -7.49 3.78 16.31
N SER B 114 -6.54 3.91 17.23
CA SER B 114 -6.77 4.33 18.62
C SER B 114 -6.12 5.68 18.98
N PRO B 115 -6.61 6.39 20.03
CA PRO B 115 -6.00 7.64 20.53
C PRO B 115 -4.53 7.54 20.95
N ASN B 116 -4.05 6.33 21.28
CA ASN B 116 -2.67 6.06 21.69
C ASN B 116 -1.65 6.17 20.53
N GLN B 117 -2.09 6.02 19.28
CA GLN B 117 -1.23 5.97 18.09
C GLN B 117 -0.71 7.36 17.66
N ALA B 118 0.27 7.34 16.75
CA ALA B 118 1.23 8.44 16.52
C ALA B 118 1.23 9.03 15.09
N ARG B 119 0.36 8.52 14.21
CA ARG B 119 0.20 8.96 12.80
C ARG B 119 -1.27 8.90 12.37
N GLY B 22 -8.22 -13.45 -14.35
CA GLY B 22 -7.31 -12.54 -13.62
C GLY B 22 -6.64 -13.24 -12.44
N ASP B 23 -5.51 -12.70 -11.99
CA ASP B 23 -4.73 -13.20 -10.84
C ASP B 23 -4.07 -12.04 -10.06
N SER B 24 -3.84 -12.23 -8.75
CA SER B 24 -3.22 -11.28 -7.81
C SER B 24 -1.69 -11.10 -8.01
N ARG B 25 -1.18 -11.25 -9.24
CA ARG B 25 0.24 -11.34 -9.63
C ARG B 25 1.06 -12.22 -8.65
N SER B 26 0.58 -13.45 -8.46
CA SER B 26 0.99 -14.43 -7.45
C SER B 26 0.88 -13.93 -6.00
N ALA B 27 1.87 -13.17 -5.50
CA ALA B 27 2.08 -12.72 -4.11
C ALA B 27 2.13 -13.87 -3.06
N GLY B 28 1.01 -14.55 -2.82
CA GLY B 28 0.87 -15.72 -1.96
C GLY B 28 -0.60 -15.92 -1.57
N VAL B 29 -1.06 -15.11 -0.61
CA VAL B 29 -2.47 -14.93 -0.19
C VAL B 29 -2.64 -13.47 0.28
N PRO B 30 -2.73 -12.53 -0.68
CA PRO B 30 -2.31 -11.14 -0.47
C PRO B 30 -3.47 -10.14 -0.31
N SER B 31 -4.67 -10.65 0.03
CA SER B 31 -5.97 -9.98 -0.18
C SER B 31 -6.00 -8.48 0.17
N ARG B 32 -6.28 -7.67 -0.86
CA ARG B 32 -6.54 -6.21 -0.84
C ARG B 32 -5.43 -5.28 -0.33
N VAL B 33 -4.33 -5.78 0.24
CA VAL B 33 -3.18 -4.96 0.66
C VAL B 33 -1.98 -5.06 -0.29
N ILE B 34 -1.45 -3.91 -0.70
CA ILE B 34 -0.19 -3.70 -1.41
C ILE B 34 0.84 -3.17 -0.40
N HIS B 35 2.14 -3.37 -0.65
CA HIS B 35 3.27 -2.90 0.14
C HIS B 35 4.27 -2.13 -0.73
N ILE B 36 4.83 -1.05 -0.18
CA ILE B 36 5.67 -0.02 -0.82
C ILE B 36 7.05 0.04 -0.14
N ARG B 37 8.17 0.13 -0.88
CA ARG B 37 9.53 0.35 -0.33
C ARG B 37 9.92 1.85 -0.38
N LYS B 38 11.09 2.21 0.16
CA LYS B 38 11.88 3.43 -0.12
C LYS B 38 11.11 4.77 -0.17
N LEU B 39 10.10 4.88 0.67
CA LEU B 39 9.44 6.16 1.01
C LEU B 39 10.47 7.23 1.43
N PRO B 40 10.13 8.54 1.32
CA PRO B 40 10.97 9.69 1.72
C PRO B 40 11.72 9.53 3.05
N ILE B 41 10.95 9.46 4.14
CA ILE B 41 11.32 9.31 5.56
C ILE B 41 10.08 8.79 6.31
N ASP B 42 8.98 9.54 6.18
CA ASP B 42 7.68 9.23 6.79
C ASP B 42 6.46 9.66 5.94
N VAL B 43 6.67 10.42 4.85
CA VAL B 43 5.67 10.96 3.91
C VAL B 43 4.45 11.59 4.63
N THR B 44 3.28 11.63 3.98
CA THR B 44 1.99 11.81 4.63
C THR B 44 0.95 10.87 4.01
N GLU B 45 0.07 10.35 4.86
CA GLU B 45 -1.03 9.48 4.44
C GLU B 45 -1.94 10.19 3.43
N GLY B 46 -2.12 11.50 3.54
CA GLY B 46 -2.89 12.31 2.58
C GLY B 46 -2.36 12.19 1.14
N GLU B 47 -1.04 12.19 0.97
CA GLU B 47 -0.39 11.92 -0.31
C GLU B 47 -0.65 10.48 -0.77
N VAL B 48 -0.33 9.49 0.06
CA VAL B 48 -0.42 8.07 -0.34
C VAL B 48 -1.85 7.65 -0.70
N ILE B 49 -2.87 8.03 0.08
CA ILE B 49 -4.27 7.75 -0.26
C ILE B 49 -4.75 8.56 -1.46
N SER B 50 -4.27 9.79 -1.67
CA SER B 50 -4.61 10.55 -2.90
C SER B 50 -4.09 9.86 -4.16
N LEU B 51 -3.08 9.01 -4.00
CA LEU B 51 -2.54 8.16 -5.04
C LEU B 51 -3.17 6.77 -5.14
N GLY B 52 -3.91 6.32 -4.11
CA GLY B 52 -4.76 5.13 -4.18
C GLY B 52 -6.20 5.43 -4.63
N LEU B 53 -6.67 6.66 -4.46
CA LEU B 53 -8.07 7.02 -4.77
C LEU B 53 -8.51 7.13 -6.25
N PRO B 54 -7.64 7.21 -7.28
CA PRO B 54 -8.06 7.06 -8.68
C PRO B 54 -8.71 5.74 -9.07
N PHE B 55 -8.84 4.79 -8.13
CA PHE B 55 -9.22 3.42 -8.43
C PHE B 55 -10.48 2.92 -7.71
N GLY B 56 -10.50 3.04 -6.38
CA GLY B 56 -11.61 2.59 -5.54
C GLY B 56 -11.84 3.52 -4.35
N LYS B 57 -11.46 3.07 -3.16
CA LYS B 57 -11.72 3.81 -1.91
C LYS B 57 -10.62 3.74 -0.82
N VAL B 58 -9.59 2.92 -1.03
CA VAL B 58 -8.44 2.61 -0.14
C VAL B 58 -8.79 2.73 1.37
N THR B 59 -9.27 1.63 1.91
CA THR B 59 -9.77 1.46 3.28
C THR B 59 -8.72 1.85 4.31
N ASN B 60 -7.45 1.48 4.10
CA ASN B 60 -6.38 1.81 5.02
C ASN B 60 -4.99 1.98 4.38
N LEU B 61 -4.04 2.49 5.15
CA LEU B 61 -2.60 2.31 4.98
C LEU B 61 -1.87 2.10 6.32
N LEU B 62 -0.59 1.75 6.26
CA LEU B 62 0.34 1.62 7.39
C LEU B 62 1.72 2.10 6.96
N MET B 63 2.53 2.60 7.89
CA MET B 63 3.85 3.18 7.62
C MET B 63 4.94 2.58 8.51
N LEU B 64 5.76 1.69 7.93
CA LEU B 64 6.95 1.11 8.56
C LEU B 64 8.10 2.14 8.61
N LYS B 65 8.24 2.83 9.75
CA LYS B 65 9.38 3.71 10.05
C LYS B 65 10.74 3.01 10.08
N GLY B 66 10.76 1.67 10.22
CA GLY B 66 11.96 0.82 10.33
C GLY B 66 12.99 1.00 9.21
N LYS B 67 12.56 0.72 7.95
CA LYS B 67 13.38 0.71 6.74
C LYS B 67 12.72 1.50 5.59
N ASN B 68 11.88 2.50 5.91
CA ASN B 68 11.12 3.34 4.96
C ASN B 68 10.16 2.54 4.05
N GLN B 69 9.35 1.64 4.63
CA GLN B 69 8.34 0.86 3.91
C GLN B 69 6.91 1.16 4.42
N ALA B 70 5.87 0.58 3.81
CA ALA B 70 4.46 0.85 4.10
C ALA B 70 3.56 -0.20 3.46
N PHE B 71 2.31 -0.22 3.90
CA PHE B 71 1.19 -0.92 3.27
C PHE B 71 0.21 0.11 2.72
N ILE B 72 -0.61 -0.26 1.74
CA ILE B 72 -1.74 0.50 1.23
C ILE B 72 -2.85 -0.51 0.87
N GLU B 73 -3.93 -0.54 1.66
CA GLU B 73 -4.97 -1.57 1.71
C GLU B 73 -6.33 -1.02 1.28
N MET B 74 -7.01 -1.72 0.38
CA MET B 74 -8.10 -1.12 -0.38
C MET B 74 -9.43 -1.88 -0.42
N ASN B 75 -10.52 -1.14 -0.61
CA ASN B 75 -11.91 -1.55 -0.39
C ASN B 75 -12.43 -2.62 -1.39
N THR B 76 -11.67 -2.90 -2.44
CA THR B 76 -12.02 -3.84 -3.52
C THR B 76 -10.76 -4.50 -4.08
N GLU B 77 -10.90 -5.78 -4.44
CA GLU B 77 -9.84 -6.56 -5.08
C GLU B 77 -9.50 -6.04 -6.48
N GLU B 78 -10.49 -5.51 -7.22
CA GLU B 78 -10.26 -4.92 -8.54
C GLU B 78 -9.51 -3.60 -8.47
N ALA B 79 -9.95 -2.69 -7.58
CA ALA B 79 -9.25 -1.44 -7.34
C ALA B 79 -7.82 -1.68 -6.89
N ALA B 80 -7.58 -2.59 -5.96
CA ALA B 80 -6.25 -2.91 -5.48
C ALA B 80 -5.37 -3.61 -6.52
N ASN B 81 -5.93 -4.55 -7.29
CA ASN B 81 -5.22 -5.14 -8.43
C ASN B 81 -4.87 -4.08 -9.48
N THR B 82 -5.79 -3.18 -9.86
CA THR B 82 -5.41 -2.06 -10.71
C THR B 82 -4.42 -1.14 -10.00
N MET B 83 -4.43 -1.03 -8.66
CA MET B 83 -3.56 -0.15 -7.88
C MET B 83 -2.10 -0.63 -7.99
N VAL B 84 -1.86 -1.90 -7.72
CA VAL B 84 -0.55 -2.55 -7.85
C VAL B 84 -0.03 -2.50 -9.30
N ASN B 85 -0.90 -2.72 -10.28
CA ASN B 85 -0.54 -2.69 -11.70
C ASN B 85 -0.25 -1.27 -12.20
N TYR B 86 -1.06 -0.28 -11.82
CA TYR B 86 -0.79 1.15 -11.94
C TYR B 86 0.61 1.51 -11.40
N TYR B 87 1.05 0.89 -10.32
CA TYR B 87 2.30 1.21 -9.68
C TYR B 87 3.48 0.47 -10.28
N THR B 88 3.22 -0.66 -10.94
CA THR B 88 4.25 -1.36 -11.70
C THR B 88 4.47 -0.68 -13.07
N SER B 89 3.50 0.16 -13.46
CA SER B 89 3.50 1.09 -14.58
C SER B 89 4.31 2.34 -14.25
N VAL B 90 3.89 3.04 -13.19
CA VAL B 90 4.20 4.46 -12.95
C VAL B 90 5.63 4.65 -12.41
N THR B 91 5.96 3.87 -11.39
CA THR B 91 6.71 4.22 -10.15
C THR B 91 6.57 5.69 -9.69
N PRO B 92 6.09 5.98 -8.46
CA PRO B 92 5.70 7.34 -8.10
C PRO B 92 6.86 8.27 -7.70
N VAL B 93 8.09 7.74 -7.57
CA VAL B 93 9.40 8.38 -7.33
C VAL B 93 9.31 9.70 -6.53
N LEU B 94 9.30 9.53 -5.22
CA LEU B 94 8.15 10.05 -4.47
C LEU B 94 8.48 11.32 -3.67
N ARG B 95 9.76 11.51 -3.34
CA ARG B 95 10.42 12.83 -3.21
C ARG B 95 11.56 13.07 -4.21
N GLY B 96 11.94 12.04 -4.99
CA GLY B 96 13.14 12.04 -5.83
C GLY B 96 13.97 10.75 -5.91
N GLN B 97 13.50 9.60 -5.40
CA GLN B 97 14.18 8.31 -5.57
C GLN B 97 13.22 7.14 -5.83
N PRO B 98 13.65 6.04 -6.48
CA PRO B 98 12.77 4.92 -6.81
C PRO B 98 12.09 4.29 -5.58
N ILE B 99 10.91 3.69 -5.80
CA ILE B 99 9.97 3.35 -4.72
C ILE B 99 9.72 1.84 -4.61
N TYR B 100 9.33 1.19 -5.71
CA TYR B 100 8.86 -0.20 -5.79
C TYR B 100 7.58 -0.50 -5.00
N ILE B 101 6.83 -1.48 -5.52
CA ILE B 101 5.63 -2.05 -4.91
C ILE B 101 5.57 -3.57 -5.15
N GLN B 102 4.83 -4.28 -4.30
CA GLN B 102 4.22 -5.58 -4.58
C GLN B 102 2.91 -5.70 -3.80
N PHE B 103 2.07 -6.68 -4.16
CA PHE B 103 1.04 -7.20 -3.24
C PHE B 103 1.66 -7.68 -1.91
N SER B 104 0.93 -7.53 -0.82
CA SER B 104 1.38 -7.83 0.55
C SER B 104 1.48 -9.33 0.85
N ASN B 105 2.23 -9.68 1.90
CA ASN B 105 2.25 -11.01 2.51
C ASN B 105 0.99 -11.34 3.33
N HIS B 106 0.12 -10.35 3.60
CA HIS B 106 -1.05 -10.45 4.48
C HIS B 106 -2.38 -10.28 3.74
N LYS B 107 -3.49 -10.51 4.44
CA LYS B 107 -4.87 -10.39 3.97
C LYS B 107 -5.63 -9.39 4.85
N GLU B 108 -5.96 -8.22 4.29
CA GLU B 108 -6.42 -7.01 4.98
C GLU B 108 -5.39 -6.42 5.99
N LEU B 109 -5.64 -5.20 6.46
CA LEU B 109 -4.79 -4.34 7.29
C LEU B 109 -5.54 -3.74 8.49
N LYS B 110 -5.39 -4.37 9.66
CA LYS B 110 -6.00 -4.01 10.96
C LYS B 110 -4.99 -3.24 11.84
N THR B 111 -5.00 -1.91 11.80
CA THR B 111 -4.01 -1.04 12.45
C THR B 111 -4.37 -0.52 13.85
N ASP B 112 -5.65 -0.55 14.24
CA ASP B 112 -6.16 0.22 15.40
C ASP B 112 -6.91 -0.63 16.43
N SER B 113 -8.00 -1.29 16.01
CA SER B 113 -8.95 -2.00 16.89
C SER B 113 -9.44 -1.17 18.09
N SER B 114 -9.63 0.14 17.87
CA SER B 114 -10.12 1.12 18.85
C SER B 114 -11.60 0.87 19.23
N PRO B 115 -12.04 1.32 20.43
CA PRO B 115 -13.46 1.28 20.83
C PRO B 115 -14.40 2.03 19.88
N ASN B 116 -15.69 1.70 19.98
CA ASN B 116 -16.82 2.40 19.34
C ASN B 116 -17.99 2.60 20.32
N GLN B 117 -18.26 1.59 21.15
CA GLN B 117 -19.11 1.65 22.33
C GLN B 117 -18.49 2.50 23.46
N ALA B 118 -19.30 2.84 24.48
CA ALA B 118 -18.85 3.45 25.74
C ALA B 118 -18.11 2.45 26.66
N ARG B 119 -17.64 2.91 27.82
CA ARG B 119 -16.96 2.10 28.87
C ARG B 119 -17.80 0.94 29.42
N GLY B 22 14.30 -19.58 -4.06
CA GLY B 22 13.53 -18.65 -4.92
C GLY B 22 12.56 -17.81 -4.10
N ASP B 23 12.55 -16.50 -4.34
CA ASP B 23 11.82 -15.49 -3.54
C ASP B 23 10.86 -14.59 -4.36
N SER B 24 10.70 -14.86 -5.66
CA SER B 24 9.92 -14.05 -6.61
C SER B 24 8.42 -13.95 -6.28
N ARG B 25 7.85 -14.97 -5.64
CA ARG B 25 6.45 -15.02 -5.17
C ARG B 25 6.28 -14.21 -3.86
N SER B 26 6.32 -12.88 -3.98
CA SER B 26 6.16 -11.93 -2.87
C SER B 26 4.72 -11.79 -2.34
N ALA B 27 3.72 -12.39 -3.00
CA ALA B 27 2.28 -12.26 -2.67
C ALA B 27 1.67 -13.59 -2.19
N GLY B 28 1.46 -14.57 -3.08
CA GLY B 28 0.98 -15.91 -2.75
C GLY B 28 -0.55 -16.01 -2.84
N VAL B 29 -1.07 -15.91 -4.07
CA VAL B 29 -2.50 -15.78 -4.44
C VAL B 29 -3.21 -14.74 -3.54
N PRO B 30 -2.89 -13.44 -3.76
CA PRO B 30 -3.03 -12.37 -2.79
C PRO B 30 -4.36 -11.60 -2.88
N SER B 31 -4.54 -10.60 -2.01
CA SER B 31 -5.73 -9.74 -1.93
C SER B 31 -5.37 -8.30 -1.53
N ARG B 32 -6.33 -7.57 -0.97
CA ARG B 32 -6.46 -6.10 -0.86
C ARG B 32 -5.33 -5.29 -0.21
N VAL B 33 -4.31 -5.87 0.42
CA VAL B 33 -3.12 -5.10 0.87
C VAL B 33 -1.91 -5.25 -0.06
N ILE B 34 -1.31 -4.12 -0.41
CA ILE B 34 -0.06 -3.95 -1.15
C ILE B 34 0.99 -3.37 -0.17
N HIS B 35 2.27 -3.61 -0.41
CA HIS B 35 3.38 -3.11 0.41
C HIS B 35 4.39 -2.31 -0.44
N ILE B 36 4.98 -1.30 0.18
CA ILE B 36 5.88 -0.29 -0.40
C ILE B 36 7.21 -0.25 0.38
N ARG B 37 8.34 -0.04 -0.30
CA ARG B 37 9.69 0.22 0.25
C ARG B 37 10.27 1.54 -0.25
N LYS B 38 11.42 1.93 0.33
CA LYS B 38 12.23 3.11 -0.05
C LYS B 38 11.56 4.46 0.23
N LEU B 39 10.54 4.49 1.11
CA LEU B 39 9.94 5.74 1.60
C LEU B 39 11.02 6.71 2.18
N PRO B 40 10.77 8.04 2.21
CA PRO B 40 11.64 9.05 2.81
C PRO B 40 12.11 8.74 4.24
N ILE B 41 11.14 8.57 5.12
CA ILE B 41 11.17 8.28 6.57
C ILE B 41 9.75 7.97 7.04
N ASP B 42 8.83 8.90 6.74
CA ASP B 42 7.44 8.93 7.21
C ASP B 42 6.45 9.54 6.19
N VAL B 43 6.95 10.15 5.10
CA VAL B 43 6.19 10.83 4.02
C VAL B 43 5.02 11.67 4.58
N THR B 44 3.84 11.61 3.96
CA THR B 44 2.57 11.92 4.61
C THR B 44 1.49 10.98 4.07
N GLU B 45 0.71 10.41 4.98
CA GLU B 45 -0.34 9.48 4.62
C GLU B 45 -1.36 10.13 3.67
N GLY B 46 -1.58 11.45 3.78
CA GLY B 46 -2.44 12.23 2.89
C GLY B 46 -1.98 12.21 1.43
N GLU B 47 -0.66 12.19 1.17
CA GLU B 47 -0.10 11.96 -0.16
C GLU B 47 -0.38 10.52 -0.62
N VAL B 48 -0.04 9.54 0.21
CA VAL B 48 -0.16 8.12 -0.19
C VAL B 48 -1.63 7.70 -0.46
N ILE B 49 -2.59 8.12 0.37
CA ILE B 49 -4.02 7.85 0.14
C ILE B 49 -4.61 8.67 -1.00
N SER B 50 -4.14 9.90 -1.22
CA SER B 50 -4.52 10.68 -2.42
C SER B 50 -4.07 9.98 -3.69
N LEU B 51 -3.00 9.19 -3.59
CA LEU B 51 -2.52 8.33 -4.66
C LEU B 51 -3.19 6.95 -4.72
N GLY B 52 -3.87 6.51 -3.67
CA GLY B 52 -4.68 5.29 -3.65
C GLY B 52 -6.14 5.51 -4.01
N LEU B 53 -6.63 6.75 -3.91
CA LEU B 53 -8.05 7.07 -4.06
C LEU B 53 -8.68 6.83 -5.45
N PRO B 54 -8.06 7.23 -6.59
CA PRO B 54 -8.59 7.01 -7.94
C PRO B 54 -8.90 5.59 -8.38
N PHE B 55 -8.60 4.58 -7.55
CA PHE B 55 -8.57 3.20 -7.97
C PHE B 55 -9.77 2.39 -7.52
N GLY B 56 -10.28 2.73 -6.34
CA GLY B 56 -11.47 2.17 -5.73
C GLY B 56 -11.97 3.11 -4.65
N LYS B 57 -11.30 3.06 -3.49
CA LYS B 57 -11.47 4.00 -2.38
C LYS B 57 -10.24 4.25 -1.50
N VAL B 58 -9.23 3.39 -1.61
CA VAL B 58 -8.60 2.67 -0.49
C VAL B 58 -9.54 2.38 0.71
N THR B 59 -9.09 1.59 1.68
CA THR B 59 -9.71 1.49 3.01
C THR B 59 -8.71 1.79 4.14
N ASN B 60 -7.41 1.56 3.93
CA ASN B 60 -6.37 1.96 4.89
C ASN B 60 -4.94 2.02 4.35
N LEU B 61 -4.03 2.64 5.10
CA LEU B 61 -2.58 2.46 5.01
C LEU B 61 -1.88 2.44 6.39
N LEU B 62 -0.62 2.01 6.40
CA LEU B 62 0.27 1.85 7.55
C LEU B 62 1.69 2.24 7.15
N MET B 63 2.49 2.72 8.10
CA MET B 63 3.88 3.16 7.86
C MET B 63 4.84 2.47 8.82
N LEU B 64 5.69 1.60 8.28
CA LEU B 64 6.76 0.90 9.01
C LEU B 64 7.93 1.87 9.34
N LYS B 65 7.69 2.77 10.29
CA LYS B 65 8.69 3.71 10.82
C LYS B 65 9.88 2.96 11.39
N GLY B 66 11.08 3.29 10.90
CA GLY B 66 12.35 2.62 11.21
C GLY B 66 12.81 1.56 10.18
N LYS B 67 11.96 1.20 9.19
CA LYS B 67 12.35 0.38 8.02
C LYS B 67 12.17 1.10 6.68
N ASN B 68 11.51 2.28 6.67
CA ASN B 68 11.14 3.06 5.49
C ASN B 68 10.19 2.28 4.54
N GLN B 69 9.26 1.54 5.13
CA GLN B 69 8.30 0.72 4.41
C GLN B 69 6.84 1.13 4.74
N ALA B 70 5.85 0.58 4.06
CA ALA B 70 4.40 0.83 4.29
C ALA B 70 3.55 -0.28 3.70
N PHE B 71 2.29 -0.31 4.12
CA PHE B 71 1.19 -1.07 3.53
C PHE B 71 0.18 -0.07 2.97
N ILE B 72 -0.55 -0.44 1.92
CA ILE B 72 -1.72 0.28 1.42
C ILE B 72 -2.83 -0.74 1.12
N GLU B 73 -3.76 -0.88 2.07
CA GLU B 73 -4.95 -1.73 2.03
C GLU B 73 -6.11 -1.01 1.34
N MET B 74 -6.77 -1.69 0.41
CA MET B 74 -7.75 -1.07 -0.47
C MET B 74 -9.16 -1.69 -0.35
N ASN B 75 -10.18 -0.91 -0.70
CA ASN B 75 -11.58 -1.24 -0.48
C ASN B 75 -12.10 -2.40 -1.35
N THR B 76 -11.44 -2.71 -2.48
CA THR B 76 -11.88 -3.74 -3.43
C THR B 76 -10.67 -4.50 -4.00
N GLU B 77 -10.87 -5.79 -4.30
CA GLU B 77 -9.81 -6.65 -4.87
C GLU B 77 -9.41 -6.19 -6.27
N GLU B 78 -10.37 -5.75 -7.09
CA GLU B 78 -10.11 -5.26 -8.45
C GLU B 78 -9.43 -3.89 -8.46
N ALA B 79 -9.85 -2.98 -7.58
CA ALA B 79 -9.14 -1.73 -7.35
C ALA B 79 -7.69 -1.99 -7.00
N ALA B 80 -7.40 -2.86 -6.05
CA ALA B 80 -6.01 -3.12 -5.67
C ALA B 80 -5.21 -3.87 -6.72
N ASN B 81 -5.79 -4.85 -7.43
CA ASN B 81 -5.18 -5.46 -8.60
C ASN B 81 -4.81 -4.40 -9.65
N THR B 82 -5.72 -3.50 -9.98
CA THR B 82 -5.42 -2.37 -10.86
C THR B 82 -4.42 -1.41 -10.23
N MET B 83 -4.42 -1.22 -8.90
CA MET B 83 -3.56 -0.27 -8.18
C MET B 83 -2.11 -0.74 -8.20
N VAL B 84 -1.88 -2.02 -7.93
CA VAL B 84 -0.55 -2.66 -7.96
C VAL B 84 0.01 -2.72 -9.38
N ASN B 85 -0.83 -3.05 -10.37
CA ASN B 85 -0.43 -3.13 -11.77
C ASN B 85 -0.13 -1.73 -12.32
N TYR B 86 -0.98 -0.74 -12.01
CA TYR B 86 -0.73 0.68 -12.20
C TYR B 86 0.63 1.10 -11.66
N TYR B 87 1.03 0.65 -10.46
CA TYR B 87 2.28 1.05 -9.84
C TYR B 87 3.47 0.25 -10.34
N THR B 88 3.18 -0.88 -10.99
CA THR B 88 4.14 -1.69 -11.71
C THR B 88 4.42 -1.09 -13.12
N SER B 89 3.55 -0.17 -13.54
CA SER B 89 3.53 0.57 -14.82
C SER B 89 4.14 1.97 -14.71
N VAL B 90 3.60 2.76 -13.79
CA VAL B 90 3.62 4.24 -13.75
C VAL B 90 4.99 4.85 -13.46
N THR B 91 5.76 4.18 -12.59
CA THR B 91 6.40 4.70 -11.35
C THR B 91 6.20 6.21 -11.04
N PRO B 92 5.53 6.58 -9.94
CA PRO B 92 5.05 7.96 -9.70
C PRO B 92 6.19 8.92 -9.27
N VAL B 93 7.32 8.36 -8.79
CA VAL B 93 8.55 8.98 -8.28
C VAL B 93 8.31 9.87 -7.06
N LEU B 94 8.68 9.35 -5.87
CA LEU B 94 8.17 9.80 -4.57
C LEU B 94 8.58 11.24 -4.26
N ARG B 95 9.89 11.46 -4.05
CA ARG B 95 10.52 12.79 -3.96
C ARG B 95 11.92 12.74 -4.58
N GLY B 96 11.98 12.52 -5.90
CA GLY B 96 13.21 12.41 -6.68
C GLY B 96 13.83 11.01 -6.72
N GLN B 97 13.11 9.97 -6.28
CA GLN B 97 13.49 8.56 -6.28
C GLN B 97 12.31 7.71 -6.78
N PRO B 98 12.55 6.64 -7.57
CA PRO B 98 11.52 5.67 -7.95
C PRO B 98 10.85 5.01 -6.72
N ILE B 99 9.72 4.33 -6.94
CA ILE B 99 8.89 3.73 -5.87
C ILE B 99 8.69 2.24 -6.15
N TYR B 100 8.62 1.50 -5.06
CA TYR B 100 8.97 0.08 -5.02
C TYR B 100 7.83 -0.71 -4.38
N ILE B 101 6.94 -1.26 -5.21
CA ILE B 101 5.71 -1.93 -4.77
C ILE B 101 5.68 -3.43 -5.12
N GLN B 102 4.96 -4.21 -4.30
CA GLN B 102 4.24 -5.42 -4.73
C GLN B 102 3.09 -5.72 -3.76
N PHE B 103 2.21 -6.66 -4.08
CA PHE B 103 1.20 -7.16 -3.13
C PHE B 103 1.83 -7.61 -1.79
N SER B 104 1.07 -7.47 -0.70
CA SER B 104 1.48 -7.85 0.65
C SER B 104 1.56 -9.38 0.82
N ASN B 105 2.32 -9.84 1.82
CA ASN B 105 2.25 -11.20 2.38
C ASN B 105 0.89 -11.52 3.03
N HIS B 106 0.07 -10.49 3.30
CA HIS B 106 -1.21 -10.54 4.00
C HIS B 106 -2.36 -10.06 3.08
N LYS B 107 -3.59 -10.07 3.60
CA LYS B 107 -4.84 -9.78 2.86
C LYS B 107 -5.75 -8.75 3.56
N GLU B 108 -5.22 -8.06 4.58
CA GLU B 108 -5.96 -7.23 5.55
C GLU B 108 -4.97 -6.37 6.36
N LEU B 109 -5.41 -5.19 6.84
CA LEU B 109 -4.64 -4.28 7.68
C LEU B 109 -5.47 -3.62 8.81
N LYS B 110 -6.49 -2.83 8.45
CA LYS B 110 -7.46 -2.12 9.33
C LYS B 110 -6.95 -1.72 10.73
N THR B 111 -6.03 -0.75 10.79
CA THR B 111 -5.43 -0.22 12.05
C THR B 111 -6.36 0.65 12.91
N ASP B 112 -7.58 0.96 12.42
CA ASP B 112 -8.53 1.91 13.02
C ASP B 112 -9.07 1.54 14.42
N SER B 113 -8.92 0.28 14.85
CA SER B 113 -9.44 -0.30 16.11
C SER B 113 -8.69 0.12 17.39
N SER B 114 -8.23 1.38 17.44
CA SER B 114 -7.54 2.00 18.60
C SER B 114 -8.51 2.36 19.77
N PRO B 115 -7.99 2.60 21.00
CA PRO B 115 -8.79 3.06 22.15
C PRO B 115 -9.53 4.40 21.93
N ASN B 116 -10.50 4.68 22.81
CA ASN B 116 -11.22 5.96 22.87
C ASN B 116 -10.62 6.92 23.92
N GLN B 117 -10.79 8.24 23.73
CA GLN B 117 -10.33 9.28 24.65
C GLN B 117 -11.21 9.37 25.92
N ALA B 118 -12.52 9.57 25.75
CA ALA B 118 -13.47 9.83 26.82
C ALA B 118 -13.85 8.55 27.61
N ARG B 119 -14.29 7.49 26.91
CA ARG B 119 -14.68 6.20 27.48
C ARG B 119 -13.45 5.43 27.99
N GLY B 22 13.03 -16.25 0.19
CA GLY B 22 11.67 -15.84 -0.23
C GLY B 22 11.26 -16.48 -1.56
N ASP B 23 9.99 -16.36 -1.93
CA ASP B 23 9.39 -16.91 -3.15
C ASP B 23 8.52 -15.85 -3.87
N SER B 24 9.12 -14.70 -4.16
CA SER B 24 8.47 -13.45 -4.62
C SER B 24 7.70 -13.51 -5.94
N ARG B 25 7.79 -14.63 -6.69
CA ARG B 25 7.02 -14.94 -7.91
C ARG B 25 5.49 -14.94 -7.73
N SER B 26 5.01 -15.02 -6.49
CA SER B 26 3.62 -14.80 -6.09
C SER B 26 3.54 -14.01 -4.78
N ALA B 27 2.45 -13.27 -4.59
CA ALA B 27 2.10 -12.59 -3.33
C ALA B 27 1.45 -13.53 -2.28
N GLY B 28 1.05 -14.75 -2.66
CA GLY B 28 0.48 -15.75 -1.75
C GLY B 28 -1.02 -15.55 -1.47
N VAL B 29 -1.79 -15.25 -2.52
CA VAL B 29 -3.21 -14.84 -2.52
C VAL B 29 -3.44 -13.66 -1.54
N PRO B 30 -3.21 -12.41 -1.99
CA PRO B 30 -2.76 -11.31 -1.13
C PRO B 30 -3.82 -10.23 -0.80
N SER B 31 -5.08 -10.47 -1.15
CA SER B 31 -6.30 -9.65 -0.98
C SER B 31 -6.17 -8.33 -0.20
N ARG B 32 -6.23 -7.21 -0.94
CA ARG B 32 -6.68 -5.86 -0.54
C ARG B 32 -5.66 -4.97 0.20
N VAL B 33 -4.48 -5.46 0.57
CA VAL B 33 -3.31 -4.61 0.96
C VAL B 33 -2.11 -4.80 0.04
N ILE B 34 -1.47 -3.70 -0.35
CA ILE B 34 -0.15 -3.62 -1.02
C ILE B 34 0.87 -3.02 -0.05
N HIS B 35 2.13 -3.43 -0.14
CA HIS B 35 3.25 -2.90 0.63
C HIS B 35 4.20 -2.11 -0.29
N ILE B 36 4.33 -0.82 -0.02
CA ILE B 36 5.23 0.13 -0.67
C ILE B 36 6.56 0.13 0.12
N ARG B 37 7.72 0.07 -0.55
CA ARG B 37 9.08 0.26 0.01
C ARG B 37 9.85 1.38 -0.70
N LYS B 38 10.99 1.76 -0.10
CA LYS B 38 11.85 2.90 -0.44
C LYS B 38 11.11 4.21 -0.67
N LEU B 39 10.09 4.42 0.15
CA LEU B 39 9.50 5.74 0.46
C LEU B 39 10.55 6.69 1.10
N PRO B 40 10.20 7.97 1.33
CA PRO B 40 10.78 8.81 2.39
C PRO B 40 10.73 8.18 3.80
N ILE B 41 11.05 8.98 4.82
CA ILE B 41 11.16 8.56 6.23
C ILE B 41 9.86 7.96 6.78
N ASP B 42 8.75 8.69 6.61
CA ASP B 42 7.37 8.28 6.89
C ASP B 42 6.34 8.97 5.96
N VAL B 43 6.83 9.67 4.94
CA VAL B 43 6.10 10.58 4.03
C VAL B 43 4.91 11.30 4.71
N THR B 44 3.69 11.22 4.17
CA THR B 44 2.44 11.61 4.86
C THR B 44 1.27 10.83 4.27
N GLU B 45 0.33 10.47 5.15
CA GLU B 45 -0.86 9.71 4.81
C GLU B 45 -1.69 10.39 3.70
N GLY B 46 -1.86 11.71 3.79
CA GLY B 46 -2.59 12.50 2.80
C GLY B 46 -2.09 12.28 1.36
N GLU B 47 -0.77 12.23 1.18
CA GLU B 47 -0.13 11.87 -0.08
C GLU B 47 -0.42 10.43 -0.48
N VAL B 48 -0.15 9.47 0.41
CA VAL B 48 -0.30 8.03 0.12
C VAL B 48 -1.73 7.65 -0.25
N ILE B 49 -2.74 8.08 0.52
CA ILE B 49 -4.14 7.80 0.21
C ILE B 49 -4.63 8.56 -1.02
N SER B 50 -4.18 9.80 -1.26
CA SER B 50 -4.56 10.52 -2.50
C SER B 50 -3.92 9.90 -3.73
N LEU B 51 -2.84 9.14 -3.53
CA LEU B 51 -2.23 8.32 -4.56
C LEU B 51 -2.97 7.00 -4.81
N GLY B 52 -3.70 6.48 -3.82
CA GLY B 52 -4.52 5.27 -3.99
C GLY B 52 -5.99 5.53 -4.35
N LEU B 53 -6.51 6.72 -4.06
CA LEU B 53 -7.93 7.03 -4.14
C LEU B 53 -8.60 6.88 -5.52
N PRO B 54 -8.00 7.32 -6.65
CA PRO B 54 -8.52 7.10 -8.01
C PRO B 54 -8.77 5.65 -8.42
N PHE B 55 -8.39 4.68 -7.59
CA PHE B 55 -8.34 3.29 -8.00
C PHE B 55 -9.50 2.46 -7.46
N GLY B 56 -9.95 2.73 -6.24
CA GLY B 56 -11.14 2.14 -5.65
C GLY B 56 -11.78 3.05 -4.61
N LYS B 57 -11.62 2.62 -3.37
CA LYS B 57 -12.00 3.23 -2.11
C LYS B 57 -10.95 2.74 -1.11
N VAL B 58 -10.20 3.61 -0.44
CA VAL B 58 -8.92 3.22 0.20
C VAL B 58 -8.93 3.68 1.65
N THR B 59 -9.52 2.81 2.46
CA THR B 59 -10.02 3.05 3.82
C THR B 59 -8.93 2.96 4.88
N ASN B 60 -7.78 2.34 4.55
CA ASN B 60 -6.63 2.30 5.44
C ASN B 60 -5.28 2.44 4.74
N LEU B 61 -4.28 2.82 5.53
CA LEU B 61 -2.86 2.62 5.29
C LEU B 61 -2.11 2.38 6.62
N LEU B 62 -0.82 2.10 6.52
CA LEU B 62 0.10 1.89 7.63
C LEU B 62 1.52 2.28 7.22
N MET B 63 2.37 2.67 8.18
CA MET B 63 3.66 3.32 7.90
C MET B 63 4.79 2.72 8.75
N LEU B 64 5.53 1.76 8.20
CA LEU B 64 6.73 1.16 8.80
C LEU B 64 7.94 2.12 8.70
N LYS B 65 8.12 2.94 9.75
CA LYS B 65 9.21 3.93 9.85
C LYS B 65 10.62 3.33 9.89
N GLY B 66 10.74 2.03 10.19
CA GLY B 66 12.01 1.31 10.39
C GLY B 66 12.90 1.20 9.15
N LYS B 67 12.35 0.74 8.02
CA LYS B 67 13.09 0.41 6.77
C LYS B 67 12.52 1.13 5.53
N ASN B 68 11.81 2.25 5.74
CA ASN B 68 11.17 3.08 4.72
C ASN B 68 10.07 2.36 3.93
N GLN B 69 9.14 1.70 4.62
CA GLN B 69 8.01 1.02 4.00
C GLN B 69 6.63 1.39 4.60
N ALA B 70 5.56 0.92 3.97
CA ALA B 70 4.16 1.21 4.27
C ALA B 70 3.27 0.09 3.72
N PHE B 71 2.03 0.02 4.21
CA PHE B 71 0.92 -0.70 3.58
C PHE B 71 -0.05 0.35 3.00
N ILE B 72 -0.83 -0.01 1.98
CA ILE B 72 -2.01 0.75 1.53
C ILE B 72 -3.15 -0.24 1.29
N GLU B 73 -4.29 -0.03 1.97
CA GLU B 73 -5.40 -0.97 2.13
C GLU B 73 -6.70 -0.41 1.58
N MET B 74 -7.24 -1.17 0.65
CA MET B 74 -8.29 -0.71 -0.24
C MET B 74 -9.39 -1.73 -0.46
N ASN B 75 -10.58 -1.20 -0.70
CA ASN B 75 -11.86 -1.83 -0.45
C ASN B 75 -12.18 -3.01 -1.39
N THR B 76 -11.49 -3.11 -2.53
CA THR B 76 -11.72 -4.12 -3.56
C THR B 76 -10.41 -4.68 -4.12
N GLU B 77 -10.45 -5.98 -4.38
CA GLU B 77 -9.38 -6.75 -4.98
C GLU B 77 -9.01 -6.18 -6.36
N GLU B 78 -10.00 -5.71 -7.12
CA GLU B 78 -9.80 -5.13 -8.45
C GLU B 78 -9.15 -3.75 -8.43
N ALA B 79 -9.53 -2.86 -7.52
CA ALA B 79 -8.81 -1.61 -7.31
C ALA B 79 -7.35 -1.90 -7.04
N ALA B 80 -7.04 -2.75 -6.07
CA ALA B 80 -5.65 -3.02 -5.77
C ALA B 80 -4.89 -3.78 -6.85
N ASN B 81 -5.52 -4.73 -7.54
CA ASN B 81 -4.96 -5.37 -8.73
C ASN B 81 -4.59 -4.32 -9.78
N THR B 82 -5.52 -3.42 -10.12
CA THR B 82 -5.24 -2.31 -11.03
C THR B 82 -4.18 -1.37 -10.44
N MET B 83 -4.17 -1.15 -9.12
CA MET B 83 -3.25 -0.21 -8.45
C MET B 83 -1.80 -0.70 -8.55
N VAL B 84 -1.58 -1.96 -8.18
CA VAL B 84 -0.27 -2.62 -8.21
C VAL B 84 0.27 -2.75 -9.65
N ASN B 85 -0.61 -3.05 -10.62
CA ASN B 85 -0.23 -3.13 -12.04
C ASN B 85 0.08 -1.74 -12.61
N TYR B 86 -0.77 -0.75 -12.31
CA TYR B 86 -0.50 0.67 -12.54
C TYR B 86 0.87 1.12 -11.99
N TYR B 87 1.35 0.56 -10.87
CA TYR B 87 2.61 0.95 -10.25
C TYR B 87 3.79 0.13 -10.71
N THR B 88 3.56 -0.97 -11.42
CA THR B 88 4.63 -1.64 -12.18
C THR B 88 4.79 -1.04 -13.57
N SER B 89 3.78 -0.26 -14.00
CA SER B 89 3.75 0.64 -15.14
C SER B 89 4.51 1.94 -14.86
N VAL B 90 4.07 2.67 -13.81
CA VAL B 90 4.27 4.11 -13.69
C VAL B 90 5.56 4.47 -12.91
N THR B 91 5.70 3.83 -11.75
CA THR B 91 6.42 4.23 -10.52
C THR B 91 6.14 5.69 -10.08
N PRO B 92 5.70 5.97 -8.83
CA PRO B 92 5.27 7.32 -8.44
C PRO B 92 6.39 8.34 -8.19
N VAL B 93 7.64 7.86 -8.05
CA VAL B 93 8.91 8.57 -7.89
C VAL B 93 8.80 9.92 -7.18
N LEU B 94 8.98 9.85 -5.87
CA LEU B 94 8.03 10.50 -4.95
C LEU B 94 8.65 11.80 -4.42
N ARG B 95 9.83 11.69 -3.78
CA ARG B 95 10.74 12.80 -3.45
C ARG B 95 11.78 13.10 -4.55
N GLY B 96 11.65 12.42 -5.69
CA GLY B 96 12.54 12.50 -6.86
C GLY B 96 13.51 11.32 -7.02
N GLN B 97 13.23 10.16 -6.41
CA GLN B 97 14.03 8.95 -6.48
C GLN B 97 13.14 7.70 -6.43
N PRO B 98 13.42 6.61 -7.18
CA PRO B 98 12.51 5.48 -7.41
C PRO B 98 11.91 4.85 -6.16
N ILE B 99 10.67 4.36 -6.32
CA ILE B 99 9.82 3.74 -5.29
C ILE B 99 9.53 2.30 -5.69
N TYR B 100 9.28 1.43 -4.72
CA TYR B 100 9.08 0.00 -4.93
C TYR B 100 7.71 -0.43 -4.39
N ILE B 101 7.02 -1.34 -5.08
CA ILE B 101 5.77 -1.98 -4.62
C ILE B 101 5.81 -3.50 -4.79
N GLN B 102 5.14 -4.22 -3.89
CA GLN B 102 4.45 -5.49 -4.19
C GLN B 102 3.20 -5.63 -3.32
N PHE B 103 2.28 -6.53 -3.71
CA PHE B 103 1.16 -6.96 -2.87
C PHE B 103 1.63 -7.45 -1.47
N SER B 104 0.81 -7.24 -0.44
CA SER B 104 1.11 -7.70 0.92
C SER B 104 0.93 -9.21 1.08
N ASN B 105 1.89 -9.89 1.71
CA ASN B 105 1.79 -11.32 1.98
C ASN B 105 0.70 -11.69 3.01
N HIS B 106 0.25 -10.74 3.84
CA HIS B 106 -0.75 -10.99 4.90
C HIS B 106 -2.16 -11.27 4.35
N LYS B 107 -2.65 -10.37 3.47
CA LYS B 107 -4.06 -9.98 3.24
C LYS B 107 -4.56 -9.00 4.32
N GLU B 108 -5.53 -8.17 3.94
CA GLU B 108 -6.42 -7.34 4.76
C GLU B 108 -5.82 -6.69 6.04
N LEU B 109 -5.38 -5.44 5.92
CA LEU B 109 -4.90 -4.58 7.02
C LEU B 109 -6.03 -4.27 8.01
N LYS B 110 -5.96 -4.83 9.22
CA LYS B 110 -6.85 -4.52 10.36
C LYS B 110 -6.18 -3.51 11.30
N THR B 111 -6.99 -2.60 11.84
CA THR B 111 -6.56 -1.45 12.65
C THR B 111 -7.47 -1.25 13.86
N ASP B 112 -6.95 -0.63 14.94
CA ASP B 112 -7.61 -0.54 16.24
C ASP B 112 -8.75 0.50 16.28
N SER B 113 -8.43 1.79 16.12
CA SER B 113 -9.35 2.92 16.18
C SER B 113 -10.24 3.06 14.92
N SER B 114 -11.37 3.78 15.07
CA SER B 114 -12.23 4.20 13.95
C SER B 114 -11.66 5.43 13.21
N PRO B 115 -12.11 5.72 11.97
CA PRO B 115 -11.71 6.93 11.22
C PRO B 115 -12.02 8.23 11.96
N ASN B 116 -13.24 8.37 12.49
CA ASN B 116 -13.73 9.55 13.21
C ASN B 116 -14.93 9.18 14.12
N GLN B 117 -15.05 9.85 15.28
CA GLN B 117 -16.26 9.83 16.12
C GLN B 117 -17.30 10.82 15.57
N ALA B 118 -18.22 10.32 14.74
CA ALA B 118 -19.26 11.11 14.10
C ALA B 118 -20.28 11.75 15.09
N ARG B 119 -21.06 12.72 14.59
CA ARG B 119 -22.17 13.38 15.28
C ARG B 119 -23.34 12.42 15.56
N GLY B 22 3.78 -21.33 -11.91
CA GLY B 22 4.74 -22.05 -11.05
C GLY B 22 4.57 -21.67 -9.58
N ASP B 23 5.67 -21.56 -8.85
CA ASP B 23 5.69 -21.10 -7.45
C ASP B 23 5.37 -19.59 -7.28
N SER B 24 5.11 -19.17 -6.04
CA SER B 24 4.88 -17.77 -5.62
C SER B 24 5.51 -17.49 -4.25
N ARG B 25 5.83 -16.22 -3.97
CA ARG B 25 6.45 -15.76 -2.70
C ARG B 25 5.86 -14.45 -2.16
N SER B 26 6.00 -13.35 -2.90
CA SER B 26 5.80 -11.98 -2.41
C SER B 26 4.38 -11.59 -1.97
N ALA B 27 3.34 -12.37 -2.31
CA ALA B 27 1.94 -12.00 -2.12
C ALA B 27 1.10 -13.15 -1.51
N GLY B 28 0.95 -14.27 -2.23
CA GLY B 28 0.27 -15.49 -1.74
C GLY B 28 -1.22 -15.53 -2.09
N VAL B 29 -1.52 -15.57 -3.40
CA VAL B 29 -2.85 -15.41 -4.02
C VAL B 29 -3.60 -14.20 -3.40
N PRO B 30 -3.15 -12.98 -3.74
CA PRO B 30 -3.33 -11.77 -2.94
C PRO B 30 -4.61 -10.98 -3.29
N SER B 31 -4.94 -9.97 -2.47
CA SER B 31 -6.27 -9.32 -2.44
C SER B 31 -6.22 -7.79 -2.26
N ARG B 32 -6.15 -7.28 -1.02
CA ARG B 32 -6.53 -5.88 -0.69
C ARG B 32 -5.50 -4.99 0.03
N VAL B 33 -4.43 -5.52 0.64
CA VAL B 33 -3.28 -4.71 1.09
C VAL B 33 -2.07 -4.89 0.17
N ILE B 34 -1.42 -3.78 -0.16
CA ILE B 34 -0.14 -3.64 -0.86
C ILE B 34 0.87 -3.04 0.12
N HIS B 35 2.17 -3.28 -0.09
CA HIS B 35 3.27 -2.74 0.71
C HIS B 35 4.23 -1.94 -0.19
N ILE B 36 4.64 -0.77 0.30
CA ILE B 36 5.47 0.23 -0.39
C ILE B 36 6.75 0.47 0.42
N ARG B 37 7.92 0.17 -0.14
CA ARG B 37 9.26 0.39 0.47
C ARG B 37 9.94 1.67 -0.04
N LYS B 38 11.13 1.97 0.51
CA LYS B 38 12.04 3.08 0.15
C LYS B 38 11.43 4.48 0.30
N LEU B 39 10.45 4.62 1.19
CA LEU B 39 9.82 5.92 1.49
C LEU B 39 10.85 6.89 2.13
N PRO B 40 10.72 8.23 1.96
CA PRO B 40 11.63 9.25 2.49
C PRO B 40 12.01 9.07 3.97
N ILE B 41 11.03 9.22 4.85
CA ILE B 41 11.03 9.10 6.32
C ILE B 41 9.62 8.85 6.84
N ASP B 42 8.65 9.57 6.26
CA ASP B 42 7.26 9.67 6.74
C ASP B 42 6.26 9.99 5.62
N VAL B 43 6.76 10.39 4.43
CA VAL B 43 6.05 11.10 3.36
C VAL B 43 4.96 12.04 3.93
N THR B 44 3.71 11.87 3.55
CA THR B 44 2.52 12.26 4.30
C THR B 44 1.41 11.29 3.88
N GLU B 45 0.67 10.74 4.84
CA GLU B 45 -0.30 9.71 4.55
C GLU B 45 -1.52 10.24 3.75
N GLY B 46 -1.74 11.55 3.80
CA GLY B 46 -2.61 12.30 2.89
C GLY B 46 -2.19 12.19 1.41
N GLU B 47 -0.89 12.09 1.13
CA GLU B 47 -0.38 11.77 -0.22
C GLU B 47 -0.54 10.29 -0.55
N VAL B 48 -0.29 9.40 0.41
CA VAL B 48 -0.43 7.95 0.19
C VAL B 48 -1.84 7.56 -0.27
N ILE B 49 -2.91 8.06 0.35
CA ILE B 49 -4.28 7.77 -0.12
C ILE B 49 -4.77 8.70 -1.23
N SER B 50 -4.24 9.92 -1.38
CA SER B 50 -4.46 10.72 -2.61
C SER B 50 -3.90 9.99 -3.82
N LEU B 51 -2.83 9.23 -3.62
CA LEU B 51 -2.27 8.33 -4.60
C LEU B 51 -3.12 7.07 -4.80
N GLY B 52 -3.81 6.57 -3.77
CA GLY B 52 -4.64 5.38 -3.91
C GLY B 52 -6.07 5.64 -4.41
N LEU B 53 -6.57 6.87 -4.30
CA LEU B 53 -7.99 7.17 -4.48
C LEU B 53 -8.60 7.05 -5.88
N PRO B 54 -7.87 7.33 -6.99
CA PRO B 54 -8.33 7.04 -8.36
C PRO B 54 -8.59 5.57 -8.69
N PHE B 55 -8.43 4.65 -7.74
CA PHE B 55 -8.40 3.22 -8.01
C PHE B 55 -9.56 2.46 -7.35
N GLY B 56 -9.87 2.76 -6.09
CA GLY B 56 -11.02 2.19 -5.38
C GLY B 56 -11.58 3.16 -4.35
N LYS B 57 -11.37 2.85 -3.07
CA LYS B 57 -11.81 3.67 -1.93
C LYS B 57 -10.87 3.70 -0.72
N VAL B 58 -9.89 2.79 -0.69
CA VAL B 58 -8.68 2.75 0.17
C VAL B 58 -8.93 3.07 1.64
N THR B 59 -9.42 2.02 2.33
CA THR B 59 -9.99 1.95 3.66
C THR B 59 -8.96 2.27 4.73
N ASN B 60 -7.74 1.73 4.60
CA ASN B 60 -6.66 1.94 5.56
C ASN B 60 -5.29 2.16 4.88
N LEU B 61 -4.31 2.56 5.71
CA LEU B 61 -2.88 2.45 5.49
C LEU B 61 -2.14 2.21 6.82
N LEU B 62 -0.83 1.96 6.72
CA LEU B 62 0.10 1.78 7.84
C LEU B 62 1.50 2.23 7.42
N MET B 63 2.37 2.60 8.36
CA MET B 63 3.74 3.09 8.10
C MET B 63 4.81 2.36 8.94
N LEU B 64 5.65 1.55 8.27
CA LEU B 64 6.76 0.78 8.84
C LEU B 64 8.00 1.66 9.12
N LYS B 65 8.14 2.08 10.38
CA LYS B 65 9.35 2.71 10.94
C LYS B 65 10.46 1.67 11.21
N GLY B 66 10.97 1.04 10.13
CA GLY B 66 12.00 -0.01 10.18
C GLY B 66 12.99 0.05 9.01
N LYS B 67 12.52 -0.28 7.81
CA LYS B 67 13.25 -0.21 6.53
C LYS B 67 12.62 0.84 5.58
N ASN B 68 11.96 1.86 6.17
CA ASN B 68 11.18 2.90 5.50
C ASN B 68 10.13 2.32 4.54
N GLN B 69 9.11 1.65 5.09
CA GLN B 69 8.00 1.10 4.29
C GLN B 69 6.61 1.54 4.79
N ALA B 70 5.56 1.06 4.15
CA ALA B 70 4.14 1.30 4.45
C ALA B 70 3.29 0.14 3.91
N PHE B 71 2.05 0.06 4.38
CA PHE B 71 0.96 -0.69 3.75
C PHE B 71 -0.03 0.33 3.15
N ILE B 72 -0.74 -0.02 2.07
CA ILE B 72 -1.90 0.71 1.56
C ILE B 72 -3.01 -0.32 1.26
N GLU B 73 -4.15 -0.17 1.93
CA GLU B 73 -5.22 -1.16 2.05
C GLU B 73 -6.53 -0.61 1.52
N MET B 74 -7.21 -1.42 0.72
CA MET B 74 -8.36 -0.90 -0.02
C MET B 74 -9.59 -1.79 -0.09
N ASN B 75 -10.70 -1.11 -0.37
CA ASN B 75 -12.08 -1.58 -0.23
C ASN B 75 -12.44 -2.70 -1.23
N THR B 76 -11.65 -2.85 -2.31
CA THR B 76 -11.83 -3.89 -3.34
C THR B 76 -10.51 -4.46 -3.82
N GLU B 77 -10.56 -5.76 -4.09
CA GLU B 77 -9.44 -6.54 -4.61
C GLU B 77 -9.09 -6.10 -6.04
N GLU B 78 -10.09 -5.67 -6.82
CA GLU B 78 -9.90 -5.18 -8.18
C GLU B 78 -9.24 -3.80 -8.22
N ALA B 79 -9.58 -2.89 -7.29
CA ALA B 79 -8.86 -1.65 -7.12
C ALA B 79 -7.40 -1.94 -6.84
N ALA B 80 -7.08 -2.68 -5.78
CA ALA B 80 -5.68 -2.96 -5.49
C ALA B 80 -4.94 -3.73 -6.59
N ASN B 81 -5.58 -4.70 -7.23
CA ASN B 81 -5.03 -5.39 -8.40
C ASN B 81 -4.68 -4.37 -9.51
N THR B 82 -5.62 -3.49 -9.88
CA THR B 82 -5.34 -2.43 -10.85
C THR B 82 -4.28 -1.46 -10.31
N MET B 83 -4.22 -1.22 -8.99
CA MET B 83 -3.32 -0.27 -8.35
C MET B 83 -1.87 -0.78 -8.39
N VAL B 84 -1.65 -2.03 -7.99
CA VAL B 84 -0.34 -2.69 -8.01
C VAL B 84 0.18 -2.86 -9.43
N ASN B 85 -0.68 -3.20 -10.40
CA ASN B 85 -0.32 -3.33 -11.81
C ASN B 85 0.02 -1.97 -12.39
N TYR B 86 -0.80 -0.96 -12.13
CA TYR B 86 -0.50 0.47 -12.38
C TYR B 86 0.87 0.89 -11.84
N TYR B 87 1.28 0.45 -10.64
CA TYR B 87 2.53 0.86 -10.03
C TYR B 87 3.71 -0.02 -10.42
N THR B 88 3.39 -1.15 -11.04
CA THR B 88 4.36 -2.01 -11.71
C THR B 88 4.67 -1.46 -13.12
N SER B 89 3.80 -0.58 -13.62
CA SER B 89 3.85 0.17 -14.88
C SER B 89 4.55 1.53 -14.74
N VAL B 90 4.04 2.38 -13.85
CA VAL B 90 4.08 3.84 -13.97
C VAL B 90 5.42 4.49 -13.56
N THR B 91 6.03 3.91 -12.52
CA THR B 91 6.73 4.52 -11.37
C THR B 91 6.54 6.05 -11.18
N PRO B 92 5.87 6.51 -10.11
CA PRO B 92 5.41 7.90 -9.96
C PRO B 92 6.52 8.86 -9.51
N VAL B 93 7.61 8.33 -8.91
CA VAL B 93 8.83 9.00 -8.44
C VAL B 93 8.57 10.00 -7.31
N LEU B 94 8.84 9.57 -6.06
CA LEU B 94 8.20 10.13 -4.87
C LEU B 94 8.67 11.55 -4.55
N ARG B 95 9.89 11.69 -4.01
CA ARG B 95 10.55 12.98 -3.73
C ARG B 95 11.41 13.39 -4.94
N GLY B 96 12.14 12.42 -5.48
CA GLY B 96 13.04 12.54 -6.64
C GLY B 96 13.70 11.21 -7.04
N GLN B 97 13.13 10.08 -6.59
CA GLN B 97 13.68 8.73 -6.68
C GLN B 97 12.55 7.71 -6.92
N PRO B 98 12.84 6.52 -7.49
CA PRO B 98 11.84 5.51 -7.76
C PRO B 98 11.10 5.02 -6.50
N ILE B 99 9.95 4.35 -6.72
CA ILE B 99 9.07 3.82 -5.67
C ILE B 99 8.79 2.34 -5.93
N TYR B 100 8.59 1.62 -4.83
CA TYR B 100 8.85 0.19 -4.74
C TYR B 100 7.64 -0.54 -4.16
N ILE B 101 6.78 -1.07 -5.03
CA ILE B 101 5.54 -1.76 -4.62
C ILE B 101 5.61 -3.27 -4.83
N GLN B 102 4.97 -4.02 -3.93
CA GLN B 102 4.43 -5.37 -4.12
C GLN B 102 3.14 -5.52 -3.30
N PHE B 103 2.28 -6.48 -3.65
CA PHE B 103 1.18 -6.90 -2.77
C PHE B 103 1.70 -7.32 -1.37
N SER B 104 0.84 -7.23 -0.36
CA SER B 104 1.18 -7.64 1.01
C SER B 104 1.11 -9.16 1.21
N ASN B 105 1.95 -9.69 2.10
CA ASN B 105 1.89 -11.05 2.63
C ASN B 105 0.57 -11.34 3.38
N HIS B 106 -0.02 -10.33 4.02
CA HIS B 106 -1.23 -10.45 4.85
C HIS B 106 -2.54 -10.27 4.05
N LYS B 107 -2.46 -9.66 2.85
CA LYS B 107 -3.51 -9.38 1.85
C LYS B 107 -4.83 -8.73 2.33
N GLU B 108 -4.90 -8.28 3.58
CA GLU B 108 -5.97 -7.49 4.22
C GLU B 108 -5.46 -6.88 5.55
N LEU B 109 -5.57 -5.55 5.71
CA LEU B 109 -5.11 -4.77 6.88
C LEU B 109 -6.31 -4.29 7.71
N LYS B 110 -6.51 -4.92 8.88
CA LYS B 110 -7.51 -4.55 9.90
C LYS B 110 -6.84 -4.49 11.27
N THR B 111 -6.22 -3.34 11.57
CA THR B 111 -5.17 -3.14 12.59
C THR B 111 -5.51 -3.61 14.00
N ASP B 112 -6.75 -3.46 14.45
CA ASP B 112 -7.21 -3.74 15.82
C ASP B 112 -8.46 -4.65 15.90
N SER B 113 -8.92 -5.18 14.76
CA SER B 113 -10.21 -5.86 14.64
C SER B 113 -10.29 -7.22 15.38
N SER B 114 -11.52 -7.60 15.74
CA SER B 114 -11.91 -8.85 16.40
C SER B 114 -11.75 -10.10 15.49
N PRO B 115 -11.85 -11.32 16.07
CA PRO B 115 -12.19 -12.53 15.31
C PRO B 115 -13.63 -12.48 14.75
N ASN B 116 -14.07 -13.56 14.08
CA ASN B 116 -15.39 -13.71 13.46
C ASN B 116 -16.57 -13.72 14.47
N GLN B 117 -16.90 -12.54 15.01
CA GLN B 117 -18.05 -12.29 15.89
C GLN B 117 -19.41 -12.49 15.18
N ALA B 118 -20.50 -12.55 15.94
CA ALA B 118 -21.85 -12.86 15.44
C ALA B 118 -23.00 -12.06 16.10
N ARG B 119 -22.94 -11.84 17.41
CA ARG B 119 -23.96 -11.13 18.22
C ARG B 119 -23.39 -9.94 19.02
N GLY B 22 18.16 -10.01 -10.28
CA GLY B 22 17.25 -11.10 -10.71
C GLY B 22 15.83 -10.88 -10.18
N ASP B 23 15.10 -11.97 -9.95
CA ASP B 23 13.74 -11.96 -9.38
C ASP B 23 13.72 -11.36 -7.94
N SER B 24 12.69 -10.56 -7.63
CA SER B 24 12.57 -9.81 -6.37
C SER B 24 11.15 -9.68 -5.77
N ARG B 25 10.11 -10.11 -6.50
CA ARG B 25 8.70 -10.01 -6.06
C ARG B 25 8.36 -10.89 -4.85
N SER B 26 7.25 -10.57 -4.19
CA SER B 26 6.47 -11.45 -3.31
C SER B 26 5.05 -10.90 -3.11
N ALA B 27 4.11 -11.80 -2.81
CA ALA B 27 2.75 -11.57 -2.32
C ALA B 27 2.27 -12.86 -1.59
N GLY B 28 1.00 -12.99 -1.21
CA GLY B 28 0.46 -14.14 -0.46
C GLY B 28 -0.89 -14.58 -1.01
N VAL B 29 -0.88 -15.12 -2.24
CA VAL B 29 -2.04 -15.33 -3.14
C VAL B 29 -3.06 -14.18 -3.00
N PRO B 30 -2.67 -12.98 -3.48
CA PRO B 30 -2.94 -11.72 -2.78
C PRO B 30 -4.24 -11.03 -3.22
N SER B 31 -4.70 -10.07 -2.40
CA SER B 31 -6.07 -9.51 -2.48
C SER B 31 -6.13 -7.97 -2.41
N ARG B 32 -6.08 -7.39 -1.20
CA ARG B 32 -6.52 -5.99 -0.94
C ARG B 32 -5.48 -5.06 -0.30
N VAL B 33 -4.34 -5.57 0.19
CA VAL B 33 -3.23 -4.74 0.69
C VAL B 33 -2.00 -4.83 -0.21
N ILE B 34 -1.37 -3.67 -0.47
CA ILE B 34 -0.12 -3.48 -1.22
C ILE B 34 0.91 -2.84 -0.29
N HIS B 35 2.16 -3.25 -0.42
CA HIS B 35 3.30 -2.77 0.37
C HIS B 35 4.28 -1.97 -0.50
N ILE B 36 4.94 -0.99 0.11
CA ILE B 36 5.88 -0.04 -0.54
C ILE B 36 7.16 0.07 0.30
N ARG B 37 8.35 0.12 -0.33
CA ARG B 37 9.66 0.47 0.31
C ARG B 37 10.13 1.87 -0.09
N LYS B 38 11.27 2.32 0.47
CA LYS B 38 12.08 3.48 0.04
C LYS B 38 11.49 4.86 0.35
N LEU B 39 10.40 4.93 1.13
CA LEU B 39 9.73 6.20 1.42
C LEU B 39 10.62 7.19 2.19
N PRO B 40 10.30 8.50 2.17
CA PRO B 40 10.82 9.49 3.10
C PRO B 40 10.67 9.13 4.60
N ILE B 41 11.26 9.98 5.43
CA ILE B 41 11.51 9.78 6.88
C ILE B 41 10.23 9.58 7.69
N ASP B 42 9.17 10.27 7.29
CA ASP B 42 7.78 10.04 7.72
C ASP B 42 6.75 10.16 6.58
N VAL B 43 7.18 10.66 5.42
CA VAL B 43 6.35 11.08 4.26
C VAL B 43 5.07 11.80 4.71
N THR B 44 3.93 11.55 4.07
CA THR B 44 2.60 11.69 4.69
C THR B 44 1.63 10.67 4.11
N GLU B 45 0.81 10.11 4.99
CA GLU B 45 -0.25 9.21 4.59
C GLU B 45 -1.19 9.86 3.56
N GLY B 46 -1.39 11.17 3.66
CA GLY B 46 -2.18 11.97 2.72
C GLY B 46 -1.61 11.93 1.29
N GLU B 47 -0.29 11.84 1.12
CA GLU B 47 0.33 11.53 -0.16
C GLU B 47 0.00 10.12 -0.61
N VAL B 48 0.29 9.11 0.23
CA VAL B 48 0.11 7.69 -0.13
C VAL B 48 -1.35 7.36 -0.52
N ILE B 49 -2.34 7.84 0.24
CA ILE B 49 -3.76 7.60 -0.02
C ILE B 49 -4.37 8.50 -1.07
N SER B 50 -3.87 9.72 -1.26
CA SER B 50 -4.26 10.53 -2.45
C SER B 50 -3.79 9.85 -3.73
N LEU B 51 -2.69 9.10 -3.63
CA LEU B 51 -2.19 8.27 -4.71
C LEU B 51 -2.94 6.93 -4.87
N GLY B 52 -3.65 6.44 -3.84
CA GLY B 52 -4.44 5.21 -3.95
C GLY B 52 -5.94 5.38 -4.13
N LEU B 53 -6.50 6.57 -3.85
CA LEU B 53 -7.94 6.81 -3.83
C LEU B 53 -8.71 6.59 -5.16
N PRO B 54 -8.33 7.18 -6.31
CA PRO B 54 -9.03 7.03 -7.59
C PRO B 54 -8.81 5.66 -8.27
N PHE B 55 -8.79 4.60 -7.46
CA PHE B 55 -8.64 3.21 -7.84
C PHE B 55 -9.74 2.34 -7.24
N GLY B 56 -10.16 2.63 -6.00
CA GLY B 56 -11.36 2.06 -5.40
C GLY B 56 -11.96 3.00 -4.36
N LYS B 57 -11.80 2.56 -3.12
CA LYS B 57 -12.10 3.17 -1.82
C LYS B 57 -11.05 2.58 -0.89
N VAL B 58 -10.34 3.36 -0.08
CA VAL B 58 -9.09 2.89 0.55
C VAL B 58 -9.13 3.11 2.06
N THR B 59 -9.60 2.07 2.75
CA THR B 59 -10.10 2.08 4.11
C THR B 59 -8.98 2.04 5.16
N ASN B 60 -7.85 1.37 4.89
CA ASN B 60 -6.70 1.39 5.78
C ASN B 60 -5.36 1.70 5.09
N LEU B 61 -4.39 2.13 5.90
CA LEU B 61 -2.97 2.24 5.58
C LEU B 61 -2.13 1.95 6.84
N LEU B 62 -0.82 1.77 6.67
CA LEU B 62 0.17 1.62 7.73
C LEU B 62 1.51 2.17 7.25
N MET B 63 2.33 2.64 8.20
CA MET B 63 3.67 3.16 7.95
C MET B 63 4.70 2.46 8.86
N LEU B 64 5.57 1.64 8.27
CA LEU B 64 6.63 0.91 8.97
C LEU B 64 7.75 1.88 9.41
N LYS B 65 7.51 2.59 10.51
CA LYS B 65 8.26 3.74 11.02
C LYS B 65 9.79 3.57 10.98
N GLY B 66 10.29 2.43 11.47
CA GLY B 66 11.74 2.17 11.62
C GLY B 66 12.48 1.75 10.34
N LYS B 67 11.76 1.40 9.25
CA LYS B 67 12.35 0.85 8.01
C LYS B 67 11.95 1.61 6.72
N ASN B 68 11.20 2.70 6.82
CA ASN B 68 10.73 3.52 5.68
C ASN B 68 9.87 2.73 4.67
N GLN B 69 9.05 1.80 5.17
CA GLN B 69 8.11 1.04 4.35
C GLN B 69 6.64 1.43 4.69
N ALA B 70 5.65 0.89 3.98
CA ALA B 70 4.21 1.09 4.24
C ALA B 70 3.36 -0.04 3.65
N PHE B 71 2.09 -0.06 4.05
CA PHE B 71 0.98 -0.79 3.42
C PHE B 71 -0.07 0.25 2.97
N ILE B 72 -0.86 -0.05 1.94
CA ILE B 72 -2.11 0.64 1.62
C ILE B 72 -3.18 -0.40 1.28
N GLU B 73 -4.34 -0.32 1.94
CA GLU B 73 -5.34 -1.39 2.02
C GLU B 73 -6.75 -0.91 1.71
N MET B 74 -7.32 -1.53 0.69
CA MET B 74 -8.44 -0.98 -0.06
C MET B 74 -9.62 -1.95 -0.20
N ASN B 75 -10.76 -1.38 -0.55
CA ASN B 75 -12.09 -1.97 -0.32
C ASN B 75 -12.48 -3.10 -1.29
N THR B 76 -11.72 -3.28 -2.39
CA THR B 76 -11.94 -4.31 -3.41
C THR B 76 -10.60 -4.85 -3.93
N GLU B 77 -10.58 -6.15 -4.20
CA GLU B 77 -9.44 -6.85 -4.79
C GLU B 77 -9.11 -6.32 -6.19
N GLU B 78 -10.13 -5.89 -6.94
CA GLU B 78 -9.96 -5.33 -8.28
C GLU B 78 -9.44 -3.90 -8.26
N ALA B 79 -9.83 -3.07 -7.28
CA ALA B 79 -9.19 -1.78 -7.06
C ALA B 79 -7.70 -1.96 -6.83
N ALA B 80 -7.31 -2.83 -5.89
CA ALA B 80 -5.89 -3.01 -5.62
C ALA B 80 -5.12 -3.69 -6.77
N ASN B 81 -5.70 -4.68 -7.42
CA ASN B 81 -5.14 -5.26 -8.64
C ASN B 81 -4.91 -4.17 -9.71
N THR B 82 -5.90 -3.30 -9.98
CA THR B 82 -5.71 -2.18 -10.90
C THR B 82 -4.68 -1.18 -10.37
N MET B 83 -4.58 -0.99 -9.04
CA MET B 83 -3.64 -0.08 -8.40
C MET B 83 -2.20 -0.56 -8.64
N VAL B 84 -1.91 -1.80 -8.23
CA VAL B 84 -0.62 -2.46 -8.40
C VAL B 84 -0.23 -2.55 -9.88
N ASN B 85 -1.17 -2.87 -10.77
CA ASN B 85 -0.90 -2.97 -12.22
C ASN B 85 -0.53 -1.61 -12.83
N TYR B 86 -1.22 -0.52 -12.46
CA TYR B 86 -0.79 0.84 -12.76
C TYR B 86 0.64 1.13 -12.28
N TYR B 87 1.05 0.60 -11.12
CA TYR B 87 2.39 0.84 -10.59
C TYR B 87 3.44 -0.13 -11.14
N THR B 88 2.97 -1.20 -11.76
CA THR B 88 3.79 -2.12 -12.54
C THR B 88 3.97 -1.61 -13.98
N SER B 89 3.14 -0.63 -14.37
CA SER B 89 3.17 0.14 -15.61
C SER B 89 4.19 1.29 -15.53
N VAL B 90 4.10 2.03 -14.42
CA VAL B 90 4.71 3.35 -14.18
C VAL B 90 6.06 3.21 -13.44
N THR B 91 6.72 4.34 -13.19
CA THR B 91 7.21 4.61 -11.82
C THR B 91 6.95 6.09 -11.49
N PRO B 92 6.34 6.44 -10.34
CA PRO B 92 5.83 7.79 -10.09
C PRO B 92 6.93 8.77 -9.59
N VAL B 93 8.06 8.21 -9.12
CA VAL B 93 9.29 8.86 -8.63
C VAL B 93 9.05 9.81 -7.44
N LEU B 94 9.32 9.31 -6.22
CA LEU B 94 8.74 9.80 -4.98
C LEU B 94 9.21 11.23 -4.63
N ARG B 95 10.52 11.38 -4.41
CA ARG B 95 11.22 12.64 -4.06
C ARG B 95 12.39 13.01 -4.99
N GLY B 96 12.59 12.22 -6.05
CA GLY B 96 13.84 12.15 -6.81
C GLY B 96 14.44 10.74 -6.94
N GLN B 97 13.70 9.70 -6.52
CA GLN B 97 14.09 8.29 -6.48
C GLN B 97 12.92 7.40 -6.94
N PRO B 98 13.16 6.29 -7.65
CA PRO B 98 12.11 5.33 -8.03
C PRO B 98 11.37 4.74 -6.82
N ILE B 99 10.24 4.09 -7.07
CA ILE B 99 9.33 3.58 -6.02
C ILE B 99 9.01 2.10 -6.24
N TYR B 100 8.88 1.41 -5.13
CA TYR B 100 9.12 -0.03 -5.00
C TYR B 100 7.88 -0.71 -4.40
N ILE B 101 6.88 -0.95 -5.23
CA ILE B 101 5.62 -1.60 -4.86
C ILE B 101 5.67 -3.13 -5.05
N GLN B 102 4.91 -3.82 -4.21
CA GLN B 102 4.44 -5.20 -4.34
C GLN B 102 3.04 -5.29 -3.71
N PHE B 103 2.24 -6.29 -4.07
CA PHE B 103 1.18 -6.74 -3.14
C PHE B 103 1.76 -7.13 -1.76
N SER B 104 0.94 -7.06 -0.73
CA SER B 104 1.30 -7.55 0.58
C SER B 104 1.37 -9.09 0.64
N ASN B 105 2.10 -9.62 1.62
CA ASN B 105 2.02 -11.03 2.05
C ASN B 105 0.66 -11.38 2.68
N HIS B 106 -0.17 -10.38 2.98
CA HIS B 106 -1.47 -10.46 3.65
C HIS B 106 -2.61 -10.01 2.70
N LYS B 107 -3.86 -10.01 3.19
CA LYS B 107 -5.09 -9.77 2.40
C LYS B 107 -5.99 -8.64 2.95
N GLU B 108 -5.55 -7.94 4.00
CA GLU B 108 -6.28 -6.97 4.81
C GLU B 108 -5.32 -6.36 5.86
N LEU B 109 -5.71 -5.25 6.49
CA LEU B 109 -4.91 -4.46 7.42
C LEU B 109 -5.73 -4.01 8.64
N LYS B 110 -5.70 -4.81 9.71
CA LYS B 110 -6.31 -4.49 11.01
C LYS B 110 -5.25 -3.87 11.95
N THR B 111 -5.13 -2.55 11.93
CA THR B 111 -4.29 -1.77 12.85
C THR B 111 -4.96 -1.70 14.25
N ASP B 112 -4.59 -2.62 15.15
CA ASP B 112 -5.29 -2.89 16.42
C ASP B 112 -5.48 -1.67 17.34
N SER B 113 -4.50 -0.76 17.40
CA SER B 113 -4.52 0.50 18.15
C SER B 113 -3.54 1.53 17.59
N SER B 114 -3.52 2.73 18.17
CA SER B 114 -2.59 3.81 17.83
C SER B 114 -1.60 4.08 18.98
N PRO B 115 -0.32 4.40 18.71
CA PRO B 115 0.69 4.63 19.74
C PRO B 115 0.42 5.92 20.54
N ASN B 116 0.35 5.78 21.86
CA ASN B 116 0.10 6.85 22.83
C ASN B 116 1.02 6.72 24.06
N GLN B 117 1.08 7.77 24.89
CA GLN B 117 1.86 7.85 26.13
C GLN B 117 1.06 8.48 27.29
N ALA B 118 1.59 8.31 28.51
CA ALA B 118 1.01 8.80 29.77
C ALA B 118 0.92 10.35 29.88
N ARG B 119 1.81 11.06 29.16
CA ARG B 119 1.86 12.53 29.05
C ARG B 119 2.38 13.00 27.68
N GLY B 22 17.22 -17.77 -2.59
CA GLY B 22 15.76 -17.81 -2.38
C GLY B 22 15.05 -18.32 -3.63
N ASP B 23 14.04 -19.17 -3.46
CA ASP B 23 13.30 -19.88 -4.53
C ASP B 23 11.77 -19.68 -4.51
N SER B 24 11.23 -18.98 -3.50
CA SER B 24 9.81 -18.67 -3.30
C SER B 24 9.35 -17.39 -4.03
N ARG B 25 8.06 -17.06 -3.93
CA ARG B 25 7.40 -15.85 -4.48
C ARG B 25 6.42 -15.26 -3.47
N SER B 26 6.43 -13.93 -3.31
CA SER B 26 5.75 -13.19 -2.22
C SER B 26 4.23 -13.32 -2.21
N ALA B 27 3.53 -12.81 -3.24
CA ALA B 27 2.06 -12.89 -3.37
C ALA B 27 1.64 -13.96 -4.39
N GLY B 28 1.50 -15.21 -3.91
CA GLY B 28 0.91 -16.31 -4.70
C GLY B 28 -0.63 -16.33 -4.68
N VAL B 29 -1.25 -15.78 -3.63
CA VAL B 29 -2.70 -15.66 -3.43
C VAL B 29 -3.02 -14.57 -2.38
N PRO B 30 -2.86 -13.29 -2.75
CA PRO B 30 -2.68 -12.16 -1.83
C PRO B 30 -4.02 -11.44 -1.49
N SER B 31 -4.00 -10.12 -1.32
CA SER B 31 -5.10 -9.30 -0.78
C SER B 31 -5.21 -7.92 -1.43
N ARG B 32 -6.22 -7.12 -1.05
CA ARG B 32 -6.32 -5.68 -1.36
C ARG B 32 -5.32 -4.80 -0.58
N VAL B 33 -4.50 -5.38 0.32
CA VAL B 33 -3.32 -4.69 0.83
C VAL B 33 -2.11 -4.88 -0.09
N ILE B 34 -1.45 -3.77 -0.43
CA ILE B 34 -0.16 -3.66 -1.12
C ILE B 34 0.87 -3.13 -0.10
N HIS B 35 2.12 -3.59 -0.18
CA HIS B 35 3.24 -3.08 0.59
C HIS B 35 4.20 -2.27 -0.29
N ILE B 36 4.87 -1.29 0.32
CA ILE B 36 5.73 -0.30 -0.35
C ILE B 36 7.10 -0.29 0.35
N ARG B 37 8.18 -0.14 -0.43
CA ARG B 37 9.57 0.21 -0.03
C ARG B 37 10.02 1.46 -0.79
N LYS B 38 11.15 2.05 -0.41
CA LYS B 38 11.77 3.23 -1.09
C LYS B 38 10.92 4.50 -1.00
N LEU B 39 10.00 4.57 -0.04
CA LEU B 39 9.36 5.82 0.40
C LEU B 39 10.41 6.76 1.03
N PRO B 40 10.06 8.04 1.26
CA PRO B 40 10.73 8.88 2.25
C PRO B 40 10.74 8.26 3.66
N ILE B 41 11.48 8.94 4.54
CA ILE B 41 11.73 8.62 5.96
C ILE B 41 10.58 9.06 6.88
N ASP B 42 9.75 9.97 6.38
CA ASP B 42 8.78 10.79 7.12
C ASP B 42 7.50 11.08 6.32
N VAL B 43 7.27 10.37 5.20
CA VAL B 43 6.10 10.58 4.35
C VAL B 43 4.77 10.46 5.12
N THR B 44 3.74 11.16 4.67
CA THR B 44 2.45 11.26 5.38
C THR B 44 1.36 10.35 4.80
N GLU B 45 0.49 9.91 5.69
CA GLU B 45 -0.69 9.12 5.38
C GLU B 45 -1.53 9.78 4.27
N GLY B 46 -1.73 11.10 4.33
CA GLY B 46 -2.52 11.86 3.35
C GLY B 46 -1.99 11.73 1.92
N GLU B 47 -0.67 11.66 1.75
CA GLU B 47 0.00 11.43 0.46
C GLU B 47 -0.14 9.98 -0.01
N VAL B 48 0.06 9.02 0.90
CA VAL B 48 -0.08 7.59 0.59
C VAL B 48 -1.51 7.26 0.14
N ILE B 49 -2.54 7.66 0.90
CA ILE B 49 -3.94 7.42 0.52
C ILE B 49 -4.37 8.24 -0.69
N SER B 50 -3.83 9.44 -0.91
CA SER B 50 -4.13 10.20 -2.14
C SER B 50 -3.45 9.60 -3.38
N LEU B 51 -2.43 8.76 -3.17
CA LEU B 51 -1.88 7.88 -4.20
C LEU B 51 -2.62 6.54 -4.32
N GLY B 52 -3.44 6.18 -3.33
CA GLY B 52 -4.39 5.08 -3.41
C GLY B 52 -5.64 5.41 -4.23
N LEU B 53 -6.07 6.67 -4.21
CA LEU B 53 -7.43 7.03 -4.55
C LEU B 53 -7.84 7.15 -6.04
N PRO B 54 -6.94 7.27 -7.04
CA PRO B 54 -7.32 7.17 -8.45
C PRO B 54 -7.94 5.84 -8.90
N PHE B 55 -8.00 4.82 -8.02
CA PHE B 55 -8.30 3.46 -8.44
C PHE B 55 -9.55 2.85 -7.79
N GLY B 56 -9.76 3.03 -6.49
CA GLY B 56 -10.90 2.51 -5.77
C GLY B 56 -11.42 3.46 -4.70
N LYS B 57 -11.36 2.97 -3.48
CA LYS B 57 -11.73 3.56 -2.19
C LYS B 57 -10.74 2.95 -1.20
N VAL B 58 -9.97 3.75 -0.47
CA VAL B 58 -8.72 3.24 0.15
C VAL B 58 -8.70 3.64 1.62
N THR B 59 -9.41 2.81 2.38
CA THR B 59 -9.89 3.06 3.74
C THR B 59 -8.82 2.86 4.79
N ASN B 60 -7.70 2.19 4.46
CA ASN B 60 -6.57 2.09 5.37
C ASN B 60 -5.18 2.18 4.71
N LEU B 61 -4.19 2.54 5.52
CA LEU B 61 -2.76 2.46 5.26
C LEU B 61 -2.00 2.13 6.56
N LEU B 62 -0.71 1.84 6.45
CA LEU B 62 0.19 1.62 7.58
C LEU B 62 1.60 2.07 7.21
N MET B 63 2.41 2.43 8.22
CA MET B 63 3.69 3.11 8.02
C MET B 63 4.80 2.45 8.85
N LEU B 64 5.55 1.53 8.22
CA LEU B 64 6.78 0.94 8.77
C LEU B 64 7.94 1.95 8.67
N LYS B 65 7.83 3.04 9.44
CA LYS B 65 8.68 4.23 9.35
C LYS B 65 10.18 3.93 9.50
N GLY B 66 10.52 2.95 10.33
CA GLY B 66 11.89 2.50 10.61
C GLY B 66 12.65 1.89 9.41
N LYS B 67 11.96 1.49 8.34
CA LYS B 67 12.54 0.82 7.15
C LYS B 67 12.25 1.53 5.83
N ASN B 68 11.66 2.73 5.84
CA ASN B 68 11.09 3.41 4.67
C ASN B 68 10.00 2.59 3.97
N GLN B 69 9.22 1.82 4.74
CA GLN B 69 8.22 0.89 4.21
C GLN B 69 6.79 1.27 4.67
N ALA B 70 5.76 0.72 4.02
CA ALA B 70 4.33 0.98 4.30
C ALA B 70 3.45 -0.16 3.79
N PHE B 71 2.17 -0.14 4.18
CA PHE B 71 1.05 -0.85 3.54
C PHE B 71 0.07 0.20 2.97
N ILE B 72 -0.74 -0.17 1.99
CA ILE B 72 -1.95 0.56 1.57
C ILE B 72 -3.06 -0.45 1.24
N GLU B 73 -4.20 -0.33 1.92
CA GLU B 73 -5.33 -1.29 1.95
C GLU B 73 -6.59 -0.65 1.44
N MET B 74 -7.16 -1.33 0.44
CA MET B 74 -8.24 -0.77 -0.36
C MET B 74 -9.47 -1.65 -0.48
N ASN B 75 -10.58 -1.03 -0.84
CA ASN B 75 -11.94 -1.56 -0.68
C ASN B 75 -12.29 -2.71 -1.66
N THR B 76 -11.57 -2.83 -2.77
CA THR B 76 -11.84 -3.80 -3.85
C THR B 76 -10.55 -4.43 -4.37
N GLU B 77 -10.61 -5.74 -4.61
CA GLU B 77 -9.51 -6.51 -5.20
C GLU B 77 -9.13 -5.98 -6.58
N GLU B 78 -10.12 -5.50 -7.35
CA GLU B 78 -9.90 -4.96 -8.69
C GLU B 78 -9.22 -3.60 -8.71
N ALA B 79 -9.58 -2.67 -7.80
CA ALA B 79 -8.79 -1.45 -7.62
C ALA B 79 -7.35 -1.81 -7.32
N ALA B 80 -7.09 -2.66 -6.33
CA ALA B 80 -5.70 -2.94 -5.98
C ALA B 80 -4.91 -3.73 -7.03
N ASN B 81 -5.52 -4.69 -7.71
CA ASN B 81 -4.94 -5.35 -8.87
C ASN B 81 -4.54 -4.32 -9.94
N THR B 82 -5.47 -3.44 -10.34
CA THR B 82 -5.16 -2.35 -11.26
C THR B 82 -4.11 -1.42 -10.67
N MET B 83 -4.08 -1.22 -9.34
CA MET B 83 -3.19 -0.27 -8.68
C MET B 83 -1.74 -0.76 -8.66
N VAL B 84 -1.53 -2.00 -8.22
CA VAL B 84 -0.22 -2.65 -8.17
C VAL B 84 0.37 -2.80 -9.58
N ASN B 85 -0.47 -3.06 -10.59
CA ASN B 85 -0.06 -3.17 -12.00
C ASN B 85 0.21 -1.80 -12.64
N TYR B 86 -0.62 -0.80 -12.34
CA TYR B 86 -0.34 0.61 -12.60
C TYR B 86 1.06 0.99 -12.09
N TYR B 87 1.39 0.71 -10.83
CA TYR B 87 2.66 0.94 -10.19
C TYR B 87 3.71 -0.11 -10.53
N THR B 88 3.46 -0.88 -11.58
CA THR B 88 4.47 -1.71 -12.25
C THR B 88 4.69 -1.32 -13.71
N SER B 89 3.83 -0.46 -14.25
CA SER B 89 4.03 0.34 -15.47
C SER B 89 4.77 1.64 -15.16
N VAL B 90 4.35 2.28 -14.06
CA VAL B 90 4.29 3.73 -13.93
C VAL B 90 5.25 4.25 -12.85
N THR B 91 5.10 3.76 -11.62
CA THR B 91 5.80 4.18 -10.38
C THR B 91 5.33 5.57 -9.88
N PRO B 92 5.05 5.80 -8.58
CA PRO B 92 4.54 7.08 -8.10
C PRO B 92 5.59 8.21 -7.99
N VAL B 93 6.87 7.83 -7.89
CA VAL B 93 8.10 8.66 -7.85
C VAL B 93 7.91 9.99 -7.09
N LEU B 94 8.16 9.91 -5.80
CA LEU B 94 7.26 10.50 -4.81
C LEU B 94 7.82 11.85 -4.34
N ARG B 95 8.97 11.84 -3.65
CA ARG B 95 9.86 13.01 -3.51
C ARG B 95 10.84 13.20 -4.68
N GLY B 96 10.91 12.18 -5.56
CA GLY B 96 11.96 12.02 -6.56
C GLY B 96 12.90 10.83 -6.27
N GLN B 97 12.37 9.61 -6.09
CA GLN B 97 13.13 8.38 -6.30
C GLN B 97 12.27 7.23 -6.88
N PRO B 98 12.85 6.16 -7.45
CA PRO B 98 12.12 4.94 -7.80
C PRO B 98 11.48 4.28 -6.56
N ILE B 99 10.18 4.50 -6.35
CA ILE B 99 9.39 3.90 -5.26
C ILE B 99 9.07 2.44 -5.61
N TYR B 100 9.18 1.50 -4.67
CA TYR B 100 9.02 0.06 -4.95
C TYR B 100 7.71 -0.45 -4.36
N ILE B 101 6.89 -1.15 -5.16
CA ILE B 101 5.61 -1.73 -4.74
C ILE B 101 5.58 -3.26 -4.99
N GLN B 102 4.81 -3.98 -4.17
CA GLN B 102 4.26 -5.32 -4.45
C GLN B 102 3.03 -5.58 -3.56
N PHE B 103 2.18 -6.53 -3.93
CA PHE B 103 1.10 -7.00 -3.04
C PHE B 103 1.63 -7.46 -1.68
N SER B 104 0.84 -7.20 -0.62
CA SER B 104 1.13 -7.69 0.73
C SER B 104 0.86 -9.20 0.84
N ASN B 105 1.65 -9.89 1.67
CA ASN B 105 1.46 -11.31 1.96
C ASN B 105 0.37 -11.59 3.03
N HIS B 106 -0.17 -10.56 3.71
CA HIS B 106 -1.30 -10.68 4.65
C HIS B 106 -2.67 -10.66 3.94
N LYS B 107 -3.74 -10.77 4.73
CA LYS B 107 -5.15 -10.63 4.32
C LYS B 107 -5.76 -9.37 4.95
N GLU B 108 -5.79 -8.27 4.20
CA GLU B 108 -6.25 -6.95 4.61
C GLU B 108 -5.42 -6.36 5.78
N LEU B 109 -5.84 -5.20 6.28
CA LEU B 109 -5.11 -4.36 7.24
C LEU B 109 -6.06 -3.86 8.35
N LYS B 110 -6.01 -4.53 9.50
CA LYS B 110 -6.75 -4.20 10.73
C LYS B 110 -5.84 -3.43 11.69
N THR B 111 -6.16 -2.15 11.88
CA THR B 111 -5.47 -1.21 12.82
C THR B 111 -6.35 -0.83 14.02
N ASP B 112 -7.59 -1.33 14.07
CA ASP B 112 -8.57 -1.12 15.14
C ASP B 112 -8.02 -1.52 16.53
N SER B 113 -8.11 -0.59 17.49
CA SER B 113 -7.57 -0.69 18.85
C SER B 113 -8.55 -0.18 19.91
N SER B 114 -8.24 -0.40 21.19
CA SER B 114 -9.03 0.08 22.35
C SER B 114 -9.17 1.62 22.40
N PRO B 115 -10.24 2.14 23.03
CA PRO B 115 -10.43 3.59 23.20
C PRO B 115 -9.43 4.21 24.21
N ASN B 116 -9.47 5.54 24.34
CA ASN B 116 -8.60 6.38 25.19
C ASN B 116 -7.09 6.36 24.80
N GLN B 117 -6.74 5.76 23.66
CA GLN B 117 -5.39 5.70 23.08
C GLN B 117 -5.45 5.90 21.54
N ALA B 118 -4.31 6.19 20.90
CA ALA B 118 -4.17 6.45 19.47
C ALA B 118 -3.08 5.58 18.80
N ARG B 119 -2.78 5.88 17.53
CA ARG B 119 -1.82 5.20 16.65
C ARG B 119 -0.37 5.20 17.18
N GLY B 22 10.61 -6.68 -18.17
CA GLY B 22 10.52 -6.95 -16.72
C GLY B 22 10.24 -8.42 -16.43
N ASP B 23 10.71 -8.92 -15.29
CA ASP B 23 10.60 -10.32 -14.85
C ASP B 23 9.87 -10.43 -13.49
N SER B 24 8.59 -10.06 -13.48
CA SER B 24 7.72 -10.07 -12.29
C SER B 24 7.36 -11.49 -11.83
N ARG B 25 7.12 -11.66 -10.52
CA ARG B 25 6.60 -12.87 -9.87
C ARG B 25 5.42 -12.52 -8.94
N SER B 26 4.58 -13.52 -8.62
CA SER B 26 3.43 -13.39 -7.72
C SER B 26 3.84 -13.18 -6.25
N ALA B 27 2.96 -12.55 -5.46
CA ALA B 27 3.19 -12.28 -4.03
C ALA B 27 3.11 -13.51 -3.10
N GLY B 28 2.35 -14.55 -3.48
CA GLY B 28 2.29 -15.85 -2.80
C GLY B 28 0.85 -16.30 -2.59
N VAL B 29 0.12 -15.59 -1.73
CA VAL B 29 -1.34 -15.70 -1.55
C VAL B 29 -1.93 -14.35 -1.09
N PRO B 30 -1.94 -13.35 -1.99
CA PRO B 30 -2.01 -11.93 -1.66
C PRO B 30 -3.43 -11.34 -1.74
N SER B 31 -3.62 -10.09 -1.29
CA SER B 31 -4.91 -9.37 -1.33
C SER B 31 -4.75 -7.84 -1.35
N ARG B 32 -5.82 -7.13 -0.96
CA ARG B 32 -6.09 -5.68 -0.97
C ARG B 32 -5.09 -4.73 -0.30
N VAL B 33 -4.13 -5.20 0.51
CA VAL B 33 -2.96 -4.38 0.85
C VAL B 33 -1.91 -4.48 -0.26
N ILE B 34 -1.52 -3.34 -0.85
CA ILE B 34 -0.23 -3.15 -1.54
C ILE B 34 0.81 -2.74 -0.49
N HIS B 35 2.01 -3.32 -0.50
CA HIS B 35 3.13 -2.94 0.36
C HIS B 35 4.16 -2.11 -0.43
N ILE B 36 4.78 -1.13 0.26
CA ILE B 36 5.74 -0.17 -0.30
C ILE B 36 7.00 -0.13 0.58
N ARG B 37 8.19 -0.03 -0.02
CA ARG B 37 9.51 0.15 0.62
C ARG B 37 10.24 1.40 0.10
N LYS B 38 11.43 1.64 0.65
CA LYS B 38 12.36 2.74 0.31
C LYS B 38 11.77 4.15 0.50
N LEU B 39 10.68 4.28 1.27
CA LEU B 39 10.01 5.56 1.57
C LEU B 39 10.98 6.66 2.09
N PRO B 40 10.63 7.95 1.97
CA PRO B 40 11.45 9.10 2.40
C PRO B 40 12.10 8.94 3.78
N ILE B 41 11.22 8.85 4.79
CA ILE B 41 11.42 8.64 6.24
C ILE B 41 10.08 8.21 6.83
N ASP B 42 9.05 9.01 6.55
CA ASP B 42 7.67 8.87 7.05
C ASP B 42 6.58 9.30 6.06
N VAL B 43 6.95 9.98 4.95
CA VAL B 43 6.06 10.58 3.94
C VAL B 43 4.86 11.32 4.56
N THR B 44 3.69 11.31 3.93
CA THR B 44 2.42 11.66 4.56
C THR B 44 1.28 10.76 4.07
N GLU B 45 0.45 10.32 5.01
CA GLU B 45 -0.68 9.45 4.75
C GLU B 45 -1.63 10.03 3.68
N GLY B 46 -1.85 11.35 3.73
CA GLY B 46 -2.60 12.11 2.71
C GLY B 46 -2.09 11.90 1.28
N GLU B 47 -0.78 11.80 1.08
CA GLU B 47 -0.18 11.49 -0.21
C GLU B 47 -0.39 10.04 -0.62
N VAL B 48 -0.12 9.10 0.29
CA VAL B 48 -0.23 7.66 -0.03
C VAL B 48 -1.65 7.29 -0.49
N ILE B 49 -2.70 7.68 0.25
CA ILE B 49 -4.08 7.38 -0.18
C ILE B 49 -4.57 8.26 -1.33
N SER B 50 -4.12 9.53 -1.46
CA SER B 50 -4.55 10.34 -2.62
C SER B 50 -3.89 9.86 -3.91
N LEU B 51 -2.81 9.08 -3.78
CA LEU B 51 -2.24 8.33 -4.89
C LEU B 51 -2.93 6.97 -5.11
N GLY B 52 -3.55 6.40 -4.07
CA GLY B 52 -4.32 5.16 -4.19
C GLY B 52 -5.78 5.36 -4.63
N LEU B 53 -6.33 6.55 -4.49
CA LEU B 53 -7.76 6.79 -4.72
C LEU B 53 -8.30 6.79 -6.17
N PRO B 54 -7.52 6.94 -7.25
CA PRO B 54 -8.01 6.81 -8.64
C PRO B 54 -8.66 5.49 -9.05
N PHE B 55 -8.71 4.48 -8.17
CA PHE B 55 -9.11 3.13 -8.57
C PHE B 55 -10.33 2.57 -7.84
N GLY B 56 -10.50 2.87 -6.55
CA GLY B 56 -11.62 2.39 -5.75
C GLY B 56 -11.98 3.33 -4.62
N LYS B 57 -11.69 2.87 -3.41
CA LYS B 57 -11.96 3.47 -2.11
C LYS B 57 -10.87 2.92 -1.20
N VAL B 58 -10.14 3.74 -0.46
CA VAL B 58 -8.89 3.29 0.19
C VAL B 58 -8.84 3.78 1.62
N THR B 59 -9.53 3.01 2.45
CA THR B 59 -9.96 3.34 3.81
C THR B 59 -8.84 3.18 4.82
N ASN B 60 -7.82 2.36 4.52
CA ASN B 60 -6.69 2.19 5.44
C ASN B 60 -5.31 2.21 4.76
N LEU B 61 -4.31 2.56 5.55
CA LEU B 61 -2.89 2.33 5.31
C LEU B 61 -2.16 2.09 6.64
N LEU B 62 -0.89 1.67 6.57
CA LEU B 62 -0.01 1.47 7.72
C LEU B 62 1.40 1.93 7.36
N MET B 63 2.18 2.32 8.36
CA MET B 63 3.58 2.77 8.21
C MET B 63 4.50 2.06 9.20
N LEU B 64 5.45 1.29 8.67
CA LEU B 64 6.49 0.59 9.43
C LEU B 64 7.57 1.59 9.88
N LYS B 65 7.19 2.46 10.82
CA LYS B 65 8.00 3.55 11.39
C LYS B 65 9.31 3.00 11.99
N GLY B 66 10.43 3.24 11.30
CA GLY B 66 11.77 2.76 11.63
C GLY B 66 12.47 1.95 10.53
N LYS B 67 11.74 1.45 9.52
CA LYS B 67 12.30 0.68 8.37
C LYS B 67 12.09 1.34 6.99
N ASN B 68 11.40 2.49 6.93
CA ASN B 68 11.00 3.19 5.69
C ASN B 68 10.08 2.33 4.81
N GLN B 69 9.07 1.70 5.41
CA GLN B 69 8.11 0.82 4.71
C GLN B 69 6.65 1.16 5.05
N ALA B 70 5.68 0.64 4.29
CA ALA B 70 4.25 0.89 4.46
C ALA B 70 3.37 -0.21 3.82
N PHE B 71 2.08 -0.25 4.22
CA PHE B 71 0.97 -0.99 3.61
C PHE B 71 -0.05 0.08 3.13
N ILE B 72 -0.79 -0.15 2.05
CA ILE B 72 -1.92 0.67 1.58
C ILE B 72 -3.09 -0.25 1.21
N GLU B 73 -4.13 -0.25 2.06
CA GLU B 73 -5.26 -1.18 2.13
C GLU B 73 -6.53 -0.58 1.55
N MET B 74 -6.91 -1.12 0.39
CA MET B 74 -8.01 -0.64 -0.43
C MET B 74 -9.23 -1.56 -0.38
N ASN B 75 -10.38 -1.00 -0.72
CA ASN B 75 -11.69 -1.57 -0.39
C ASN B 75 -12.08 -2.79 -1.25
N THR B 76 -11.48 -2.97 -2.44
CA THR B 76 -11.84 -4.04 -3.39
C THR B 76 -10.59 -4.67 -4.02
N GLU B 77 -10.68 -5.97 -4.31
CA GLU B 77 -9.58 -6.74 -4.92
C GLU B 77 -9.25 -6.25 -6.34
N GLU B 78 -10.25 -5.84 -7.13
CA GLU B 78 -10.03 -5.34 -8.49
C GLU B 78 -9.39 -3.95 -8.51
N ALA B 79 -9.84 -3.02 -7.65
CA ALA B 79 -9.18 -1.74 -7.49
C ALA B 79 -7.72 -1.95 -7.10
N ALA B 80 -7.42 -2.79 -6.11
CA ALA B 80 -6.04 -3.01 -5.69
C ALA B 80 -5.19 -3.77 -6.71
N ASN B 81 -5.75 -4.74 -7.42
CA ASN B 81 -5.11 -5.37 -8.57
C ASN B 81 -4.72 -4.32 -9.62
N THR B 82 -5.66 -3.47 -10.03
CA THR B 82 -5.34 -2.35 -10.92
C THR B 82 -4.42 -1.34 -10.25
N MET B 83 -4.38 -1.24 -8.92
CA MET B 83 -3.53 -0.28 -8.19
C MET B 83 -2.06 -0.71 -8.25
N VAL B 84 -1.79 -1.98 -7.96
CA VAL B 84 -0.43 -2.53 -8.03
C VAL B 84 0.09 -2.56 -9.46
N ASN B 85 -0.79 -2.85 -10.43
CA ASN B 85 -0.46 -2.81 -11.86
C ASN B 85 -0.23 -1.36 -12.32
N TYR B 86 -1.10 -0.41 -11.94
CA TYR B 86 -0.91 1.03 -12.07
C TYR B 86 0.46 1.48 -11.54
N TYR B 87 0.93 0.96 -10.41
CA TYR B 87 2.17 1.38 -9.79
C TYR B 87 3.37 0.66 -10.38
N THR B 88 3.11 -0.45 -11.06
CA THR B 88 4.08 -1.18 -11.86
C THR B 88 4.25 -0.51 -13.24
N SER B 89 3.31 0.38 -13.60
CA SER B 89 3.22 1.23 -14.80
C SER B 89 3.83 2.61 -14.59
N VAL B 90 3.29 3.34 -13.61
CA VAL B 90 3.35 4.81 -13.46
C VAL B 90 4.73 5.31 -13.02
N THR B 91 5.37 4.50 -12.17
CA THR B 91 6.10 4.82 -10.92
C THR B 91 6.06 6.29 -10.46
N PRO B 92 5.45 6.65 -9.32
CA PRO B 92 4.98 8.00 -9.02
C PRO B 92 6.10 8.98 -8.59
N VAL B 93 7.34 8.46 -8.46
CA VAL B 93 8.65 9.08 -8.19
C VAL B 93 8.77 9.80 -6.85
N LEU B 94 9.61 9.24 -5.98
CA LEU B 94 10.03 9.75 -4.67
C LEU B 94 11.01 10.93 -4.88
N ARG B 95 10.45 12.09 -5.25
CA ARG B 95 11.02 13.38 -5.72
C ARG B 95 12.09 13.37 -6.84
N GLY B 96 12.70 12.22 -7.12
CA GLY B 96 13.85 12.06 -8.02
C GLY B 96 14.35 10.62 -8.18
N GLN B 97 13.71 9.63 -7.55
CA GLN B 97 14.06 8.21 -7.54
C GLN B 97 12.77 7.35 -7.66
N PRO B 98 12.81 6.17 -8.30
CA PRO B 98 11.66 5.26 -8.38
C PRO B 98 11.09 4.83 -7.02
N ILE B 99 9.90 4.24 -7.02
CA ILE B 99 9.17 3.74 -5.84
C ILE B 99 8.92 2.23 -6.01
N TYR B 100 8.88 1.52 -4.88
CA TYR B 100 9.18 0.10 -4.79
C TYR B 100 7.99 -0.67 -4.19
N ILE B 101 7.21 -1.33 -5.04
CA ILE B 101 5.89 -1.89 -4.70
C ILE B 101 5.74 -3.41 -4.96
N GLN B 102 4.87 -4.05 -4.19
CA GLN B 102 4.27 -5.39 -4.35
C GLN B 102 2.86 -5.42 -3.72
N PHE B 103 2.07 -6.48 -3.89
CA PHE B 103 1.04 -6.80 -2.89
C PHE B 103 1.66 -7.21 -1.54
N SER B 104 0.85 -7.25 -0.48
CA SER B 104 1.19 -7.93 0.76
C SER B 104 1.45 -9.44 0.56
N ASN B 105 2.25 -10.05 1.43
CA ASN B 105 2.21 -11.52 1.63
C ASN B 105 1.13 -11.94 2.65
N HIS B 106 0.67 -11.01 3.50
CA HIS B 106 -0.54 -11.11 4.32
C HIS B 106 -1.83 -10.92 3.47
N LYS B 107 -2.98 -10.81 4.16
CA LYS B 107 -4.32 -10.52 3.61
C LYS B 107 -5.09 -9.60 4.57
N GLU B 108 -5.51 -8.41 4.10
CA GLU B 108 -6.41 -7.46 4.81
C GLU B 108 -5.81 -6.84 6.08
N LEU B 109 -5.32 -5.60 5.96
CA LEU B 109 -4.85 -4.76 7.07
C LEU B 109 -5.98 -4.44 8.08
N LYS B 110 -5.76 -4.74 9.37
CA LYS B 110 -6.72 -4.49 10.47
C LYS B 110 -6.83 -3.01 10.88
N THR B 111 -5.70 -2.41 11.28
CA THR B 111 -5.53 -1.05 11.83
C THR B 111 -6.70 -0.55 12.69
N ASP B 112 -6.71 -0.96 13.96
CA ASP B 112 -7.57 -0.36 15.01
C ASP B 112 -7.33 1.15 15.21
N SER B 113 -6.11 1.62 14.90
CA SER B 113 -5.72 3.03 14.77
C SER B 113 -4.67 3.20 13.67
N SER B 114 -5.04 3.83 12.55
CA SER B 114 -4.16 4.13 11.41
C SER B 114 -3.20 5.30 11.70
N PRO B 115 -2.11 5.49 10.91
CA PRO B 115 -1.15 6.58 11.09
C PRO B 115 -1.65 7.96 10.60
N ASN B 116 -2.92 8.09 10.21
CA ASN B 116 -3.60 9.33 9.82
C ASN B 116 -3.40 10.46 10.87
N GLN B 117 -2.73 11.55 10.46
CA GLN B 117 -2.25 12.63 11.33
C GLN B 117 -3.35 13.22 12.24
N ALA B 118 -4.55 13.45 11.70
CA ALA B 118 -5.70 14.02 12.40
C ALA B 118 -6.29 13.14 13.51
N ARG B 119 -5.95 11.84 13.55
CA ARG B 119 -6.59 10.80 14.37
C ARG B 119 -6.04 10.68 15.81
N GLY B 22 4.81 -18.61 -16.35
CA GLY B 22 6.01 -17.98 -15.77
C GLY B 22 6.08 -18.23 -14.26
N ASP B 23 7.21 -18.73 -13.77
CA ASP B 23 7.42 -19.10 -12.35
C ASP B 23 7.34 -17.91 -11.36
N SER B 24 7.54 -16.67 -11.86
CA SER B 24 7.50 -15.41 -11.11
C SER B 24 6.10 -14.99 -10.60
N ARG B 25 5.04 -15.76 -10.91
CA ARG B 25 3.65 -15.54 -10.49
C ARG B 25 3.48 -15.51 -8.95
N SER B 26 2.39 -14.90 -8.48
CA SER B 26 2.02 -14.63 -7.06
C SER B 26 2.97 -13.66 -6.33
N ALA B 27 2.66 -13.32 -5.07
CA ALA B 27 3.26 -12.21 -4.33
C ALA B 27 3.61 -12.47 -2.84
N GLY B 28 3.01 -13.47 -2.19
CA GLY B 28 3.13 -13.72 -0.75
C GLY B 28 1.81 -14.27 -0.19
N VAL B 29 0.89 -13.37 0.15
CA VAL B 29 -0.54 -13.68 0.38
C VAL B 29 -1.39 -12.48 -0.12
N PRO B 30 -1.50 -12.34 -1.45
CA PRO B 30 -1.74 -11.05 -2.09
C PRO B 30 -3.22 -10.69 -2.30
N SER B 31 -3.83 -10.09 -1.27
CA SER B 31 -5.23 -9.62 -1.27
C SER B 31 -5.40 -8.27 -0.54
N ARG B 32 -5.94 -7.27 -1.27
CA ARG B 32 -6.38 -5.90 -0.88
C ARG B 32 -5.33 -4.95 -0.29
N VAL B 33 -4.29 -5.43 0.40
CA VAL B 33 -3.11 -4.63 0.78
C VAL B 33 -1.95 -4.83 -0.18
N ILE B 34 -1.34 -3.71 -0.55
CA ILE B 34 -0.07 -3.58 -1.27
C ILE B 34 0.98 -3.00 -0.30
N HIS B 35 2.10 -3.69 -0.11
CA HIS B 35 3.25 -3.12 0.61
C HIS B 35 4.12 -2.26 -0.33
N ILE B 36 4.75 -1.25 0.25
CA ILE B 36 5.64 -0.28 -0.41
C ILE B 36 7.00 -0.29 0.31
N ARG B 37 8.10 -0.19 -0.43
CA ARG B 37 9.48 0.11 0.03
C ARG B 37 10.03 1.33 -0.71
N LYS B 38 11.16 1.86 -0.22
CA LYS B 38 11.83 3.08 -0.72
C LYS B 38 10.90 4.29 -0.80
N LEU B 39 10.08 4.43 0.23
CA LEU B 39 9.40 5.67 0.65
C LEU B 39 10.45 6.72 1.09
N PRO B 40 10.03 7.93 1.46
CA PRO B 40 10.68 8.77 2.48
C PRO B 40 10.76 8.14 3.87
N ILE B 41 11.24 8.92 4.83
CA ILE B 41 11.47 8.53 6.23
C ILE B 41 10.21 8.61 7.10
N ASP B 42 9.32 9.55 6.75
CA ASP B 42 8.16 9.99 7.55
C ASP B 42 7.08 10.62 6.64
N VAL B 43 6.91 10.05 5.43
CA VAL B 43 5.90 10.51 4.46
C VAL B 43 4.48 10.60 5.07
N THR B 44 3.62 11.42 4.47
CA THR B 44 2.27 11.67 4.98
C THR B 44 1.26 10.66 4.47
N GLU B 45 0.30 10.30 5.33
CA GLU B 45 -0.84 9.49 4.93
C GLU B 45 -1.63 10.15 3.80
N GLY B 46 -1.84 11.47 3.91
CA GLY B 46 -2.53 12.29 2.91
C GLY B 46 -1.94 12.15 1.50
N GLU B 47 -0.61 12.07 1.39
CA GLU B 47 0.11 11.80 0.14
C GLU B 47 -0.11 10.38 -0.36
N VAL B 48 0.05 9.38 0.50
CA VAL B 48 -0.13 7.96 0.14
C VAL B 48 -1.56 7.65 -0.32
N ILE B 49 -2.59 8.15 0.39
CA ILE B 49 -3.98 7.97 -0.01
C ILE B 49 -4.37 8.86 -1.18
N SER B 50 -3.77 10.04 -1.36
CA SER B 50 -3.96 10.83 -2.59
C SER B 50 -3.44 10.06 -3.80
N LEU B 51 -2.40 9.25 -3.58
CA LEU B 51 -1.84 8.38 -4.59
C LEU B 51 -2.66 7.10 -4.83
N GLY B 52 -3.49 6.67 -3.87
CA GLY B 52 -4.37 5.50 -4.04
C GLY B 52 -5.82 5.84 -4.42
N LEU B 53 -6.27 7.09 -4.23
CA LEU B 53 -7.68 7.45 -4.31
C LEU B 53 -8.41 7.12 -5.63
N PRO B 54 -7.95 7.56 -6.82
CA PRO B 54 -8.65 7.36 -8.10
C PRO B 54 -8.51 5.94 -8.69
N PHE B 55 -8.61 4.94 -7.82
CA PHE B 55 -8.53 3.52 -8.14
C PHE B 55 -9.69 2.72 -7.57
N GLY B 56 -10.08 3.00 -6.33
CA GLY B 56 -11.32 2.54 -5.70
C GLY B 56 -11.75 3.46 -4.58
N LYS B 57 -11.44 3.07 -3.34
CA LYS B 57 -11.79 3.82 -2.12
C LYS B 57 -10.67 3.92 -1.06
N VAL B 58 -9.61 3.14 -1.19
CA VAL B 58 -8.47 2.96 -0.24
C VAL B 58 -8.86 3.17 1.23
N THR B 59 -9.41 2.12 1.84
CA THR B 59 -10.04 2.16 3.17
C THR B 59 -9.01 2.40 4.28
N ASN B 60 -7.76 1.92 4.13
CA ASN B 60 -6.67 2.18 5.08
C ASN B 60 -5.27 2.27 4.44
N LEU B 61 -4.30 2.62 5.28
CA LEU B 61 -2.86 2.36 5.12
C LEU B 61 -2.21 2.04 6.48
N LEU B 62 -0.92 1.69 6.46
CA LEU B 62 -0.01 1.55 7.60
C LEU B 62 1.38 2.04 7.18
N MET B 63 2.19 2.50 8.12
CA MET B 63 3.52 3.06 7.88
C MET B 63 4.57 2.41 8.80
N LEU B 64 5.44 1.54 8.24
CA LEU B 64 6.57 0.93 8.95
C LEU B 64 7.70 1.96 9.14
N LYS B 65 7.50 2.87 10.11
CA LYS B 65 8.50 3.86 10.54
C LYS B 65 9.70 3.15 11.17
N GLY B 66 10.76 2.99 10.38
CA GLY B 66 11.90 2.12 10.65
C GLY B 66 12.80 1.95 9.42
N LYS B 67 12.21 1.55 8.28
CA LYS B 67 12.92 1.06 7.07
C LYS B 67 12.45 1.69 5.75
N ASN B 68 11.66 2.77 5.81
CA ASN B 68 10.99 3.41 4.66
C ASN B 68 10.02 2.45 3.95
N GLN B 69 9.11 1.84 4.71
CA GLN B 69 8.12 0.88 4.22
C GLN B 69 6.70 1.24 4.70
N ALA B 70 5.66 0.62 4.10
CA ALA B 70 4.23 0.86 4.37
C ALA B 70 3.39 -0.25 3.75
N PHE B 71 2.10 -0.25 4.10
CA PHE B 71 1.00 -0.99 3.48
C PHE B 71 0.03 0.08 2.97
N ILE B 72 -0.59 -0.10 1.80
CA ILE B 72 -1.72 0.68 1.32
C ILE B 72 -2.87 -0.31 1.04
N GLU B 73 -3.94 -0.20 1.82
CA GLU B 73 -5.03 -1.17 1.96
C GLU B 73 -6.31 -0.61 1.35
N MET B 74 -6.80 -1.29 0.33
CA MET B 74 -7.85 -0.76 -0.50
C MET B 74 -9.09 -1.63 -0.54
N ASN B 75 -10.23 -0.94 -0.65
CA ASN B 75 -11.54 -1.49 -0.30
C ASN B 75 -11.98 -2.68 -1.17
N THR B 76 -11.36 -2.87 -2.34
CA THR B 76 -11.74 -3.92 -3.30
C THR B 76 -10.51 -4.56 -3.92
N GLU B 77 -10.63 -5.86 -4.19
CA GLU B 77 -9.57 -6.65 -4.82
C GLU B 77 -9.19 -6.08 -6.19
N GLU B 78 -10.16 -5.64 -7.00
CA GLU B 78 -9.89 -5.12 -8.35
C GLU B 78 -9.35 -3.69 -8.37
N ALA B 79 -9.78 -2.79 -7.48
CA ALA B 79 -9.13 -1.50 -7.31
C ALA B 79 -7.65 -1.69 -6.96
N ALA B 80 -7.32 -2.50 -5.96
CA ALA B 80 -5.92 -2.71 -5.63
C ALA B 80 -5.15 -3.51 -6.69
N ASN B 81 -5.75 -4.50 -7.35
CA ASN B 81 -5.14 -5.17 -8.50
C ASN B 81 -4.82 -4.16 -9.62
N THR B 82 -5.76 -3.29 -9.98
CA THR B 82 -5.47 -2.21 -10.92
C THR B 82 -4.45 -1.24 -10.36
N MET B 83 -4.42 -0.98 -9.04
CA MET B 83 -3.50 -0.05 -8.40
C MET B 83 -2.05 -0.55 -8.47
N VAL B 84 -1.84 -1.82 -8.13
CA VAL B 84 -0.53 -2.49 -8.17
C VAL B 84 -0.02 -2.68 -9.60
N ASN B 85 -0.90 -3.00 -10.55
CA ASN B 85 -0.55 -3.14 -11.97
C ASN B 85 -0.24 -1.76 -12.58
N TYR B 86 -1.05 -0.74 -12.27
CA TYR B 86 -0.76 0.67 -12.51
C TYR B 86 0.64 1.06 -12.00
N TYR B 87 1.10 0.54 -10.86
CA TYR B 87 2.38 0.90 -10.27
C TYR B 87 3.54 0.02 -10.72
N THR B 88 3.24 -1.11 -11.37
CA THR B 88 4.27 -1.88 -12.07
C THR B 88 4.52 -1.31 -13.48
N SER B 89 3.58 -0.49 -13.94
CA SER B 89 3.64 0.41 -15.10
C SER B 89 4.43 1.68 -14.79
N VAL B 90 3.96 2.45 -13.79
CA VAL B 90 4.19 3.90 -13.70
C VAL B 90 5.42 4.26 -12.85
N THR B 91 5.48 3.67 -11.65
CA THR B 91 6.21 4.09 -10.43
C THR B 91 5.85 5.53 -9.97
N PRO B 92 5.49 5.79 -8.70
CA PRO B 92 5.00 7.12 -8.28
C PRO B 92 6.11 8.18 -8.13
N VAL B 93 7.36 7.75 -7.94
CA VAL B 93 8.62 8.54 -7.86
C VAL B 93 8.45 9.86 -7.12
N LEU B 94 8.67 9.77 -5.82
CA LEU B 94 7.75 10.36 -4.85
C LEU B 94 8.31 11.69 -4.31
N ARG B 95 9.57 11.67 -3.87
CA ARG B 95 10.41 12.86 -3.59
C ARG B 95 11.49 13.12 -4.65
N GLY B 96 11.52 12.28 -5.71
CA GLY B 96 12.40 12.41 -6.87
C GLY B 96 13.27 11.20 -7.24
N GLN B 97 13.03 10.00 -6.66
CA GLN B 97 13.72 8.77 -7.03
C GLN B 97 12.83 7.52 -6.89
N PRO B 98 13.20 6.37 -7.49
CA PRO B 98 12.31 5.20 -7.62
C PRO B 98 11.76 4.65 -6.29
N ILE B 99 10.51 4.20 -6.35
CA ILE B 99 9.70 3.64 -5.24
C ILE B 99 9.35 2.18 -5.61
N TYR B 100 9.24 1.29 -4.63
CA TYR B 100 9.11 -0.15 -4.87
C TYR B 100 7.77 -0.69 -4.32
N ILE B 101 7.00 -1.40 -5.13
CA ILE B 101 5.67 -1.96 -4.77
C ILE B 101 5.56 -3.49 -4.98
N GLN B 102 4.79 -4.16 -4.12
CA GLN B 102 4.20 -5.50 -4.35
C GLN B 102 2.98 -5.70 -3.42
N PHE B 103 2.07 -6.63 -3.73
CA PHE B 103 1.04 -7.07 -2.78
C PHE B 103 1.65 -7.60 -1.45
N SER B 104 0.81 -7.69 -0.39
CA SER B 104 1.23 -8.08 0.97
C SER B 104 1.59 -9.57 1.17
N ASN B 105 2.08 -9.88 2.37
CA ASN B 105 2.23 -11.23 2.95
C ASN B 105 1.04 -11.67 3.84
N HIS B 106 -0.02 -10.87 4.00
CA HIS B 106 -1.00 -11.04 5.09
C HIS B 106 -2.47 -11.26 4.70
N LYS B 107 -2.92 -10.79 3.53
CA LYS B 107 -4.34 -10.62 3.13
C LYS B 107 -5.13 -9.70 4.09
N GLU B 108 -5.48 -8.52 3.59
CA GLU B 108 -6.28 -7.46 4.23
C GLU B 108 -5.71 -6.89 5.54
N LEU B 109 -5.25 -5.64 5.52
CA LEU B 109 -4.77 -4.88 6.68
C LEU B 109 -5.95 -4.48 7.61
N LYS B 110 -5.73 -4.56 8.92
CA LYS B 110 -6.58 -4.00 9.99
C LYS B 110 -5.74 -3.32 11.08
N THR B 111 -5.83 -2.00 11.18
CA THR B 111 -5.04 -1.15 12.10
C THR B 111 -5.82 -0.78 13.37
N ASP B 112 -6.77 0.15 13.28
CA ASP B 112 -7.53 0.72 14.40
C ASP B 112 -8.54 -0.27 15.05
N SER B 113 -8.96 -1.29 14.30
CA SER B 113 -9.94 -2.32 14.68
C SER B 113 -9.39 -3.37 15.66
N SER B 114 -8.84 -2.94 16.80
CA SER B 114 -8.31 -3.80 17.87
C SER B 114 -9.37 -4.76 18.45
N PRO B 115 -9.03 -6.00 18.82
CA PRO B 115 -9.96 -7.00 19.35
C PRO B 115 -10.28 -6.76 20.85
N ASN B 116 -10.95 -5.65 21.15
CA ASN B 116 -11.31 -5.25 22.52
C ASN B 116 -12.38 -6.14 23.19
N GLN B 117 -13.17 -6.87 22.39
CA GLN B 117 -14.25 -7.76 22.82
C GLN B 117 -14.49 -8.93 21.84
N ALA B 118 -15.50 -9.75 22.13
CA ALA B 118 -16.12 -10.72 21.23
C ALA B 118 -17.63 -10.44 21.05
N ARG B 119 -18.33 -11.32 20.29
CA ARG B 119 -19.78 -11.27 20.04
C ARG B 119 -20.64 -11.37 21.31
N GLY B 22 4.76 -12.06 -17.21
CA GLY B 22 5.93 -11.23 -16.84
C GLY B 22 6.33 -11.46 -15.40
N ASP B 23 6.67 -10.39 -14.67
CA ASP B 23 7.05 -10.44 -13.25
C ASP B 23 5.86 -10.81 -12.33
N SER B 24 4.70 -10.20 -12.56
CA SER B 24 3.46 -10.37 -11.77
C SER B 24 2.86 -11.77 -11.94
N ARG B 25 3.11 -12.66 -10.98
CA ARG B 25 2.60 -14.05 -10.93
C ARG B 25 1.99 -14.42 -9.57
N SER B 26 2.68 -14.14 -8.47
CA SER B 26 2.23 -14.38 -7.09
C SER B 26 2.79 -13.36 -6.09
N ALA B 27 2.28 -13.38 -4.85
CA ALA B 27 2.73 -12.52 -3.74
C ALA B 27 2.78 -13.31 -2.41
N GLY B 28 1.67 -13.37 -1.68
CA GLY B 28 1.49 -14.14 -0.44
C GLY B 28 0.05 -14.64 -0.26
N VAL B 29 -0.53 -15.14 -1.35
CA VAL B 29 -1.98 -15.37 -1.59
C VAL B 29 -2.75 -14.05 -1.35
N PRO B 30 -2.58 -13.10 -2.29
CA PRO B 30 -2.78 -11.66 -2.06
C PRO B 30 -4.19 -11.18 -2.50
N SER B 31 -4.58 -9.98 -2.07
CA SER B 31 -5.93 -9.45 -2.33
C SER B 31 -6.03 -7.92 -2.28
N ARG B 32 -6.03 -7.33 -1.07
CA ARG B 32 -6.48 -5.96 -0.79
C ARG B 32 -5.47 -5.04 -0.09
N VAL B 33 -4.33 -5.54 0.41
CA VAL B 33 -3.21 -4.72 0.88
C VAL B 33 -1.97 -4.87 -0.03
N ILE B 34 -1.34 -3.73 -0.34
CA ILE B 34 -0.07 -3.60 -1.06
C ILE B 34 0.95 -2.98 -0.09
N HIS B 35 2.23 -3.28 -0.26
CA HIS B 35 3.33 -2.77 0.55
C HIS B 35 4.31 -1.96 -0.31
N ILE B 36 4.63 -0.75 0.17
CA ILE B 36 5.43 0.29 -0.49
C ILE B 36 6.69 0.54 0.35
N ARG B 37 7.89 0.45 -0.22
CA ARG B 37 9.19 0.64 0.46
C ARG B 37 9.95 1.89 0.00
N LYS B 38 11.09 2.15 0.65
CA LYS B 38 12.02 3.28 0.40
C LYS B 38 11.40 4.68 0.57
N LEU B 39 10.37 4.79 1.42
CA LEU B 39 9.71 6.05 1.75
C LEU B 39 10.71 7.13 2.28
N PRO B 40 10.38 8.43 2.16
CA PRO B 40 11.22 9.57 2.57
C PRO B 40 11.87 9.43 3.96
N ILE B 41 11.01 9.46 4.97
CA ILE B 41 11.23 9.28 6.41
C ILE B 41 9.92 8.75 7.02
N ASP B 42 8.81 9.42 6.70
CA ASP B 42 7.45 9.07 7.13
C ASP B 42 6.34 9.50 6.15
N VAL B 43 6.68 10.26 5.08
CA VAL B 43 5.77 10.89 4.09
C VAL B 43 4.55 11.55 4.76
N THR B 44 3.38 11.55 4.13
CA THR B 44 2.09 11.79 4.79
C THR B 44 1.03 10.86 4.23
N GLU B 45 0.23 10.29 5.13
CA GLU B 45 -0.86 9.38 4.80
C GLU B 45 -1.89 10.01 3.84
N GLY B 46 -2.13 11.32 3.97
CA GLY B 46 -2.95 12.11 3.06
C GLY B 46 -2.48 12.04 1.60
N GLU B 47 -1.17 12.06 1.37
CA GLU B 47 -0.58 11.80 0.04
C GLU B 47 -0.81 10.37 -0.40
N VAL B 48 -0.46 9.40 0.45
CA VAL B 48 -0.55 7.97 0.13
C VAL B 48 -1.96 7.54 -0.32
N ILE B 49 -3.02 7.89 0.43
CA ILE B 49 -4.39 7.51 0.04
C ILE B 49 -5.03 8.42 -1.00
N SER B 50 -4.63 9.70 -1.11
CA SER B 50 -5.01 10.55 -2.25
C SER B 50 -4.48 9.97 -3.55
N LEU B 51 -3.32 9.31 -3.47
CA LEU B 51 -2.77 8.55 -4.56
C LEU B 51 -3.47 7.20 -4.78
N GLY B 52 -4.07 6.59 -3.75
CA GLY B 52 -4.82 5.34 -3.91
C GLY B 52 -6.29 5.52 -4.33
N LEU B 53 -6.86 6.70 -4.12
CA LEU B 53 -8.30 6.91 -4.25
C LEU B 53 -8.92 6.84 -5.65
N PRO B 54 -8.24 7.21 -6.76
CA PRO B 54 -8.71 6.96 -8.13
C PRO B 54 -8.96 5.50 -8.52
N PHE B 55 -8.64 4.55 -7.63
CA PHE B 55 -8.57 3.13 -8.00
C PHE B 55 -9.72 2.30 -7.43
N GLY B 56 -10.12 2.55 -6.18
CA GLY B 56 -11.24 1.90 -5.53
C GLY B 56 -11.89 2.79 -4.48
N LYS B 57 -11.69 2.38 -3.23
CA LYS B 57 -11.86 3.13 -1.98
C LYS B 57 -10.79 2.56 -1.06
N VAL B 58 -10.08 3.37 -0.27
CA VAL B 58 -8.81 2.92 0.34
C VAL B 58 -8.82 3.23 1.83
N THR B 59 -9.46 2.29 2.55
CA THR B 59 -10.02 2.44 3.89
C THR B 59 -8.96 2.40 4.99
N ASN B 60 -7.78 1.82 4.73
CA ASN B 60 -6.64 2.02 5.63
C ASN B 60 -5.31 2.15 4.89
N LEU B 61 -4.31 2.63 5.61
CA LEU B 61 -2.89 2.42 5.34
C LEU B 61 -2.14 2.13 6.64
N LEU B 62 -0.83 1.89 6.57
CA LEU B 62 0.08 1.73 7.70
C LEU B 62 1.49 2.20 7.32
N MET B 63 2.33 2.54 8.30
CA MET B 63 3.67 3.11 8.07
C MET B 63 4.75 2.43 8.92
N LEU B 64 5.50 1.52 8.30
CA LEU B 64 6.70 0.88 8.87
C LEU B 64 7.89 1.85 8.90
N LYS B 65 8.06 2.57 10.02
CA LYS B 65 9.20 3.47 10.27
C LYS B 65 10.57 2.77 10.28
N GLY B 66 10.62 1.45 10.51
CA GLY B 66 11.84 0.65 10.67
C GLY B 66 12.81 0.70 9.48
N LYS B 67 12.33 0.40 8.26
CA LYS B 67 13.10 0.40 6.99
C LYS B 67 12.46 1.34 5.94
N ASN B 68 11.62 2.27 6.39
CA ASN B 68 10.80 3.18 5.58
C ASN B 68 9.93 2.43 4.56
N GLN B 69 8.96 1.68 5.08
CA GLN B 69 7.92 1.07 4.27
C GLN B 69 6.50 1.42 4.76
N ALA B 70 5.48 0.93 4.08
CA ALA B 70 4.07 1.20 4.33
C ALA B 70 3.22 0.02 3.82
N PHE B 71 1.97 -0.05 4.28
CA PHE B 71 0.87 -0.79 3.65
C PHE B 71 -0.09 0.25 3.06
N ILE B 72 -0.81 -0.07 1.98
CA ILE B 72 -1.98 0.67 1.52
C ILE B 72 -3.11 -0.32 1.22
N GLU B 73 -4.27 -0.15 1.84
CA GLU B 73 -5.31 -1.18 1.98
C GLU B 73 -6.68 -0.68 1.59
N MET B 74 -7.29 -1.44 0.69
CA MET B 74 -8.39 -0.94 -0.13
C MET B 74 -9.58 -1.91 -0.22
N ASN B 75 -10.72 -1.35 -0.62
CA ASN B 75 -12.06 -1.91 -0.43
C ASN B 75 -12.41 -3.00 -1.47
N THR B 76 -11.61 -3.14 -2.53
CA THR B 76 -11.81 -4.10 -3.63
C THR B 76 -10.48 -4.69 -4.10
N GLU B 77 -10.50 -5.99 -4.34
CA GLU B 77 -9.38 -6.77 -4.88
C GLU B 77 -8.98 -6.28 -6.28
N GLU B 78 -9.95 -5.86 -7.09
CA GLU B 78 -9.73 -5.36 -8.45
C GLU B 78 -9.15 -3.95 -8.47
N ALA B 79 -9.55 -3.06 -7.56
CA ALA B 79 -8.88 -1.79 -7.35
C ALA B 79 -7.41 -2.03 -7.05
N ALA B 80 -7.09 -2.86 -6.06
CA ALA B 80 -5.70 -3.07 -5.72
C ALA B 80 -4.89 -3.83 -6.79
N ASN B 81 -5.48 -4.81 -7.48
CA ASN B 81 -4.89 -5.42 -8.66
C ASN B 81 -4.54 -4.35 -9.72
N THR B 82 -5.49 -3.48 -10.06
CA THR B 82 -5.22 -2.36 -10.96
C THR B 82 -4.23 -1.36 -10.37
N MET B 83 -4.18 -1.19 -9.03
CA MET B 83 -3.30 -0.24 -8.36
C MET B 83 -1.84 -0.72 -8.37
N VAL B 84 -1.61 -1.98 -8.04
CA VAL B 84 -0.28 -2.60 -8.04
C VAL B 84 0.28 -2.68 -9.47
N ASN B 85 -0.56 -3.00 -10.45
CA ASN B 85 -0.19 -3.03 -11.86
C ASN B 85 0.10 -1.61 -12.38
N TYR B 86 -0.77 -0.64 -12.07
CA TYR B 86 -0.54 0.80 -12.27
C TYR B 86 0.83 1.23 -11.73
N TYR B 87 1.25 0.77 -10.54
CA TYR B 87 2.49 1.20 -9.92
C TYR B 87 3.68 0.40 -10.40
N THR B 88 3.41 -0.72 -11.08
CA THR B 88 4.39 -1.50 -11.81
C THR B 88 4.62 -0.91 -13.21
N SER B 89 3.72 -0.01 -13.63
CA SER B 89 3.69 0.75 -14.90
C SER B 89 4.30 2.16 -14.78
N VAL B 90 3.75 2.95 -13.85
CA VAL B 90 3.79 4.42 -13.79
C VAL B 90 5.16 4.99 -13.41
N THR B 91 5.86 4.25 -12.55
CA THR B 91 6.56 4.65 -11.31
C THR B 91 6.52 6.15 -10.96
N PRO B 92 5.86 6.60 -9.86
CA PRO B 92 5.46 8.00 -9.66
C PRO B 92 6.61 8.94 -9.24
N VAL B 93 7.79 8.38 -8.95
CA VAL B 93 9.10 8.98 -8.60
C VAL B 93 9.07 9.83 -7.31
N LEU B 94 9.69 9.31 -6.25
CA LEU B 94 9.58 9.85 -4.90
C LEU B 94 10.36 11.17 -4.72
N ARG B 95 11.66 11.10 -5.03
CA ARG B 95 12.73 12.03 -4.63
C ARG B 95 13.53 12.60 -5.82
N GLY B 96 13.25 12.11 -7.02
CA GLY B 96 14.23 11.97 -8.11
C GLY B 96 14.76 10.52 -8.23
N GLN B 97 14.09 9.56 -7.58
CA GLN B 97 14.38 8.14 -7.51
C GLN B 97 13.08 7.33 -7.63
N PRO B 98 13.08 6.14 -8.27
CA PRO B 98 11.91 5.27 -8.38
C PRO B 98 11.31 4.84 -7.03
N ILE B 99 10.12 4.24 -7.07
CA ILE B 99 9.35 3.80 -5.89
C ILE B 99 9.02 2.32 -6.00
N TYR B 100 8.92 1.67 -4.85
CA TYR B 100 9.16 0.24 -4.71
C TYR B 100 7.90 -0.43 -4.15
N ILE B 101 7.10 -1.09 -5.00
CA ILE B 101 5.84 -1.74 -4.61
C ILE B 101 5.85 -3.26 -4.88
N GLN B 102 5.10 -3.99 -4.06
CA GLN B 102 4.49 -5.30 -4.36
C GLN B 102 3.21 -5.48 -3.53
N PHE B 103 2.35 -6.43 -3.89
CA PHE B 103 1.28 -6.88 -2.99
C PHE B 103 1.82 -7.29 -1.61
N SER B 104 0.97 -7.16 -0.59
CA SER B 104 1.30 -7.59 0.77
C SER B 104 1.32 -9.12 0.91
N ASN B 105 2.05 -9.61 1.91
CA ASN B 105 1.96 -10.98 2.43
C ASN B 105 0.63 -11.28 3.16
N HIS B 106 -0.19 -10.24 3.39
CA HIS B 106 -1.46 -10.26 4.13
C HIS B 106 -2.63 -9.83 3.22
N LYS B 107 -3.86 -9.85 3.76
CA LYS B 107 -5.12 -9.73 2.98
C LYS B 107 -6.00 -8.52 3.35
N GLU B 108 -5.50 -7.64 4.23
CA GLU B 108 -6.08 -6.41 4.81
C GLU B 108 -5.31 -5.97 6.07
N LEU B 109 -5.55 -4.74 6.56
CA LEU B 109 -5.29 -4.36 7.95
C LEU B 109 -6.34 -4.97 8.86
N LYS B 110 -5.96 -5.31 10.10
CA LYS B 110 -6.87 -5.76 11.15
C LYS B 110 -6.47 -5.17 12.51
N THR B 111 -6.71 -3.86 12.63
CA THR B 111 -6.44 -3.03 13.83
C THR B 111 -7.37 -3.35 15.01
N ASP B 112 -8.49 -4.03 14.76
CA ASP B 112 -9.35 -4.65 15.79
C ASP B 112 -8.57 -5.68 16.64
N SER B 113 -8.63 -5.54 17.96
CA SER B 113 -8.05 -6.45 18.96
C SER B 113 -9.02 -6.81 20.09
N SER B 114 -10.32 -6.72 19.82
CA SER B 114 -11.41 -6.90 20.78
C SER B 114 -11.49 -8.34 21.33
N PRO B 115 -11.73 -8.56 22.63
CA PRO B 115 -11.88 -9.90 23.21
C PRO B 115 -13.24 -10.57 22.92
N ASN B 116 -14.19 -9.82 22.34
CA ASN B 116 -15.58 -10.25 22.12
C ASN B 116 -15.74 -11.40 21.09
N GLN B 117 -14.77 -11.60 20.18
CA GLN B 117 -14.85 -12.58 19.08
C GLN B 117 -13.56 -13.36 18.79
N ALA B 118 -12.40 -12.87 19.25
CA ALA B 118 -11.08 -13.46 19.02
C ALA B 118 -10.08 -12.98 20.11
N ARG B 119 -8.76 -13.06 19.86
CA ARG B 119 -7.67 -12.62 20.75
C ARG B 119 -7.63 -13.37 22.10
N GLY B 22 11.51 -21.90 -1.43
CA GLY B 22 10.34 -21.00 -1.64
C GLY B 22 10.34 -20.39 -3.03
N ASP B 23 9.17 -20.08 -3.57
CA ASP B 23 9.00 -19.40 -4.87
C ASP B 23 9.39 -17.90 -4.84
N SER B 24 9.42 -17.28 -6.02
CA SER B 24 9.96 -15.92 -6.24
C SER B 24 9.06 -14.75 -5.78
N ARG B 25 7.78 -14.97 -5.46
CA ARG B 25 6.77 -13.91 -5.26
C ARG B 25 6.50 -13.59 -3.78
N SER B 26 6.10 -12.34 -3.51
CA SER B 26 5.61 -11.86 -2.20
C SER B 26 4.10 -12.05 -1.99
N ALA B 27 3.35 -12.40 -3.05
CA ALA B 27 1.92 -12.72 -3.02
C ALA B 27 1.55 -13.86 -4.00
N GLY B 28 0.39 -14.49 -3.75
CA GLY B 28 -0.26 -15.47 -4.62
C GLY B 28 -1.79 -15.31 -4.66
N VAL B 29 -2.42 -15.08 -3.50
CA VAL B 29 -3.83 -14.65 -3.34
C VAL B 29 -3.92 -13.59 -2.21
N PRO B 30 -3.47 -12.36 -2.49
CA PRO B 30 -3.14 -11.34 -1.48
C PRO B 30 -4.26 -10.30 -1.23
N SER B 31 -5.38 -10.42 -1.95
CA SER B 31 -6.61 -9.62 -1.84
C SER B 31 -6.43 -8.09 -1.99
N ARG B 32 -6.14 -7.36 -0.90
CA ARG B 32 -6.45 -5.93 -0.76
C ARG B 32 -5.39 -5.04 -0.09
N VAL B 33 -4.31 -5.59 0.51
CA VAL B 33 -3.16 -4.79 0.96
C VAL B 33 -1.93 -4.98 0.06
N ILE B 34 -1.34 -3.87 -0.34
CA ILE B 34 -0.05 -3.74 -1.05
C ILE B 34 0.97 -3.13 -0.08
N HIS B 35 2.26 -3.36 -0.30
CA HIS B 35 3.35 -2.85 0.52
C HIS B 35 4.35 -2.06 -0.33
N ILE B 36 4.82 -0.93 0.21
CA ILE B 36 5.65 0.09 -0.45
C ILE B 36 6.98 0.26 0.32
N ARG B 37 8.14 0.28 -0.35
CA ARG B 37 9.49 0.47 0.26
C ARG B 37 10.13 1.83 -0.10
N LYS B 38 11.29 2.13 0.51
CA LYS B 38 12.21 3.28 0.26
C LYS B 38 11.64 4.67 0.57
N LEU B 39 10.55 4.75 1.32
CA LEU B 39 9.93 6.02 1.72
C LEU B 39 10.91 6.87 2.58
N PRO B 40 10.97 8.20 2.45
CA PRO B 40 11.89 9.10 3.17
C PRO B 40 12.17 8.74 4.64
N ILE B 41 11.10 8.78 5.44
CA ILE B 41 10.97 8.38 6.85
C ILE B 41 9.51 7.99 7.14
N ASP B 42 8.59 8.78 6.59
CA ASP B 42 7.14 8.73 6.87
C ASP B 42 6.27 9.24 5.70
N VAL B 43 6.90 9.82 4.66
CA VAL B 43 6.29 10.63 3.59
C VAL B 43 5.12 11.47 4.13
N THR B 44 3.91 11.33 3.58
CA THR B 44 2.67 11.59 4.30
C THR B 44 1.58 10.67 3.76
N GLU B 45 0.84 10.09 4.69
CA GLU B 45 -0.28 9.20 4.38
C GLU B 45 -1.33 9.84 3.45
N GLY B 46 -1.49 11.17 3.53
CA GLY B 46 -2.30 11.97 2.62
C GLY B 46 -1.85 11.91 1.15
N GLU B 47 -0.54 11.87 0.91
CA GLU B 47 0.02 11.66 -0.44
C GLU B 47 -0.22 10.23 -0.90
N VAL B 48 0.02 9.26 -0.01
CA VAL B 48 -0.10 7.82 -0.32
C VAL B 48 -1.51 7.45 -0.81
N ILE B 49 -2.58 7.80 -0.10
CA ILE B 49 -3.95 7.52 -0.58
C ILE B 49 -4.47 8.48 -1.65
N SER B 50 -3.98 9.72 -1.72
CA SER B 50 -4.28 10.60 -2.86
C SER B 50 -3.74 10.01 -4.15
N LEU B 51 -2.66 9.22 -4.04
CA LEU B 51 -2.15 8.43 -5.14
C LEU B 51 -2.87 7.10 -5.34
N GLY B 52 -3.52 6.54 -4.31
CA GLY B 52 -4.30 5.31 -4.40
C GLY B 52 -5.78 5.51 -4.79
N LEU B 53 -6.28 6.74 -4.78
CA LEU B 53 -7.69 7.03 -5.02
C LEU B 53 -8.22 7.00 -6.47
N PRO B 54 -7.41 7.05 -7.55
CA PRO B 54 -7.89 6.81 -8.92
C PRO B 54 -8.51 5.44 -9.22
N PHE B 55 -8.55 4.53 -8.25
CA PHE B 55 -8.86 3.12 -8.49
C PHE B 55 -10.09 2.59 -7.79
N GLY B 56 -10.23 2.90 -6.49
CA GLY B 56 -11.35 2.48 -5.66
C GLY B 56 -11.65 3.48 -4.56
N LYS B 57 -11.34 3.08 -3.33
CA LYS B 57 -11.71 3.81 -2.10
C LYS B 57 -10.66 3.82 -1.00
N VAL B 58 -9.65 2.93 -1.07
CA VAL B 58 -8.47 2.81 -0.18
C VAL B 58 -8.77 3.15 1.29
N THR B 59 -9.32 2.18 2.01
CA THR B 59 -9.89 2.36 3.36
C THR B 59 -8.81 2.67 4.40
N ASN B 60 -7.62 2.06 4.27
CA ASN B 60 -6.54 2.24 5.23
C ASN B 60 -5.13 2.24 4.62
N LEU B 61 -4.17 2.69 5.42
CA LEU B 61 -2.75 2.47 5.26
C LEU B 61 -2.00 2.45 6.61
N LEU B 62 -0.73 2.04 6.55
CA LEU B 62 0.17 1.82 7.68
C LEU B 62 1.58 2.19 7.24
N MET B 63 2.44 2.63 8.17
CA MET B 63 3.74 3.23 7.87
C MET B 63 4.86 2.65 8.76
N LEU B 64 5.57 1.63 8.25
CA LEU B 64 6.73 1.01 8.90
C LEU B 64 7.96 1.94 8.85
N LYS B 65 8.05 2.85 9.81
CA LYS B 65 9.22 3.70 10.07
C LYS B 65 10.51 2.94 10.45
N GLY B 66 10.42 1.64 10.74
CA GLY B 66 11.54 0.74 11.07
C GLY B 66 12.59 0.59 9.97
N LYS B 67 12.16 0.19 8.77
CA LYS B 67 13.01 -0.08 7.59
C LYS B 67 12.56 0.71 6.35
N ASN B 68 11.84 1.82 6.57
CA ASN B 68 11.26 2.74 5.57
C ASN B 68 10.31 2.06 4.58
N GLN B 69 9.28 1.39 5.11
CA GLN B 69 8.21 0.79 4.30
C GLN B 69 6.79 1.19 4.79
N ALA B 70 5.75 0.69 4.14
CA ALA B 70 4.33 0.98 4.41
C ALA B 70 3.44 -0.14 3.84
N PHE B 71 2.18 -0.17 4.28
CA PHE B 71 1.07 -0.91 3.66
C PHE B 71 0.09 0.11 3.07
N ILE B 72 -0.64 -0.24 2.01
CA ILE B 72 -1.79 0.51 1.49
C ILE B 72 -2.94 -0.49 1.23
N GLU B 73 -3.92 -0.47 2.13
CA GLU B 73 -5.09 -1.37 2.22
C GLU B 73 -6.32 -0.72 1.59
N MET B 74 -6.96 -1.45 0.67
CA MET B 74 -8.06 -0.89 -0.09
C MET B 74 -9.35 -1.68 -0.07
N ASN B 75 -10.45 -0.97 -0.35
CA ASN B 75 -11.85 -1.41 -0.25
C ASN B 75 -12.15 -2.69 -1.04
N THR B 76 -11.53 -2.84 -2.21
CA THR B 76 -11.96 -3.77 -3.25
C THR B 76 -10.74 -4.42 -3.93
N GLU B 77 -10.84 -5.73 -4.17
CA GLU B 77 -9.75 -6.53 -4.77
C GLU B 77 -9.36 -6.01 -6.15
N GLU B 78 -10.32 -5.58 -6.98
CA GLU B 78 -10.03 -5.10 -8.32
C GLU B 78 -9.39 -3.71 -8.35
N ALA B 79 -9.80 -2.78 -7.48
CA ALA B 79 -9.08 -1.52 -7.31
C ALA B 79 -7.63 -1.79 -6.92
N ALA B 80 -7.35 -2.64 -5.94
CA ALA B 80 -5.98 -2.88 -5.53
C ALA B 80 -5.17 -3.70 -6.55
N ASN B 81 -5.77 -4.69 -7.22
CA ASN B 81 -5.17 -5.36 -8.37
C ASN B 81 -4.76 -4.37 -9.46
N THR B 82 -5.68 -3.48 -9.86
CA THR B 82 -5.34 -2.40 -10.79
C THR B 82 -4.34 -1.43 -10.16
N MET B 83 -4.30 -1.26 -8.83
CA MET B 83 -3.41 -0.31 -8.16
C MET B 83 -1.96 -0.80 -8.21
N VAL B 84 -1.72 -2.07 -7.88
CA VAL B 84 -0.40 -2.70 -7.96
C VAL B 84 0.10 -2.75 -9.40
N ASN B 85 -0.79 -3.06 -10.36
CA ASN B 85 -0.46 -3.09 -11.79
C ASN B 85 -0.14 -1.68 -12.30
N TYR B 86 -0.97 -0.69 -11.99
CA TYR B 86 -0.73 0.74 -12.17
C TYR B 86 0.66 1.17 -11.64
N TYR B 87 1.10 0.68 -10.49
CA TYR B 87 2.37 1.07 -9.89
C TYR B 87 3.54 0.27 -10.41
N THR B 88 3.24 -0.87 -11.02
CA THR B 88 4.18 -1.68 -11.78
C THR B 88 4.43 -1.05 -13.17
N SER B 89 3.52 -0.15 -13.58
CA SER B 89 3.50 0.65 -14.80
C SER B 89 4.18 2.01 -14.64
N VAL B 90 3.68 2.80 -13.67
CA VAL B 90 3.76 4.27 -13.64
C VAL B 90 5.15 4.81 -13.24
N THR B 91 5.75 4.15 -12.25
CA THR B 91 6.43 4.69 -11.06
C THR B 91 6.22 6.19 -10.76
N PRO B 92 5.53 6.58 -9.66
CA PRO B 92 5.02 7.95 -9.47
C PRO B 92 6.12 8.95 -9.10
N VAL B 93 7.27 8.44 -8.62
CA VAL B 93 8.49 9.10 -8.13
C VAL B 93 8.24 10.02 -6.93
N LEU B 94 8.75 9.61 -5.77
CA LEU B 94 8.57 10.28 -4.48
C LEU B 94 9.46 11.53 -4.42
N ARG B 95 8.97 12.60 -5.05
CA ARG B 95 9.57 13.91 -5.43
C ARG B 95 10.96 13.94 -6.09
N GLY B 96 11.70 12.83 -6.09
CA GLY B 96 13.05 12.73 -6.67
C GLY B 96 13.69 11.32 -6.68
N GLN B 97 12.98 10.28 -6.23
CA GLN B 97 13.46 8.90 -6.12
C GLN B 97 12.35 7.92 -6.56
N PRO B 98 12.66 6.83 -7.28
CA PRO B 98 11.69 5.80 -7.65
C PRO B 98 11.01 5.15 -6.44
N ILE B 99 9.90 4.44 -6.69
CA ILE B 99 9.04 3.84 -5.66
C ILE B 99 8.82 2.35 -5.93
N TYR B 100 8.68 1.60 -4.84
CA TYR B 100 9.00 0.18 -4.77
C TYR B 100 7.81 -0.59 -4.22
N ILE B 101 7.02 -1.27 -5.07
CA ILE B 101 5.78 -1.93 -4.67
C ILE B 101 5.77 -3.45 -4.93
N GLN B 102 5.02 -4.16 -4.09
CA GLN B 102 4.39 -5.47 -4.37
C GLN B 102 3.15 -5.63 -3.49
N PHE B 103 2.25 -6.55 -3.84
CA PHE B 103 1.21 -7.01 -2.92
C PHE B 103 1.79 -7.49 -1.56
N SER B 104 1.00 -7.38 -0.50
CA SER B 104 1.38 -7.78 0.86
C SER B 104 1.52 -9.29 1.00
N ASN B 105 2.35 -9.74 1.95
CA ASN B 105 2.39 -11.12 2.45
C ASN B 105 1.07 -11.55 3.14
N HIS B 106 0.22 -10.58 3.52
CA HIS B 106 -1.03 -10.74 4.26
C HIS B 106 -2.27 -10.43 3.37
N LYS B 107 -3.45 -10.48 3.99
CA LYS B 107 -4.69 -9.83 3.51
C LYS B 107 -5.41 -9.13 4.66
N GLU B 108 -6.18 -8.10 4.32
CA GLU B 108 -6.97 -7.22 5.19
C GLU B 108 -6.23 -6.69 6.44
N LEU B 109 -5.64 -5.51 6.30
CA LEU B 109 -4.99 -4.71 7.35
C LEU B 109 -5.92 -4.42 8.54
N LYS B 110 -5.77 -5.18 9.63
CA LYS B 110 -6.43 -5.00 10.93
C LYS B 110 -5.69 -3.93 11.74
N THR B 111 -6.16 -2.68 11.67
CA THR B 111 -5.55 -1.50 12.31
C THR B 111 -6.57 -0.64 13.09
N ASP B 112 -7.81 -1.10 13.24
CA ASP B 112 -8.95 -0.37 13.82
C ASP B 112 -8.96 -0.29 15.37
N SER B 113 -7.99 -0.92 16.06
CA SER B 113 -7.87 -0.92 17.52
C SER B 113 -7.74 0.49 18.13
N SER B 114 -8.19 0.66 19.37
CA SER B 114 -8.31 1.96 20.06
C SER B 114 -6.98 2.75 20.12
N PRO B 115 -6.91 3.96 19.53
CA PRO B 115 -5.71 4.82 19.54
C PRO B 115 -5.16 5.15 20.93
N ASN B 116 -6.05 5.38 21.92
CA ASN B 116 -5.72 5.83 23.26
C ASN B 116 -6.64 5.16 24.31
N GLN B 117 -6.18 4.25 25.17
CA GLN B 117 -4.82 3.70 25.29
C GLN B 117 -4.85 2.26 25.86
N ALA B 118 -3.76 1.52 25.73
CA ALA B 118 -3.53 0.25 26.43
C ALA B 118 -3.13 0.46 27.91
N ARG B 119 -3.12 -0.64 28.69
CA ARG B 119 -2.62 -0.77 30.08
C ARG B 119 -3.11 0.34 31.05
N GLY B 22 8.29 -23.22 -9.15
CA GLY B 22 9.47 -23.14 -8.25
C GLY B 22 9.12 -22.66 -6.86
N ASP B 23 10.05 -22.80 -5.91
CA ASP B 23 9.87 -22.42 -4.49
C ASP B 23 9.69 -20.90 -4.27
N SER B 24 10.26 -20.08 -5.16
CA SER B 24 10.20 -18.61 -5.13
C SER B 24 8.78 -18.06 -5.31
N ARG B 25 8.13 -17.67 -4.20
CA ARG B 25 6.84 -16.95 -4.18
C ARG B 25 6.97 -15.52 -4.75
N SER B 26 5.83 -14.87 -4.99
CA SER B 26 5.73 -13.45 -5.42
C SER B 26 4.86 -12.65 -4.44
N ALA B 27 3.52 -12.74 -4.56
CA ALA B 27 2.57 -12.10 -3.63
C ALA B 27 2.02 -13.08 -2.55
N GLY B 28 2.01 -14.39 -2.82
CA GLY B 28 1.61 -15.43 -1.86
C GLY B 28 0.09 -15.62 -1.77
N VAL B 29 -0.57 -15.79 -2.92
CA VAL B 29 -2.03 -15.85 -3.13
C VAL B 29 -2.73 -14.67 -2.42
N PRO B 30 -2.61 -13.46 -3.00
CA PRO B 30 -2.73 -12.18 -2.29
C PRO B 30 -4.15 -11.58 -2.35
N SER B 31 -4.34 -10.44 -1.66
CA SER B 31 -5.61 -9.70 -1.62
C SER B 31 -5.39 -8.19 -1.36
N ARG B 32 -6.40 -7.49 -0.86
CA ARG B 32 -6.59 -6.03 -0.74
C ARG B 32 -5.44 -5.16 -0.20
N VAL B 33 -4.45 -5.69 0.53
CA VAL B 33 -3.26 -4.91 0.95
C VAL B 33 -2.09 -5.05 -0.01
N ILE B 34 -1.52 -3.91 -0.41
CA ILE B 34 -0.25 -3.76 -1.12
C ILE B 34 0.81 -3.24 -0.12
N HIS B 35 2.08 -3.47 -0.40
CA HIS B 35 3.21 -3.00 0.40
C HIS B 35 4.14 -2.12 -0.46
N ILE B 36 4.66 -1.06 0.15
CA ILE B 36 5.51 -0.02 -0.43
C ILE B 36 6.85 0.01 0.32
N ARG B 37 7.96 0.21 -0.39
CA ARG B 37 9.33 0.33 0.16
C ARG B 37 9.92 1.73 -0.10
N LYS B 38 11.21 1.94 0.19
CA LYS B 38 12.05 3.12 -0.17
C LYS B 38 11.50 4.51 0.20
N LEU B 39 10.46 4.60 1.01
CA LEU B 39 9.79 5.85 1.40
C LEU B 39 10.69 6.82 2.17
N PRO B 40 10.40 8.13 2.15
CA PRO B 40 10.92 9.10 3.10
C PRO B 40 10.72 8.71 4.58
N ILE B 41 11.33 9.53 5.43
CA ILE B 41 11.45 9.34 6.89
C ILE B 41 10.11 9.50 7.62
N ASP B 42 9.25 10.35 7.07
CA ASP B 42 7.99 10.82 7.65
C ASP B 42 7.02 11.29 6.54
N VAL B 43 7.01 10.62 5.38
CA VAL B 43 6.05 10.91 4.30
C VAL B 43 4.61 10.85 4.83
N THR B 44 3.71 11.66 4.27
CA THR B 44 2.34 11.77 4.81
C THR B 44 1.40 10.74 4.20
N GLU B 45 0.59 10.15 5.07
CA GLU B 45 -0.50 9.27 4.68
C GLU B 45 -1.48 9.94 3.71
N GLY B 46 -1.71 11.25 3.86
CA GLY B 46 -2.47 12.09 2.94
C GLY B 46 -1.96 12.01 1.50
N GLU B 47 -0.64 12.00 1.31
CA GLU B 47 0.00 11.79 0.01
C GLU B 47 -0.25 10.37 -0.49
N VAL B 48 0.03 9.38 0.35
CA VAL B 48 -0.07 7.95 -0.01
C VAL B 48 -1.48 7.54 -0.47
N ILE B 49 -2.55 7.90 0.26
CA ILE B 49 -3.91 7.58 -0.17
C ILE B 49 -4.49 8.51 -1.22
N SER B 50 -4.03 9.77 -1.32
CA SER B 50 -4.39 10.62 -2.48
C SER B 50 -3.85 10.03 -3.78
N LEU B 51 -2.74 9.29 -3.65
CA LEU B 51 -2.21 8.49 -4.74
C LEU B 51 -2.98 7.19 -4.96
N GLY B 52 -3.60 6.59 -3.94
CA GLY B 52 -4.43 5.38 -4.12
C GLY B 52 -5.90 5.64 -4.44
N LEU B 53 -6.41 6.85 -4.27
CA LEU B 53 -7.85 7.14 -4.33
C LEU B 53 -8.54 7.02 -5.70
N PRO B 54 -7.92 7.39 -6.85
CA PRO B 54 -8.48 7.17 -8.19
C PRO B 54 -8.79 5.72 -8.58
N PHE B 55 -8.48 4.75 -7.73
CA PHE B 55 -8.42 3.35 -8.12
C PHE B 55 -9.59 2.51 -7.60
N GLY B 56 -10.19 2.92 -6.48
CA GLY B 56 -11.44 2.39 -5.97
C GLY B 56 -11.93 3.22 -4.79
N LYS B 57 -11.60 2.72 -3.60
CA LYS B 57 -11.55 3.45 -2.33
C LYS B 57 -10.45 2.78 -1.51
N VAL B 58 -9.82 3.45 -0.55
CA VAL B 58 -8.64 2.88 0.13
C VAL B 58 -8.80 3.00 1.64
N THR B 59 -9.16 1.86 2.24
CA THR B 59 -9.73 1.68 3.59
C THR B 59 -8.75 2.03 4.68
N ASN B 60 -7.51 1.54 4.56
CA ASN B 60 -6.43 1.82 5.52
C ASN B 60 -5.06 1.93 4.83
N LEU B 61 -4.10 2.52 5.53
CA LEU B 61 -2.67 2.33 5.30
C LEU B 61 -1.93 2.16 6.63
N LEU B 62 -0.65 1.81 6.54
CA LEU B 62 0.25 1.58 7.68
C LEU B 62 1.66 2.04 7.30
N MET B 63 2.47 2.45 8.29
CA MET B 63 3.82 3.00 8.08
C MET B 63 4.85 2.35 8.99
N LEU B 64 5.67 1.46 8.41
CA LEU B 64 6.85 0.87 9.03
C LEU B 64 8.02 1.87 9.00
N LYS B 65 7.95 2.90 9.85
CA LYS B 65 8.89 4.03 9.86
C LYS B 65 10.36 3.65 10.05
N GLY B 66 10.63 2.54 10.76
CA GLY B 66 11.97 1.97 10.97
C GLY B 66 12.54 1.16 9.80
N LYS B 67 11.74 0.92 8.75
CA LYS B 67 12.11 0.17 7.52
C LYS B 67 11.99 0.98 6.22
N ASN B 68 11.66 2.29 6.29
CA ASN B 68 11.30 3.14 5.14
C ASN B 68 10.16 2.54 4.30
N GLN B 69 9.17 1.95 4.97
CA GLN B 69 8.28 0.99 4.35
C GLN B 69 6.80 1.24 4.78
N ALA B 70 5.80 0.75 4.05
CA ALA B 70 4.37 0.96 4.33
C ALA B 70 3.48 -0.17 3.74
N PHE B 71 2.22 -0.20 4.15
CA PHE B 71 1.12 -0.96 3.54
C PHE B 71 0.07 0.03 3.00
N ILE B 72 -0.73 -0.36 2.01
CA ILE B 72 -1.92 0.35 1.54
C ILE B 72 -3.04 -0.67 1.23
N GLU B 73 -3.97 -0.81 2.18
CA GLU B 73 -5.15 -1.69 2.18
C GLU B 73 -6.36 -0.98 1.56
N MET B 74 -6.92 -1.57 0.51
CA MET B 74 -8.04 -0.93 -0.19
C MET B 74 -9.36 -1.71 -0.21
N ASN B 75 -10.45 -0.98 -0.50
CA ASN B 75 -11.84 -1.39 -0.26
C ASN B 75 -12.30 -2.52 -1.21
N THR B 76 -11.56 -2.78 -2.30
CA THR B 76 -11.88 -3.82 -3.29
C THR B 76 -10.61 -4.50 -3.80
N GLU B 77 -10.73 -5.80 -4.05
CA GLU B 77 -9.65 -6.63 -4.60
C GLU B 77 -9.22 -6.12 -5.97
N GLU B 78 -10.19 -5.77 -6.83
CA GLU B 78 -9.94 -5.31 -8.20
C GLU B 78 -9.38 -3.89 -8.28
N ALA B 79 -9.81 -2.99 -7.38
CA ALA B 79 -9.18 -1.70 -7.20
C ALA B 79 -7.70 -1.88 -6.88
N ALA B 80 -7.35 -2.66 -5.86
CA ALA B 80 -5.94 -2.84 -5.53
C ALA B 80 -5.16 -3.58 -6.63
N ASN B 81 -5.72 -4.61 -7.28
CA ASN B 81 -5.18 -5.21 -8.47
C ASN B 81 -4.82 -4.19 -9.56
N THR B 82 -5.77 -3.34 -9.95
CA THR B 82 -5.53 -2.26 -10.91
C THR B 82 -4.52 -1.26 -10.34
N MET B 83 -4.50 -1.01 -9.03
CA MET B 83 -3.59 -0.08 -8.35
C MET B 83 -2.14 -0.57 -8.50
N VAL B 84 -1.88 -1.81 -8.07
CA VAL B 84 -0.58 -2.48 -8.11
C VAL B 84 -0.06 -2.64 -9.55
N ASN B 85 -0.94 -2.93 -10.51
CA ASN B 85 -0.59 -3.06 -11.92
C ASN B 85 -0.21 -1.70 -12.53
N TYR B 86 -1.01 -0.65 -12.29
CA TYR B 86 -0.62 0.74 -12.56
C TYR B 86 0.76 1.08 -12.01
N TYR B 87 1.13 0.58 -10.83
CA TYR B 87 2.37 0.92 -10.16
C TYR B 87 3.55 0.11 -10.64
N THR B 88 3.28 -1.06 -11.24
CA THR B 88 4.33 -1.83 -11.91
C THR B 88 4.59 -1.30 -13.33
N SER B 89 3.67 -0.47 -13.82
CA SER B 89 3.72 0.27 -15.08
C SER B 89 4.47 1.60 -14.96
N VAL B 90 4.04 2.42 -13.99
CA VAL B 90 4.25 3.88 -13.94
C VAL B 90 5.68 4.31 -13.56
N THR B 91 6.27 3.65 -12.56
CA THR B 91 6.86 4.23 -11.31
C THR B 91 6.74 5.76 -11.14
N PRO B 92 5.97 6.27 -10.15
CA PRO B 92 5.52 7.66 -10.11
C PRO B 92 6.63 8.64 -9.66
N VAL B 93 7.68 8.11 -9.01
CA VAL B 93 8.88 8.77 -8.46
C VAL B 93 8.56 9.77 -7.34
N LEU B 94 8.82 9.40 -6.08
CA LEU B 94 8.24 10.07 -4.91
C LEU B 94 8.83 11.47 -4.71
N ARG B 95 10.14 11.54 -4.42
CA ARG B 95 10.94 12.79 -4.34
C ARG B 95 12.33 12.54 -4.93
N GLY B 96 12.38 12.40 -6.25
CA GLY B 96 13.62 12.16 -7.00
C GLY B 96 14.15 10.71 -6.96
N GLN B 97 13.38 9.76 -6.41
CA GLN B 97 13.69 8.34 -6.35
C GLN B 97 12.43 7.50 -6.66
N PRO B 98 12.55 6.39 -7.42
CA PRO B 98 11.47 5.44 -7.64
C PRO B 98 10.96 4.84 -6.31
N ILE B 99 9.75 4.26 -6.32
CA ILE B 99 8.92 4.10 -5.10
C ILE B 99 8.88 2.67 -4.57
N TYR B 100 8.67 1.71 -5.47
CA TYR B 100 8.78 0.27 -5.26
C TYR B 100 7.53 -0.30 -4.54
N ILE B 101 6.72 -1.07 -5.26
CA ILE B 101 5.51 -1.74 -4.77
C ILE B 101 5.54 -3.24 -5.07
N GLN B 102 4.83 -4.02 -4.25
CA GLN B 102 4.22 -5.32 -4.61
C GLN B 102 2.98 -5.54 -3.74
N PHE B 103 2.10 -6.48 -4.10
CA PHE B 103 1.07 -6.97 -3.18
C PHE B 103 1.69 -7.43 -1.84
N SER B 104 0.94 -7.24 -0.75
CA SER B 104 1.38 -7.65 0.59
C SER B 104 1.42 -9.18 0.73
N ASN B 105 2.26 -9.68 1.64
CA ASN B 105 2.22 -11.06 2.12
C ASN B 105 0.91 -11.39 2.86
N HIS B 106 0.20 -10.37 3.34
CA HIS B 106 -1.09 -10.45 4.04
C HIS B 106 -2.25 -10.10 3.07
N LYS B 107 -3.49 -10.17 3.58
CA LYS B 107 -4.73 -10.11 2.78
C LYS B 107 -5.75 -9.09 3.29
N GLU B 108 -5.35 -8.27 4.27
CA GLU B 108 -6.18 -7.40 5.11
C GLU B 108 -5.28 -6.52 6.00
N LEU B 109 -5.78 -5.37 6.43
CA LEU B 109 -5.19 -4.48 7.44
C LEU B 109 -6.25 -4.02 8.44
N LYS B 110 -6.65 -4.94 9.35
CA LYS B 110 -7.61 -4.68 10.43
C LYS B 110 -6.89 -3.98 11.60
N THR B 111 -6.90 -2.66 11.58
CA THR B 111 -6.25 -1.77 12.56
C THR B 111 -6.88 -1.79 13.96
N ASP B 112 -8.11 -2.32 14.09
CA ASP B 112 -8.82 -2.58 15.34
C ASP B 112 -8.78 -1.42 16.37
N SER B 113 -9.28 -0.25 15.93
CA SER B 113 -9.36 0.98 16.73
C SER B 113 -10.25 0.86 17.99
N SER B 114 -10.08 1.77 18.95
CA SER B 114 -10.85 1.83 20.21
C SER B 114 -12.36 2.08 19.99
N PRO B 115 -13.23 1.71 20.96
CA PRO B 115 -14.67 2.01 20.92
C PRO B 115 -15.00 3.50 20.73
N ASN B 116 -16.18 3.79 20.16
CA ASN B 116 -16.66 5.15 19.86
C ASN B 116 -17.78 5.63 20.81
N GLN B 117 -18.51 4.71 21.47
CA GLN B 117 -19.58 5.04 22.42
C GLN B 117 -19.01 5.67 23.72
N ALA B 118 -19.77 6.58 24.33
CA ALA B 118 -19.42 7.29 25.57
C ALA B 118 -19.16 6.35 26.77
N ARG B 119 -20.02 5.33 26.97
CA ARG B 119 -19.98 4.37 28.10
C ARG B 119 -20.15 2.89 27.69
#